data_4Y18
#
_entry.id   4Y18
#
_cell.length_a   86.819
_cell.length_b   183.726
_cell.length_c   190.510
_cell.angle_alpha   90.00
_cell.angle_beta   90.00
_cell.angle_gamma   90.00
#
_symmetry.space_group_name_H-M   'P 21 21 21'
#
loop_
_entity.id
_entity.type
_entity.pdbx_description
1 polymer 'Breast cancer type 1 susceptibility protein'
2 polymer 'BRCA1-A complex subunit Abraxas'
3 water water
#
loop_
_entity_poly.entity_id
_entity_poly.type
_entity_poly.pdbx_seq_one_letter_code
_entity_poly.pdbx_strand_id
1 'polypeptide(L)'
;MSHHHHHHSMVNKRMSMVVSGLTPEEFMLVYKFARKHHITLTNLITEETTHVVMKTDAEFVCERTLKYFLGIAGGKWVVS
YFWVTQSIKERKMLNEHDFEVRGDVVNGRNHQGPKRARESQDRKIFRGLEICCYGPFTNMPTDQLEWMVQLCGASVVKEL
SSFTLGTGVHPIVVVQPDAWTEDNGFHAIGQMCEAPVVTREWVLDSVALYQCQELDTYLIPQIP
;
A,B,C,D,E,F,G,H
2 'polypeptide(L)' GFGEY(SEP)R(SEP)PTF I,J,K,L,M,N,O,P
#
# COMPACT_ATOMS: atom_id res chain seq x y z
N VAL A 11 -31.76 -11.73 -5.14
CA VAL A 11 -30.39 -11.28 -4.94
C VAL A 11 -30.01 -11.28 -3.46
N ASN A 12 -28.76 -11.58 -3.17
CA ASN A 12 -28.25 -11.48 -1.80
C ASN A 12 -27.33 -10.29 -1.62
N LYS A 13 -27.16 -9.84 -0.38
CA LYS A 13 -26.25 -8.74 -0.07
C LYS A 13 -24.85 -9.16 -0.48
N ARG A 14 -23.99 -8.21 -0.85
CA ARG A 14 -22.64 -8.61 -1.22
C ARG A 14 -21.63 -8.09 -0.22
N MET A 15 -20.41 -8.63 -0.26
CA MET A 15 -19.35 -8.16 0.60
C MET A 15 -18.90 -6.79 0.15
N SER A 16 -18.68 -5.89 1.11
CA SER A 16 -18.14 -4.58 0.80
C SER A 16 -17.35 -4.14 2.02
N MET A 17 -16.07 -3.88 1.82
CA MET A 17 -15.19 -3.58 2.94
C MET A 17 -14.67 -2.15 2.96
N VAL A 18 -14.38 -1.68 4.17
CA VAL A 18 -13.52 -0.52 4.37
C VAL A 18 -12.47 -0.95 5.38
N VAL A 19 -11.30 -0.34 5.33
CA VAL A 19 -10.23 -0.71 6.27
C VAL A 19 -9.87 0.52 7.08
N SER A 20 -9.25 0.32 8.23
CA SER A 20 -8.95 1.45 9.12
C SER A 20 -7.72 1.19 9.99
N GLY A 21 -6.87 2.21 10.10
CA GLY A 21 -5.70 2.15 10.95
C GLY A 21 -4.53 1.53 10.23
N LEU A 22 -4.70 1.29 8.93
CA LEU A 22 -3.65 0.67 8.14
C LEU A 22 -2.78 1.70 7.44
N THR A 23 -1.49 1.42 7.37
CA THR A 23 -0.57 2.19 6.56
C THR A 23 -0.91 1.89 5.09
N PRO A 24 -0.53 2.79 4.16
CA PRO A 24 -0.83 2.54 2.74
C PRO A 24 -0.35 1.17 2.27
N GLU A 25 0.87 0.81 2.66
CA GLU A 25 1.50 -0.43 2.22
C GLU A 25 0.65 -1.62 2.62
N GLU A 26 0.04 -1.55 3.81
CA GLU A 26 -0.86 -2.59 4.28
C GLU A 26 -2.14 -2.60 3.44
N PHE A 27 -2.61 -1.40 3.07
CA PHE A 27 -3.81 -1.26 2.26
C PHE A 27 -3.60 -1.89 0.89
N MET A 28 -2.40 -1.69 0.35
CA MET A 28 -2.05 -2.18 -0.98
C MET A 28 -2.06 -3.69 -0.98
N LEU A 29 -1.63 -4.26 0.13
CA LEU A 29 -1.61 -5.71 0.29
C LEU A 29 -3.05 -6.22 0.30
N VAL A 30 -3.93 -5.49 0.98
CA VAL A 30 -5.35 -5.83 1.03
C VAL A 30 -6.01 -5.59 -0.32
N TYR A 31 -5.60 -4.53 -1.01
CA TYR A 31 -6.16 -4.21 -2.31
C TYR A 31 -5.81 -5.37 -3.25
N LYS A 32 -4.57 -5.87 -3.20
CA LYS A 32 -4.19 -7.04 -4.00
C LYS A 32 -5.05 -8.23 -3.55
N PHE A 33 -5.27 -8.32 -2.24
CA PHE A 33 -6.10 -9.38 -1.66
C PHE A 33 -7.54 -9.28 -2.15
N ALA A 34 -8.09 -8.07 -2.07
CA ALA A 34 -9.47 -7.83 -2.49
C ALA A 34 -9.63 -8.11 -3.97
N ARG A 35 -8.59 -7.79 -4.74
CA ARG A 35 -8.58 -8.03 -6.18
C ARG A 35 -8.65 -9.50 -6.56
N LYS A 36 -7.84 -10.33 -5.90
CA LYS A 36 -7.76 -11.74 -6.25
C LYS A 36 -9.05 -12.51 -5.97
N HIS A 37 -9.66 -12.25 -4.81
CA HIS A 37 -10.89 -12.95 -4.45
C HIS A 37 -12.14 -12.11 -4.70
N HIS A 38 -12.06 -11.26 -5.73
CA HIS A 38 -13.20 -10.45 -6.21
C HIS A 38 -14.06 -9.82 -5.11
N ILE A 39 -13.42 -9.26 -4.09
CA ILE A 39 -14.16 -8.63 -3.01
C ILE A 39 -14.28 -7.12 -3.21
N THR A 40 -15.49 -6.59 -3.01
CA THR A 40 -15.70 -5.15 -3.11
C THR A 40 -14.98 -4.46 -1.96
N LEU A 41 -14.24 -3.41 -2.29
CA LEU A 41 -13.46 -2.67 -1.29
C LEU A 41 -13.52 -1.16 -1.52
N THR A 42 -14.05 -0.44 -0.55
CA THR A 42 -14.20 1.01 -0.68
C THR A 42 -13.40 1.72 0.41
N ASN A 43 -13.18 3.02 0.23
CA ASN A 43 -12.45 3.81 1.20
C ASN A 43 -13.39 4.57 2.12
N LEU A 44 -14.66 4.59 1.75
CA LEU A 44 -15.69 5.21 2.58
C LEU A 44 -16.78 4.19 2.94
N ILE A 45 -17.16 4.19 4.21
CA ILE A 45 -18.11 3.22 4.73
C ILE A 45 -19.56 3.65 4.51
N THR A 46 -20.38 2.73 4.02
CA THR A 46 -21.78 3.02 3.71
C THR A 46 -22.69 1.94 4.29
N GLU A 47 -23.99 2.08 4.06
CA GLU A 47 -24.96 1.09 4.53
C GLU A 47 -24.69 -0.26 3.85
N GLU A 48 -24.14 -0.19 2.65
CA GLU A 48 -23.83 -1.38 1.87
C GLU A 48 -22.56 -2.07 2.36
N THR A 49 -21.73 -1.33 3.09
CA THR A 49 -20.50 -1.90 3.65
C THR A 49 -20.85 -2.96 4.69
N THR A 50 -20.23 -4.13 4.59
CA THR A 50 -20.54 -5.25 5.47
C THR A 50 -19.42 -5.63 6.43
N HIS A 51 -18.18 -5.35 6.03
CA HIS A 51 -17.02 -5.72 6.84
C HIS A 51 -16.10 -4.54 7.13
N VAL A 52 -15.63 -4.45 8.36
CA VAL A 52 -14.66 -3.43 8.75
C VAL A 52 -13.38 -4.08 9.30
N VAL A 53 -12.27 -3.88 8.61
CA VAL A 53 -11.01 -4.52 8.99
C VAL A 53 -10.10 -3.59 9.80
N MET A 54 -9.88 -3.94 11.06
CA MET A 54 -9.07 -3.10 11.95
C MET A 54 -7.68 -3.67 12.20
N LYS A 55 -6.71 -2.77 12.38
CA LYS A 55 -5.35 -3.12 12.80
C LYS A 55 -5.32 -3.43 14.30
N THR A 56 -4.92 -4.65 14.65
CA THR A 56 -4.94 -5.10 16.04
C THR A 56 -3.62 -5.73 16.49
N ASP A 57 -3.55 -6.06 17.77
CA ASP A 57 -2.43 -6.82 18.30
C ASP A 57 -2.73 -8.32 18.24
N ALA A 58 -1.88 -9.11 18.89
CA ALA A 58 -2.02 -10.56 18.88
C ALA A 58 -3.29 -11.02 19.60
N GLU A 59 -3.78 -10.17 20.50
CA GLU A 59 -4.97 -10.50 21.28
C GLU A 59 -6.21 -9.82 20.73
N PHE A 60 -6.13 -9.35 19.49
CA PHE A 60 -7.24 -8.73 18.76
C PHE A 60 -7.75 -7.47 19.45
N VAL A 61 -6.81 -6.58 19.79
CA VAL A 61 -7.17 -5.30 20.39
C VAL A 61 -6.71 -4.17 19.47
N CYS A 62 -7.62 -3.25 19.17
CA CYS A 62 -7.35 -2.20 18.19
C CYS A 62 -7.43 -0.80 18.78
N GLU A 63 -7.15 0.19 17.94
CA GLU A 63 -7.31 1.59 18.29
C GLU A 63 -8.75 2.01 17.98
N ARG A 64 -9.21 3.11 18.57
CA ARG A 64 -10.56 3.59 18.28
C ARG A 64 -10.56 4.61 17.14
N THR A 65 -11.04 4.19 15.97
CA THR A 65 -11.13 5.06 14.81
C THR A 65 -12.58 5.30 14.43
N LEU A 66 -12.84 6.24 13.52
CA LEU A 66 -14.20 6.53 13.08
C LEU A 66 -14.85 5.32 12.41
N LYS A 67 -14.09 4.59 11.60
CA LYS A 67 -14.61 3.41 10.93
C LYS A 67 -14.87 2.32 11.95
N TYR A 68 -14.11 2.34 13.04
CA TYR A 68 -14.30 1.41 14.14
C TYR A 68 -15.65 1.64 14.81
N PHE A 69 -15.94 2.88 15.17
CA PHE A 69 -17.22 3.20 15.80
C PHE A 69 -18.40 2.91 14.87
N LEU A 70 -18.31 3.39 13.63
CA LEU A 70 -19.39 3.23 12.68
C LEU A 70 -19.66 1.77 12.34
N GLY A 71 -18.61 0.96 12.36
CA GLY A 71 -18.73 -0.46 12.12
C GLY A 71 -19.58 -1.12 13.20
N ILE A 72 -19.30 -0.76 14.44
CA ILE A 72 -20.05 -1.28 15.58
C ILE A 72 -21.48 -0.77 15.56
N ALA A 73 -21.66 0.52 15.29
CA ALA A 73 -22.98 1.13 15.28
C ALA A 73 -23.92 0.43 14.29
N GLY A 74 -23.36 -0.02 13.18
CA GLY A 74 -24.13 -0.70 12.16
C GLY A 74 -24.20 -2.21 12.36
N GLY A 75 -23.57 -2.69 13.42
CA GLY A 75 -23.57 -4.11 13.74
C GLY A 75 -22.87 -4.91 12.68
N LYS A 76 -21.91 -4.27 12.02
CA LYS A 76 -21.20 -4.91 10.92
C LYS A 76 -20.05 -5.75 11.46
N TRP A 77 -19.52 -6.66 10.65
CA TRP A 77 -18.40 -7.50 11.08
C TRP A 77 -17.09 -6.74 11.16
N VAL A 78 -16.56 -6.64 12.38
CA VAL A 78 -15.30 -5.96 12.61
C VAL A 78 -14.22 -6.99 12.94
N VAL A 79 -13.29 -7.20 12.01
CA VAL A 79 -12.29 -8.25 12.16
C VAL A 79 -10.87 -7.69 12.07
N SER A 80 -9.91 -8.47 12.53
CA SER A 80 -8.51 -8.05 12.57
C SER A 80 -7.81 -8.16 11.22
N TYR A 81 -6.81 -7.31 11.02
CA TYR A 81 -6.00 -7.30 9.81
C TYR A 81 -5.29 -8.62 9.62
N PHE A 82 -5.09 -9.35 10.71
CA PHE A 82 -4.39 -10.63 10.69
C PHE A 82 -5.16 -11.66 9.87
N TRP A 83 -6.43 -11.39 9.59
CA TRP A 83 -7.23 -12.24 8.72
C TRP A 83 -6.67 -12.30 7.31
N VAL A 84 -6.11 -11.19 6.85
CA VAL A 84 -5.53 -11.11 5.52
C VAL A 84 -4.20 -11.86 5.47
N THR A 85 -3.29 -11.50 6.38
CA THR A 85 -1.95 -12.07 6.41
C THR A 85 -1.97 -13.58 6.59
N GLN A 86 -2.93 -14.07 7.37
CA GLN A 86 -3.06 -15.50 7.62
C GLN A 86 -3.55 -16.22 6.37
N SER A 87 -4.44 -15.57 5.63
CA SER A 87 -4.96 -16.13 4.39
C SER A 87 -3.84 -16.27 3.37
N ILE A 88 -2.91 -15.33 3.43
CA ILE A 88 -1.72 -15.36 2.59
C ILE A 88 -0.80 -16.50 2.97
N LYS A 89 -0.60 -16.65 4.28
CA LYS A 89 0.27 -17.68 4.83
C LYS A 89 -0.14 -19.10 4.48
N GLU A 90 -1.45 -19.34 4.42
CA GLU A 90 -1.99 -20.68 4.19
C GLU A 90 -2.62 -20.88 2.81
N ARG A 91 -2.60 -19.82 1.99
CA ARG A 91 -3.16 -19.82 0.64
C ARG A 91 -4.64 -20.20 0.56
N LYS A 92 -5.35 -20.05 1.67
CA LYS A 92 -6.79 -20.28 1.69
C LYS A 92 -7.53 -19.03 2.10
N MET A 93 -8.86 -19.11 2.06
CA MET A 93 -9.70 -18.07 2.59
C MET A 93 -10.29 -18.51 3.93
N LEU A 94 -9.55 -18.35 5.02
CA LEU A 94 -10.07 -18.79 6.32
C LEU A 94 -11.21 -17.90 6.77
N ASN A 95 -11.90 -18.39 7.79
CA ASN A 95 -13.07 -17.73 8.35
C ASN A 95 -12.75 -16.50 9.21
N GLU A 96 -13.39 -15.38 8.88
CA GLU A 96 -13.15 -14.10 9.54
C GLU A 96 -13.56 -14.12 11.00
N HIS A 97 -14.73 -14.71 11.27
CA HIS A 97 -15.32 -14.77 12.61
C HIS A 97 -14.32 -15.15 13.69
N ASP A 98 -13.34 -15.97 13.31
CA ASP A 98 -12.28 -16.37 14.22
C ASP A 98 -11.39 -15.17 14.58
N PHE A 99 -11.49 -14.11 13.80
CA PHE A 99 -10.62 -12.95 13.98
C PHE A 99 -11.37 -11.70 14.40
N GLU A 100 -12.56 -11.86 14.99
CA GLU A 100 -13.30 -10.70 15.47
C GLU A 100 -12.53 -10.03 16.60
N VAL A 101 -12.41 -8.71 16.54
CA VAL A 101 -11.66 -7.99 17.57
C VAL A 101 -12.41 -8.06 18.89
N ARG A 102 -11.67 -8.22 19.97
CA ARG A 102 -12.24 -8.50 21.27
C ARG A 102 -12.38 -7.24 22.10
N GLY A 103 -11.55 -6.24 21.81
CA GLY A 103 -11.61 -4.98 22.51
C GLY A 103 -10.70 -3.91 21.94
N ASP A 104 -10.59 -2.79 22.66
CA ASP A 104 -9.75 -1.68 22.24
C ASP A 104 -8.92 -1.12 23.39
N VAL A 105 -7.99 -0.23 23.06
CA VAL A 105 -7.03 0.28 24.03
C VAL A 105 -7.61 1.32 24.98
N VAL A 106 -8.91 1.57 24.88
CA VAL A 106 -9.57 2.58 25.71
C VAL A 106 -10.56 1.97 26.69
N ASN A 107 -11.44 1.10 26.19
CA ASN A 107 -12.55 0.61 26.98
C ASN A 107 -12.40 -0.82 27.49
N GLY A 108 -11.29 -1.48 27.14
CA GLY A 108 -11.05 -2.83 27.61
C GLY A 108 -10.58 -3.76 26.51
N ARG A 109 -9.73 -4.72 26.87
CA ARG A 109 -9.12 -5.62 25.90
C ARG A 109 -10.00 -6.81 25.53
N ASN A 110 -11.10 -6.99 26.25
CA ASN A 110 -12.00 -8.12 25.98
C ASN A 110 -13.44 -7.83 26.40
N HIS A 111 -13.93 -6.65 26.02
CA HIS A 111 -15.29 -6.24 26.39
C HIS A 111 -16.33 -6.76 25.40
N GLN A 112 -15.86 -7.40 24.33
CA GLN A 112 -16.71 -8.07 23.35
C GLN A 112 -17.78 -7.15 22.77
N GLY A 113 -17.42 -5.88 22.61
CA GLY A 113 -18.32 -4.86 22.10
C GLY A 113 -18.91 -5.14 20.72
N PRO A 114 -18.04 -5.33 19.71
CA PRO A 114 -18.50 -5.64 18.35
C PRO A 114 -19.42 -6.86 18.31
N LYS A 115 -19.08 -7.90 19.05
CA LYS A 115 -19.89 -9.12 19.09
C LYS A 115 -21.28 -8.82 19.66
N ARG A 116 -21.31 -8.08 20.76
CA ARG A 116 -22.57 -7.73 21.41
C ARG A 116 -23.40 -6.82 20.50
N ALA A 117 -22.70 -5.97 19.76
CA ALA A 117 -23.32 -5.03 18.83
C ALA A 117 -24.14 -5.74 17.76
N ARG A 118 -23.60 -6.85 17.25
CA ARG A 118 -24.26 -7.64 16.22
C ARG A 118 -25.53 -8.29 16.76
N GLU A 119 -25.48 -8.64 18.05
CA GLU A 119 -26.50 -9.48 18.66
C GLU A 119 -27.68 -8.69 19.26
N SER A 120 -27.66 -7.38 19.11
CA SER A 120 -28.69 -6.56 19.76
C SER A 120 -29.33 -5.47 18.90
N GLN A 121 -29.46 -5.70 17.60
CA GLN A 121 -30.06 -4.70 16.71
C GLN A 121 -31.56 -4.53 16.95
N ASP A 122 -32.15 -5.48 17.66
CA ASP A 122 -33.56 -5.41 18.04
C ASP A 122 -33.75 -4.54 19.27
N ARG A 123 -32.66 -4.31 19.98
CA ARG A 123 -32.67 -3.48 21.18
C ARG A 123 -31.48 -2.53 21.18
N LYS A 124 -31.48 -1.59 20.24
CA LYS A 124 -30.39 -0.63 20.06
C LYS A 124 -30.19 0.22 21.31
N ILE A 125 -28.94 0.57 21.59
CA ILE A 125 -28.57 1.18 22.87
C ILE A 125 -29.12 2.58 23.08
N PHE A 126 -29.37 3.31 22.01
CA PHE A 126 -29.84 4.69 22.09
C PHE A 126 -31.31 4.77 21.75
N ARG A 127 -31.99 3.65 21.93
CA ARG A 127 -33.43 3.55 21.71
C ARG A 127 -34.19 4.49 22.63
N GLY A 128 -35.02 5.34 22.04
CA GLY A 128 -35.84 6.25 22.82
C GLY A 128 -35.17 7.54 23.24
N LEU A 129 -34.03 7.84 22.61
CA LEU A 129 -33.29 9.06 22.93
C LEU A 129 -33.29 10.04 21.77
N GLU A 130 -33.33 11.34 22.09
CA GLU A 130 -33.18 12.39 21.09
C GLU A 130 -31.85 13.09 21.30
N ILE A 131 -30.93 12.95 20.36
CA ILE A 131 -29.58 13.46 20.55
C ILE A 131 -29.27 14.63 19.62
N CYS A 132 -28.75 15.71 20.20
CA CYS A 132 -28.27 16.84 19.41
C CYS A 132 -26.75 16.97 19.49
N CYS A 133 -26.07 16.75 18.38
CA CYS A 133 -24.62 16.94 18.33
C CYS A 133 -24.30 18.41 18.12
N TYR A 134 -24.06 19.11 19.22
CA TYR A 134 -23.89 20.57 19.20
C TYR A 134 -22.43 20.93 18.93
N GLY A 135 -22.16 21.45 17.73
CA GLY A 135 -20.80 21.73 17.27
C GLY A 135 -20.03 22.71 18.12
N PRO A 136 -18.72 22.87 17.84
CA PRO A 136 -18.01 22.22 16.73
C PRO A 136 -17.39 20.87 17.10
N PHE A 137 -16.76 20.22 16.14
CA PHE A 137 -16.11 18.93 16.36
C PHE A 137 -14.79 18.82 15.60
N THR A 138 -13.87 18.01 16.11
CA THR A 138 -12.59 17.79 15.45
C THR A 138 -12.39 16.31 15.15
N ASN A 139 -11.69 16.02 14.05
CA ASN A 139 -11.30 14.66 13.66
C ASN A 139 -12.49 13.71 13.39
N MET A 140 -13.69 14.27 13.39
CA MET A 140 -14.91 13.51 13.15
C MET A 140 -16.04 14.42 12.70
N PRO A 141 -16.42 14.32 11.42
CA PRO A 141 -17.51 15.12 10.85
C PRO A 141 -18.79 15.02 11.66
N THR A 142 -19.53 16.12 11.78
CA THR A 142 -20.79 16.13 12.53
C THR A 142 -21.83 15.18 11.95
N ASP A 143 -21.96 15.16 10.62
CA ASP A 143 -22.97 14.33 9.99
C ASP A 143 -22.67 12.84 10.07
N GLN A 144 -21.41 12.50 10.37
CA GLN A 144 -21.02 11.10 10.53
C GLN A 144 -21.36 10.65 11.94
N LEU A 145 -21.15 11.55 12.90
CA LEU A 145 -21.53 11.29 14.29
C LEU A 145 -23.04 11.21 14.43
N GLU A 146 -23.74 12.05 13.68
CA GLU A 146 -25.20 12.01 13.64
C GLU A 146 -25.64 10.68 13.06
N TRP A 147 -24.95 10.23 12.03
CA TRP A 147 -25.24 8.94 11.42
C TRP A 147 -24.98 7.81 12.40
N MET A 148 -23.97 7.99 13.25
CA MET A 148 -23.59 6.99 14.23
C MET A 148 -24.73 6.69 15.20
N VAL A 149 -25.29 7.74 15.80
CA VAL A 149 -26.37 7.57 16.76
C VAL A 149 -27.67 7.13 16.07
N GLN A 150 -27.83 7.50 14.80
CA GLN A 150 -28.95 7.02 14.00
C GLN A 150 -28.95 5.49 13.89
N LEU A 151 -27.77 4.96 13.59
CA LEU A 151 -27.60 3.52 13.45
C LEU A 151 -27.83 2.80 14.78
N CYS A 152 -27.71 3.55 15.87
CA CYS A 152 -27.91 3.01 17.20
C CYS A 152 -29.30 3.32 17.74
N GLY A 153 -30.18 3.83 16.88
CA GLY A 153 -31.57 3.98 17.23
C GLY A 153 -31.94 5.34 17.80
N ALA A 154 -30.96 6.23 17.89
CA ALA A 154 -31.21 7.57 18.41
C ALA A 154 -31.87 8.45 17.37
N SER A 155 -32.58 9.48 17.82
CA SER A 155 -33.18 10.45 16.94
C SER A 155 -32.33 11.72 16.88
N VAL A 156 -31.88 12.07 15.68
CA VAL A 156 -30.97 13.21 15.52
C VAL A 156 -31.74 14.53 15.51
N VAL A 157 -31.26 15.48 16.32
CA VAL A 157 -31.85 16.80 16.40
C VAL A 157 -30.81 17.85 15.99
N LYS A 158 -31.15 18.66 15.00
CA LYS A 158 -30.17 19.56 14.40
C LYS A 158 -29.90 20.80 15.27
N GLU A 159 -30.96 21.34 15.87
CA GLU A 159 -30.84 22.53 16.70
C GLU A 159 -31.53 22.34 18.06
N LEU A 160 -31.03 23.03 19.08
CA LEU A 160 -31.52 22.90 20.45
C LEU A 160 -33.01 23.22 20.62
N SER A 161 -33.51 24.16 19.83
CA SER A 161 -34.91 24.56 19.93
C SER A 161 -35.86 23.50 19.38
N SER A 162 -35.29 22.53 18.65
CA SER A 162 -36.10 21.54 17.94
C SER A 162 -36.44 20.32 18.79
N PHE A 163 -36.06 20.34 20.07
CA PHE A 163 -36.36 19.25 20.99
C PHE A 163 -37.85 19.05 21.19
N THR A 164 -38.29 17.79 21.19
CA THR A 164 -39.68 17.48 21.47
C THR A 164 -39.96 17.71 22.94
N LEU A 165 -41.09 18.34 23.26
CA LEU A 165 -41.46 18.56 24.64
C LEU A 165 -42.47 17.51 25.08
N GLY A 166 -42.12 16.73 26.09
CA GLY A 166 -42.96 15.63 26.54
C GLY A 166 -42.34 14.84 27.67
N THR A 167 -43.16 14.08 28.39
CA THR A 167 -42.66 13.29 29.51
C THR A 167 -41.92 12.05 29.02
N GLY A 168 -42.31 11.54 27.86
CA GLY A 168 -41.73 10.32 27.33
C GLY A 168 -40.41 10.51 26.61
N VAL A 169 -40.10 11.76 26.27
CA VAL A 169 -38.89 12.07 25.52
C VAL A 169 -37.68 12.27 26.43
N HIS A 170 -36.54 11.74 26.01
CA HIS A 170 -35.30 11.90 26.74
C HIS A 170 -34.29 12.67 25.88
N PRO A 171 -34.20 13.99 26.09
CA PRO A 171 -33.27 14.82 25.31
C PRO A 171 -31.84 14.79 25.87
N ILE A 172 -30.86 14.79 24.98
CA ILE A 172 -29.45 14.82 25.38
C ILE A 172 -28.62 15.71 24.46
N VAL A 173 -27.84 16.61 25.05
CA VAL A 173 -26.92 17.44 24.28
C VAL A 173 -25.49 16.94 24.43
N VAL A 174 -24.87 16.59 23.31
CA VAL A 174 -23.50 16.07 23.29
C VAL A 174 -22.54 17.05 22.63
N VAL A 175 -21.48 17.45 23.35
CA VAL A 175 -20.48 18.36 22.79
C VAL A 175 -19.07 17.84 23.00
N GLN A 176 -18.10 18.44 22.31
CA GLN A 176 -16.69 18.09 22.47
C GLN A 176 -15.88 19.29 22.95
N PRO A 177 -15.58 19.35 24.25
CA PRO A 177 -14.87 20.47 24.88
C PRO A 177 -13.54 20.79 24.23
N ASP A 178 -12.87 19.78 23.67
CA ASP A 178 -11.59 19.99 22.99
C ASP A 178 -11.74 20.92 21.80
N ALA A 179 -12.85 20.78 21.08
CA ALA A 179 -13.08 21.51 19.84
C ALA A 179 -13.29 23.02 20.04
N TRP A 180 -13.77 23.40 21.22
CA TRP A 180 -14.03 24.82 21.46
C TRP A 180 -12.67 25.49 21.68
N THR A 181 -12.40 26.57 20.97
CA THR A 181 -11.10 27.23 21.12
C THR A 181 -11.23 28.74 21.34
N GLU A 182 -12.33 29.29 20.85
CA GLU A 182 -12.58 30.74 20.88
C GLU A 182 -13.42 31.16 22.07
N ASP A 183 -14.05 30.17 22.68
CA ASP A 183 -15.14 30.44 23.62
C ASP A 183 -15.24 29.37 24.71
N ASN A 184 -15.78 29.76 25.85
CA ASN A 184 -16.10 28.82 26.92
C ASN A 184 -17.60 28.54 26.98
N GLY A 185 -18.24 28.57 25.81
CA GLY A 185 -19.69 28.52 25.68
C GLY A 185 -20.46 27.28 26.11
N PHE A 186 -19.79 26.14 26.22
CA PHE A 186 -20.50 24.90 26.52
C PHE A 186 -21.04 24.79 27.95
N HIS A 187 -20.60 25.70 28.81
CA HIS A 187 -21.11 25.77 30.18
C HIS A 187 -22.40 26.57 30.33
N ALA A 188 -22.89 27.12 29.23
CA ALA A 188 -24.05 28.01 29.29
C ALA A 188 -25.28 27.40 28.61
N ILE A 189 -25.10 26.20 28.07
CA ILE A 189 -26.16 25.51 27.34
C ILE A 189 -27.36 25.16 28.22
N GLY A 190 -27.09 24.85 29.48
CA GLY A 190 -28.15 24.53 30.43
C GLY A 190 -29.13 25.66 30.64
N GLN A 191 -28.68 26.87 30.36
CA GLN A 191 -29.52 28.07 30.46
C GLN A 191 -30.46 28.20 29.27
N MET A 192 -30.11 27.56 28.16
CA MET A 192 -30.89 27.67 26.93
C MET A 192 -31.92 26.56 26.74
N CYS A 193 -31.77 25.44 27.45
CA CYS A 193 -32.70 24.33 27.30
C CYS A 193 -32.79 23.41 28.51
N GLU A 194 -33.83 22.57 28.52
CA GLU A 194 -34.04 21.63 29.60
C GLU A 194 -33.56 20.24 29.19
N ALA A 195 -32.25 20.05 29.19
CA ALA A 195 -31.66 18.78 28.79
C ALA A 195 -30.24 18.65 29.35
N PRO A 196 -29.82 17.40 29.65
CA PRO A 196 -28.46 17.12 30.13
C PRO A 196 -27.40 17.39 29.07
N VAL A 197 -26.24 17.86 29.51
CA VAL A 197 -25.13 18.10 28.58
C VAL A 197 -23.94 17.22 28.93
N VAL A 198 -23.53 16.38 27.98
CA VAL A 198 -22.43 15.45 28.20
C VAL A 198 -21.38 15.54 27.07
N THR A 199 -20.20 15.02 27.33
CA THR A 199 -19.10 15.03 26.37
C THR A 199 -19.28 14.00 25.26
N ARG A 200 -18.53 14.16 24.17
CA ARG A 200 -18.58 13.22 23.06
C ARG A 200 -18.16 11.81 23.50
N GLU A 201 -17.31 11.76 24.52
CA GLU A 201 -16.81 10.49 25.04
C GLU A 201 -17.93 9.59 25.57
N TRP A 202 -19.07 10.16 25.92
CA TRP A 202 -20.21 9.37 26.36
C TRP A 202 -20.69 8.48 25.21
N VAL A 203 -20.81 9.06 24.03
CA VAL A 203 -21.23 8.32 22.84
C VAL A 203 -20.20 7.24 22.48
N LEU A 204 -18.94 7.65 22.39
CA LEU A 204 -17.85 6.75 21.99
C LEU A 204 -17.73 5.52 22.91
N ASP A 205 -17.81 5.74 24.22
CA ASP A 205 -17.76 4.66 25.19
C ASP A 205 -18.99 3.77 25.08
N SER A 206 -20.16 4.39 24.89
CA SER A 206 -21.41 3.66 24.79
C SER A 206 -21.39 2.76 23.56
N VAL A 207 -20.88 3.28 22.45
CA VAL A 207 -20.78 2.52 21.21
C VAL A 207 -19.78 1.38 21.30
N ALA A 208 -18.59 1.67 21.81
CA ALA A 208 -17.52 0.68 21.91
C ALA A 208 -17.91 -0.54 22.73
N LEU A 209 -18.68 -0.33 23.78
CA LEU A 209 -19.13 -1.42 24.63
C LEU A 209 -20.47 -1.94 24.13
N TYR A 210 -21.06 -1.19 23.21
CA TYR A 210 -22.47 -1.31 22.83
C TYR A 210 -23.33 -1.55 24.05
N GLN A 211 -23.24 -0.62 24.99
CA GLN A 211 -24.10 -0.58 26.15
C GLN A 211 -24.19 0.85 26.69
N CYS A 212 -25.42 1.32 26.90
CA CYS A 212 -25.66 2.71 27.25
C CYS A 212 -25.09 3.05 28.63
N GLN A 213 -24.09 3.93 28.64
CA GLN A 213 -23.40 4.30 29.86
C GLN A 213 -24.21 5.31 30.70
N GLU A 214 -23.93 5.35 32.00
CA GLU A 214 -24.55 6.31 32.90
C GLU A 214 -24.01 7.72 32.61
N LEU A 215 -24.90 8.71 32.55
CA LEU A 215 -24.49 10.07 32.21
C LEU A 215 -23.68 10.78 33.30
N ASP A 216 -23.78 10.29 34.54
CA ASP A 216 -23.19 10.94 35.71
C ASP A 216 -21.74 11.36 35.49
N THR A 217 -20.93 10.43 35.01
CA THR A 217 -19.50 10.67 34.86
C THR A 217 -19.15 11.51 33.62
N TYR A 218 -20.07 11.59 32.67
CA TYR A 218 -19.81 12.32 31.42
C TYR A 218 -20.44 13.70 31.42
N LEU A 219 -21.09 14.06 32.52
CA LEU A 219 -21.82 15.32 32.60
C LEU A 219 -20.87 16.52 32.64
N ILE A 220 -21.23 17.56 31.89
CA ILE A 220 -20.48 18.81 31.89
C ILE A 220 -21.15 19.86 32.77
N PRO A 221 -20.39 20.41 33.74
CA PRO A 221 -20.89 21.40 34.69
C PRO A 221 -21.44 22.64 33.99
N GLN A 222 -22.62 23.08 34.43
CA GLN A 222 -23.28 24.24 33.86
C GLN A 222 -23.27 25.45 34.79
N ILE A 223 -23.67 26.60 34.25
CA ILE A 223 -23.86 27.80 35.07
C ILE A 223 -25.34 28.09 35.12
N PRO A 224 -25.90 28.11 36.35
CA PRO A 224 -27.33 28.38 36.56
C PRO A 224 -27.73 29.81 36.18
N VAL B 11 -30.81 16.14 -0.85
CA VAL B 11 -29.63 15.29 -1.00
C VAL B 11 -29.32 15.07 -2.48
N ASN B 12 -28.13 15.51 -2.88
CA ASN B 12 -27.67 15.27 -4.24
C ASN B 12 -26.64 14.14 -4.26
N LYS B 13 -26.40 13.60 -5.45
CA LYS B 13 -25.49 12.47 -5.65
C LYS B 13 -24.10 12.72 -5.12
N ARG B 14 -23.40 11.66 -4.77
CA ARG B 14 -22.05 11.78 -4.24
C ARG B 14 -21.05 11.20 -5.22
N MET B 15 -19.91 11.88 -5.36
CA MET B 15 -18.87 11.45 -6.29
C MET B 15 -18.25 10.13 -5.84
N SER B 16 -18.04 9.24 -6.80
CA SER B 16 -17.47 7.94 -6.51
C SER B 16 -16.66 7.43 -7.71
N MET B 17 -15.41 7.06 -7.46
CA MET B 17 -14.52 6.67 -8.53
C MET B 17 -14.19 5.19 -8.52
N VAL B 18 -13.90 4.66 -9.70
CA VAL B 18 -13.23 3.39 -9.85
C VAL B 18 -12.08 3.67 -10.80
N VAL B 19 -10.99 2.90 -10.71
CA VAL B 19 -9.86 3.13 -11.59
C VAL B 19 -9.58 1.91 -12.43
N SER B 20 -8.88 2.11 -13.55
CA SER B 20 -8.61 1.02 -14.46
C SER B 20 -7.36 1.26 -15.31
N GLY B 21 -6.55 0.21 -15.45
CA GLY B 21 -5.37 0.25 -16.29
C GLY B 21 -4.13 0.78 -15.59
N LEU B 22 -4.23 0.96 -14.28
CA LEU B 22 -3.11 1.47 -13.49
C LEU B 22 -2.31 0.32 -12.91
N THR B 23 -0.99 0.51 -12.84
CA THR B 23 -0.13 -0.40 -12.12
C THR B 23 -0.44 -0.26 -10.63
N PRO B 24 -0.12 -1.29 -9.83
CA PRO B 24 -0.36 -1.21 -8.38
C PRO B 24 0.25 0.05 -7.78
N GLU B 25 1.50 0.33 -8.15
CA GLU B 25 2.21 1.48 -7.60
C GLU B 25 1.50 2.79 -7.93
N GLU B 26 0.91 2.89 -9.12
CA GLU B 26 0.12 4.07 -9.49
C GLU B 26 -1.13 4.19 -8.64
N PHE B 27 -1.71 3.03 -8.33
CA PHE B 27 -2.92 2.96 -7.54
C PHE B 27 -2.70 3.57 -6.17
N MET B 28 -1.49 3.41 -5.64
CA MET B 28 -1.20 3.91 -4.31
C MET B 28 -1.31 5.43 -4.30
N LEU B 29 -0.92 6.07 -5.40
CA LEU B 29 -1.03 7.52 -5.52
C LEU B 29 -2.46 8.05 -5.58
N VAL B 30 -3.34 7.37 -6.30
CA VAL B 30 -4.74 7.79 -6.35
C VAL B 30 -5.39 7.55 -4.99
N TYR B 31 -5.00 6.45 -4.34
CA TYR B 31 -5.53 6.14 -3.01
C TYR B 31 -5.20 7.25 -2.03
N LYS B 32 -3.94 7.68 -2.04
CA LYS B 32 -3.49 8.78 -1.18
C LYS B 32 -4.25 10.04 -1.56
N PHE B 33 -4.47 10.21 -2.86
CA PHE B 33 -5.22 11.36 -3.38
C PHE B 33 -6.67 11.35 -2.91
N ALA B 34 -7.34 10.22 -3.09
CA ALA B 34 -8.76 10.11 -2.76
C ALA B 34 -9.04 10.32 -1.28
N ARG B 35 -8.17 9.79 -0.43
CA ARG B 35 -8.31 9.93 1.01
C ARG B 35 -8.13 11.38 1.42
N LYS B 36 -7.14 12.04 0.83
CA LYS B 36 -6.81 13.41 1.18
C LYS B 36 -7.96 14.38 0.86
N HIS B 37 -8.57 14.20 -0.31
CA HIS B 37 -9.68 15.07 -0.70
C HIS B 37 -11.04 14.42 -0.50
N HIS B 38 -11.13 13.59 0.53
CA HIS B 38 -12.36 12.95 0.96
C HIS B 38 -13.23 12.36 -0.15
N ILE B 39 -12.60 11.71 -1.14
CA ILE B 39 -13.34 11.15 -2.26
C ILE B 39 -13.67 9.67 -2.09
N THR B 40 -14.91 9.30 -2.40
CA THR B 40 -15.32 7.91 -2.36
C THR B 40 -14.58 7.14 -3.46
N LEU B 41 -14.01 6.00 -3.10
CA LEU B 41 -13.24 5.20 -4.05
C LEU B 41 -13.51 3.71 -3.89
N THR B 42 -14.03 3.07 -4.92
CA THR B 42 -14.34 1.65 -4.84
C THR B 42 -13.51 0.90 -5.87
N ASN B 43 -13.41 -0.41 -5.68
CA ASN B 43 -12.66 -1.27 -6.60
C ASN B 43 -13.61 -2.00 -7.55
N LEU B 44 -14.89 -1.90 -7.28
CA LEU B 44 -15.91 -2.49 -8.14
C LEU B 44 -16.85 -1.42 -8.68
N ILE B 45 -17.12 -1.47 -9.98
CA ILE B 45 -17.93 -0.44 -10.64
C ILE B 45 -19.43 -0.72 -10.55
N THR B 46 -20.19 0.28 -10.11
CA THR B 46 -21.64 0.14 -9.92
C THR B 46 -22.39 1.31 -10.56
N GLU B 47 -23.71 1.29 -10.40
CA GLU B 47 -24.55 2.38 -10.88
C GLU B 47 -24.23 3.68 -10.12
N GLU B 48 -23.78 3.53 -8.88
CA GLU B 48 -23.45 4.68 -8.05
C GLU B 48 -22.11 5.30 -8.44
N THR B 49 -21.27 4.53 -9.11
CA THR B 49 -19.99 5.04 -9.58
C THR B 49 -20.24 6.13 -10.61
N THR B 50 -19.59 7.28 -10.45
CA THR B 50 -19.81 8.42 -11.32
C THR B 50 -18.59 8.72 -12.20
N HIS B 51 -17.41 8.35 -11.73
CA HIS B 51 -16.18 8.62 -12.46
C HIS B 51 -15.35 7.36 -12.66
N VAL B 52 -14.82 7.21 -13.88
CA VAL B 52 -13.91 6.11 -14.18
C VAL B 52 -12.58 6.66 -14.67
N VAL B 53 -11.51 6.36 -13.94
CA VAL B 53 -10.19 6.92 -14.25
C VAL B 53 -9.30 5.93 -15.02
N MET B 54 -8.97 6.30 -16.26
CA MET B 54 -8.19 5.45 -17.14
C MET B 54 -6.74 5.91 -17.31
N LYS B 55 -5.84 4.95 -17.45
CA LYS B 55 -4.46 5.23 -17.78
C LYS B 55 -4.33 5.55 -19.27
N THR B 56 -3.82 6.74 -19.58
CA THR B 56 -3.73 7.21 -20.96
C THR B 56 -2.34 7.73 -21.32
N ASP B 57 -2.14 8.05 -22.60
CA ASP B 57 -0.92 8.73 -23.04
C ASP B 57 -1.12 10.25 -22.99
N ALA B 58 -0.20 11.00 -23.58
CA ALA B 58 -0.24 12.45 -23.53
C ALA B 58 -1.46 13.03 -24.26
N GLU B 59 -2.00 12.27 -25.21
CA GLU B 59 -3.15 12.71 -26.00
C GLU B 59 -4.46 12.08 -25.53
N PHE B 60 -4.45 11.54 -24.31
CA PHE B 60 -5.65 10.96 -23.68
C PHE B 60 -6.21 9.77 -24.46
N VAL B 61 -5.33 8.83 -24.81
CA VAL B 61 -5.76 7.62 -25.50
C VAL B 61 -5.43 6.42 -24.61
N CYS B 62 -6.40 5.55 -24.37
CA CYS B 62 -6.21 4.46 -23.43
C CYS B 62 -6.36 3.07 -24.05
N GLU B 63 -6.17 2.05 -23.21
CA GLU B 63 -6.43 0.67 -23.60
C GLU B 63 -7.89 0.36 -23.32
N ARG B 64 -8.40 -0.69 -23.94
CA ARG B 64 -9.79 -1.09 -23.70
C ARG B 64 -9.90 -2.16 -22.63
N THR B 65 -10.41 -1.75 -21.47
CA THR B 65 -10.63 -2.65 -20.35
C THR B 65 -12.13 -2.77 -20.07
N LEU B 66 -12.51 -3.71 -19.21
CA LEU B 66 -13.92 -3.90 -18.86
C LEU B 66 -14.53 -2.64 -18.25
N LYS B 67 -13.76 -2.00 -17.38
CA LYS B 67 -14.22 -0.79 -16.69
C LYS B 67 -14.38 0.37 -17.67
N TYR B 68 -13.62 0.32 -18.75
CA TYR B 68 -13.71 1.30 -19.82
C TYR B 68 -15.06 1.25 -20.52
N PHE B 69 -15.48 0.06 -20.93
CA PHE B 69 -16.77 -0.12 -21.59
C PHE B 69 -17.92 0.23 -20.67
N LEU B 70 -17.88 -0.31 -19.45
CA LEU B 70 -18.95 -0.14 -18.49
C LEU B 70 -19.13 1.33 -18.13
N GLY B 71 -18.02 2.07 -18.13
CA GLY B 71 -18.05 3.49 -17.87
C GLY B 71 -18.81 4.23 -18.94
N ILE B 72 -18.53 3.89 -20.20
CA ILE B 72 -19.19 4.53 -21.33
C ILE B 72 -20.67 4.16 -21.39
N ALA B 73 -20.97 2.88 -21.21
CA ALA B 73 -22.34 2.38 -21.30
C ALA B 73 -23.28 3.11 -20.36
N GLY B 74 -22.78 3.46 -19.19
CA GLY B 74 -23.59 4.14 -18.20
C GLY B 74 -23.56 5.65 -18.33
N GLY B 75 -22.85 6.14 -19.35
CA GLY B 75 -22.75 7.56 -19.59
C GLY B 75 -22.02 8.30 -18.48
N LYS B 76 -21.10 7.60 -17.83
CA LYS B 76 -20.38 8.17 -16.70
C LYS B 76 -19.19 9.00 -17.19
N TRP B 77 -18.67 9.85 -16.32
CA TRP B 77 -17.52 10.67 -16.67
C TRP B 77 -16.25 9.84 -16.70
N VAL B 78 -15.65 9.73 -17.88
CA VAL B 78 -14.43 8.95 -18.04
C VAL B 78 -13.24 9.87 -18.27
N VAL B 79 -12.34 9.93 -17.29
CA VAL B 79 -11.22 10.88 -17.35
C VAL B 79 -9.87 10.19 -17.25
N SER B 80 -8.82 10.90 -17.69
CA SER B 80 -7.47 10.36 -17.70
C SER B 80 -6.77 10.44 -16.35
N TYR B 81 -5.85 9.50 -16.12
CA TYR B 81 -5.07 9.43 -14.90
C TYR B 81 -4.21 10.67 -14.66
N PHE B 82 -3.88 11.38 -15.73
CA PHE B 82 -3.06 12.59 -15.63
C PHE B 82 -3.78 13.68 -14.86
N TRP B 83 -5.08 13.52 -14.65
CA TRP B 83 -5.86 14.43 -13.83
C TRP B 83 -5.31 14.42 -12.41
N VAL B 84 -4.85 13.25 -11.98
CA VAL B 84 -4.29 13.09 -10.66
C VAL B 84 -2.90 13.71 -10.59
N THR B 85 -2.01 13.28 -11.47
CA THR B 85 -0.62 13.70 -11.46
C THR B 85 -0.43 15.21 -11.67
N GLN B 86 -1.25 15.79 -12.54
CA GLN B 86 -1.16 17.22 -12.84
C GLN B 86 -1.67 18.08 -11.68
N SER B 87 -2.74 17.61 -11.03
CA SER B 87 -3.32 18.31 -9.90
C SER B 87 -2.35 18.37 -8.70
N ILE B 88 -1.56 17.31 -8.54
CA ILE B 88 -0.52 17.27 -7.52
C ILE B 88 0.58 18.27 -7.81
N LYS B 89 0.99 18.33 -9.09
CA LYS B 89 2.04 19.23 -9.52
C LYS B 89 1.69 20.68 -9.21
N GLU B 90 0.40 20.99 -9.25
CA GLU B 90 -0.07 22.35 -9.01
C GLU B 90 -0.69 22.48 -7.62
N ARG B 91 -0.73 21.37 -6.89
CA ARG B 91 -1.27 21.33 -5.53
C ARG B 91 -2.70 21.87 -5.46
N LYS B 92 -3.41 21.76 -6.57
CA LYS B 92 -4.82 22.16 -6.64
C LYS B 92 -5.68 20.96 -6.96
N MET B 93 -6.99 21.20 -6.98
CA MET B 93 -7.96 20.22 -7.46
C MET B 93 -8.43 20.60 -8.85
N LEU B 94 -7.69 20.14 -9.86
CA LEU B 94 -8.00 20.53 -11.21
C LEU B 94 -9.35 19.99 -11.65
N ASN B 95 -9.90 20.58 -12.71
CA ASN B 95 -11.20 20.18 -13.22
C ASN B 95 -11.07 18.89 -14.03
N GLU B 96 -11.87 17.88 -13.70
CA GLU B 96 -11.74 16.56 -14.31
C GLU B 96 -12.06 16.59 -15.79
N HIS B 97 -13.15 17.29 -16.10
CA HIS B 97 -13.71 17.38 -17.45
C HIS B 97 -12.66 17.68 -18.51
N ASP B 98 -11.65 18.44 -18.12
CA ASP B 98 -10.55 18.81 -19.00
C ASP B 98 -9.69 17.60 -19.38
N PHE B 99 -9.84 16.50 -18.65
CA PHE B 99 -9.00 15.32 -18.91
C PHE B 99 -9.82 14.14 -19.42
N GLU B 100 -10.98 14.42 -19.99
CA GLU B 100 -11.83 13.36 -20.53
C GLU B 100 -11.11 12.66 -21.67
N VAL B 101 -11.12 11.32 -21.65
CA VAL B 101 -10.41 10.54 -22.66
C VAL B 101 -11.08 10.69 -24.02
N ARG B 102 -10.25 10.77 -25.06
CA ARG B 102 -10.73 11.11 -26.40
C ARG B 102 -10.92 9.89 -27.27
N GLY B 103 -10.18 8.82 -26.98
CA GLY B 103 -10.27 7.60 -27.76
C GLY B 103 -9.43 6.46 -27.22
N ASP B 104 -9.32 5.40 -28.01
CA ASP B 104 -8.53 4.24 -27.63
C ASP B 104 -7.68 3.74 -28.80
N VAL B 105 -6.78 2.82 -28.49
CA VAL B 105 -5.80 2.34 -29.48
C VAL B 105 -6.38 1.37 -30.49
N VAL B 106 -7.68 1.12 -30.40
CA VAL B 106 -8.35 0.18 -31.31
C VAL B 106 -9.34 0.89 -32.23
N ASN B 107 -10.20 1.71 -31.65
CA ASN B 107 -11.31 2.30 -32.39
C ASN B 107 -11.10 3.76 -32.79
N GLY B 108 -9.95 4.32 -32.42
CA GLY B 108 -9.65 5.69 -32.81
C GLY B 108 -9.10 6.54 -31.69
N ARG B 109 -8.19 7.45 -32.03
CA ARG B 109 -7.52 8.27 -31.03
C ARG B 109 -8.31 9.53 -30.65
N ASN B 110 -9.38 9.81 -31.38
CA ASN B 110 -10.19 10.99 -31.09
C ASN B 110 -11.64 10.83 -31.53
N HIS B 111 -12.23 9.68 -31.21
CA HIS B 111 -13.59 9.40 -31.63
C HIS B 111 -14.63 10.00 -30.67
N GLN B 112 -14.16 10.58 -29.58
CA GLN B 112 -15.01 11.30 -28.64
C GLN B 112 -16.16 10.43 -28.16
N GLY B 113 -15.91 9.14 -28.04
CA GLY B 113 -16.91 8.16 -27.65
C GLY B 113 -17.61 8.41 -26.33
N PRO B 114 -16.83 8.50 -25.23
CA PRO B 114 -17.38 8.78 -23.90
C PRO B 114 -18.24 10.03 -23.88
N LYS B 115 -17.80 11.07 -24.57
CA LYS B 115 -18.55 12.33 -24.63
C LYS B 115 -19.92 12.10 -25.25
N ARG B 116 -19.95 11.36 -26.35
CA ARG B 116 -21.20 11.07 -27.04
C ARG B 116 -22.14 10.23 -26.19
N ALA B 117 -21.56 9.34 -25.38
CA ALA B 117 -22.34 8.51 -24.48
C ALA B 117 -23.13 9.38 -23.51
N ARG B 118 -22.48 10.43 -23.01
CA ARG B 118 -23.11 11.35 -22.08
C ARG B 118 -24.23 12.16 -22.74
N GLU B 119 -24.02 12.54 -24.00
CA GLU B 119 -24.89 13.48 -24.67
C GLU B 119 -26.03 12.81 -25.44
N SER B 120 -26.09 11.48 -25.37
CA SER B 120 -27.07 10.76 -26.15
C SER B 120 -27.81 9.69 -25.33
N GLN B 121 -27.99 9.95 -24.05
CA GLN B 121 -28.72 9.01 -23.19
C GLN B 121 -30.21 9.01 -23.55
N ASP B 122 -30.62 10.03 -24.30
CA ASP B 122 -32.00 10.13 -24.77
C ASP B 122 -32.19 9.25 -26.00
N ARG B 123 -31.07 8.87 -26.61
CA ARG B 123 -31.09 8.00 -27.78
C ARG B 123 -30.02 6.92 -27.68
N LYS B 124 -30.19 5.99 -26.74
CA LYS B 124 -29.23 4.92 -26.51
C LYS B 124 -29.07 4.04 -27.75
N ILE B 125 -27.85 3.56 -27.97
CA ILE B 125 -27.49 2.92 -29.24
C ILE B 125 -28.14 1.58 -29.53
N PHE B 126 -28.50 0.84 -28.48
CA PHE B 126 -29.08 -0.48 -28.69
C PHE B 126 -30.58 -0.48 -28.43
N ARG B 127 -31.18 0.70 -28.50
CA ARG B 127 -32.61 0.84 -28.31
C ARG B 127 -33.37 0.06 -29.39
N GLY B 128 -34.26 -0.81 -28.95
CA GLY B 128 -35.07 -1.61 -29.86
C GLY B 128 -34.41 -2.90 -30.32
N LEU B 129 -33.35 -3.31 -29.63
CA LEU B 129 -32.67 -4.56 -29.97
C LEU B 129 -32.82 -5.62 -28.89
N GLU B 130 -32.94 -6.87 -29.30
CA GLU B 130 -32.94 -7.99 -28.37
C GLU B 130 -31.68 -8.83 -28.55
N ILE B 131 -30.84 -8.84 -27.52
CA ILE B 131 -29.52 -9.47 -27.63
C ILE B 131 -29.41 -10.71 -26.76
N CYS B 132 -28.95 -11.81 -27.37
CA CYS B 132 -28.65 -13.02 -26.63
C CYS B 132 -27.15 -13.30 -26.61
N CYS B 133 -26.56 -13.26 -25.41
CA CYS B 133 -25.14 -13.61 -25.24
C CYS B 133 -24.96 -15.11 -25.10
N TYR B 134 -24.66 -15.75 -26.21
CA TYR B 134 -24.55 -17.21 -26.27
C TYR B 134 -23.12 -17.62 -25.91
N GLY B 135 -22.95 -18.19 -24.72
CA GLY B 135 -21.64 -18.50 -24.18
C GLY B 135 -20.84 -19.46 -25.04
N PRO B 136 -19.56 -19.68 -24.70
CA PRO B 136 -18.85 -19.15 -23.53
C PRO B 136 -18.12 -17.85 -23.79
N PHE B 137 -17.47 -17.32 -22.75
CA PHE B 137 -16.68 -16.09 -22.85
C PHE B 137 -15.41 -16.16 -22.01
N THR B 138 -14.40 -15.41 -22.42
CA THR B 138 -13.12 -15.33 -21.71
C THR B 138 -12.79 -13.87 -21.35
N ASN B 139 -12.13 -13.68 -20.22
CA ASN B 139 -11.67 -12.36 -19.76
C ASN B 139 -12.78 -11.33 -19.55
N MET B 140 -14.03 -11.77 -19.63
CA MET B 140 -15.17 -10.90 -19.39
C MET B 140 -16.40 -11.74 -19.08
N PRO B 141 -16.84 -11.70 -17.82
CA PRO B 141 -18.03 -12.44 -17.36
C PRO B 141 -19.25 -12.15 -18.22
N THR B 142 -20.06 -13.18 -18.45
CA THR B 142 -21.25 -13.06 -19.28
C THR B 142 -22.24 -12.03 -18.73
N ASP B 143 -22.42 -12.02 -17.41
CA ASP B 143 -23.39 -11.12 -16.79
C ASP B 143 -22.97 -9.65 -16.85
N GLN B 144 -21.69 -9.41 -17.09
CA GLN B 144 -21.18 -8.05 -17.22
C GLN B 144 -21.41 -7.52 -18.63
N LEU B 145 -21.26 -8.41 -19.62
CA LEU B 145 -21.58 -8.07 -21.00
C LEU B 145 -23.06 -7.78 -21.13
N GLU B 146 -23.88 -8.57 -20.44
CA GLU B 146 -25.31 -8.35 -20.41
C GLU B 146 -25.67 -7.02 -19.75
N TRP B 147 -25.01 -6.70 -18.64
CA TRP B 147 -25.25 -5.42 -17.98
C TRP B 147 -24.84 -4.27 -18.89
N MET B 148 -23.80 -4.50 -19.69
CA MET B 148 -23.30 -3.49 -20.61
C MET B 148 -24.37 -3.08 -21.63
N VAL B 149 -24.95 -4.08 -22.31
CA VAL B 149 -25.93 -3.80 -23.36
C VAL B 149 -27.26 -3.26 -22.79
N GLN B 150 -27.59 -3.64 -21.56
CA GLN B 150 -28.78 -3.11 -20.88
C GLN B 150 -28.70 -1.59 -20.77
N LEU B 151 -27.53 -1.12 -20.35
CA LEU B 151 -27.28 0.31 -20.19
C LEU B 151 -27.36 1.04 -21.52
N CYS B 152 -27.19 0.29 -22.62
CA CYS B 152 -27.24 0.86 -23.96
C CYS B 152 -28.61 0.68 -24.61
N GLY B 153 -29.57 0.20 -23.83
CA GLY B 153 -30.95 0.12 -24.29
C GLY B 153 -31.37 -1.23 -24.86
N ALA B 154 -30.45 -2.19 -24.84
CA ALA B 154 -30.77 -3.51 -25.36
C ALA B 154 -31.59 -4.32 -24.36
N SER B 155 -32.36 -5.27 -24.89
CA SER B 155 -33.12 -6.22 -24.08
C SER B 155 -32.42 -7.58 -24.09
N VAL B 156 -32.04 -8.07 -22.91
CA VAL B 156 -31.27 -9.32 -22.81
C VAL B 156 -32.13 -10.58 -22.87
N VAL B 157 -31.74 -11.54 -23.70
CA VAL B 157 -32.41 -12.82 -23.83
C VAL B 157 -31.45 -13.97 -23.49
N LYS B 158 -31.82 -14.82 -22.53
CA LYS B 158 -30.91 -15.84 -22.02
C LYS B 158 -30.69 -17.03 -22.93
N GLU B 159 -31.75 -17.48 -23.59
CA GLU B 159 -31.67 -18.63 -24.48
C GLU B 159 -32.27 -18.33 -25.84
N LEU B 160 -31.78 -19.03 -26.87
CA LEU B 160 -32.19 -18.78 -28.24
C LEU B 160 -33.69 -18.90 -28.44
N SER B 161 -34.32 -19.82 -27.70
CA SER B 161 -35.75 -20.06 -27.83
C SER B 161 -36.60 -18.93 -27.23
N SER B 162 -35.99 -18.09 -26.41
CA SER B 162 -36.73 -17.08 -25.66
C SER B 162 -36.92 -15.79 -26.45
N PHE B 163 -36.49 -15.81 -27.71
CA PHE B 163 -36.61 -14.64 -28.58
C PHE B 163 -38.06 -14.24 -28.80
N THR B 164 -38.31 -12.92 -28.76
CA THR B 164 -39.65 -12.41 -28.98
C THR B 164 -40.07 -12.56 -30.44
N LEU B 165 -41.30 -12.98 -30.66
CA LEU B 165 -41.82 -13.14 -32.01
C LEU B 165 -42.64 -11.94 -32.45
N GLY B 166 -42.43 -11.55 -33.70
CA GLY B 166 -43.07 -10.39 -34.29
C GLY B 166 -42.19 -9.88 -35.41
N THR B 167 -42.77 -9.12 -36.33
CA THR B 167 -42.01 -8.57 -37.45
C THR B 167 -41.12 -7.40 -37.05
N GLY B 168 -41.55 -6.65 -36.03
CA GLY B 168 -40.88 -5.43 -35.62
C GLY B 168 -39.66 -5.56 -34.72
N VAL B 169 -39.47 -6.74 -34.14
CA VAL B 169 -38.37 -6.97 -33.21
C VAL B 169 -37.09 -7.37 -33.95
N HIS B 170 -35.95 -6.89 -33.47
CA HIS B 170 -34.66 -7.21 -34.06
C HIS B 170 -33.79 -8.03 -33.11
N PRO B 171 -33.79 -9.35 -33.27
CA PRO B 171 -32.98 -10.25 -32.43
C PRO B 171 -31.54 -10.32 -32.93
N ILE B 172 -30.57 -10.39 -32.01
CA ILE B 172 -29.17 -10.51 -32.37
C ILE B 172 -28.45 -11.44 -31.40
N VAL B 173 -27.71 -12.41 -31.95
CA VAL B 173 -26.91 -13.32 -31.13
C VAL B 173 -25.44 -12.94 -31.15
N VAL B 174 -24.88 -12.69 -29.97
CA VAL B 174 -23.47 -12.30 -29.84
C VAL B 174 -22.64 -13.37 -29.17
N VAL B 175 -21.59 -13.83 -29.85
CA VAL B 175 -20.71 -14.87 -29.30
C VAL B 175 -19.23 -14.52 -29.45
N GLN B 176 -18.39 -15.25 -28.72
CA GLN B 176 -16.94 -15.11 -28.81
C GLN B 176 -16.30 -16.41 -29.27
N PRO B 177 -16.00 -16.51 -30.58
CA PRO B 177 -15.47 -17.73 -31.20
C PRO B 177 -14.20 -18.26 -30.55
N ASP B 178 -13.37 -17.38 -30.01
CA ASP B 178 -12.14 -17.78 -29.34
C ASP B 178 -12.40 -18.67 -28.14
N ALA B 179 -13.49 -18.39 -27.41
CA ALA B 179 -13.80 -19.09 -26.17
C ALA B 179 -14.18 -20.54 -26.41
N TRP B 180 -14.63 -20.84 -27.63
CA TRP B 180 -15.07 -22.18 -27.96
C TRP B 180 -13.90 -23.15 -28.11
N THR B 181 -14.04 -24.30 -27.45
CA THR B 181 -13.03 -25.35 -27.52
C THR B 181 -13.72 -26.67 -27.83
N GLU B 182 -13.03 -27.56 -28.54
CA GLU B 182 -13.57 -28.87 -28.93
C GLU B 182 -14.84 -28.77 -29.76
N ASP B 183 -15.12 -27.58 -30.27
CA ASP B 183 -16.34 -27.37 -31.04
C ASP B 183 -16.21 -26.27 -32.07
N ASN B 184 -16.90 -26.46 -33.20
CA ASN B 184 -17.08 -25.38 -34.16
C ASN B 184 -18.54 -24.95 -34.16
N GLY B 185 -19.18 -25.06 -33.00
CA GLY B 185 -20.62 -24.91 -32.90
C GLY B 185 -21.21 -23.56 -33.24
N PHE B 186 -20.38 -22.52 -33.25
CA PHE B 186 -20.87 -21.17 -33.54
C PHE B 186 -21.23 -21.00 -35.01
N HIS B 187 -20.85 -21.97 -35.84
CA HIS B 187 -21.26 -21.97 -37.25
C HIS B 187 -22.64 -22.57 -37.40
N ALA B 188 -23.22 -23.05 -36.30
CA ALA B 188 -24.48 -23.78 -36.33
C ALA B 188 -25.61 -23.04 -35.62
N ILE B 189 -25.31 -21.88 -35.03
CA ILE B 189 -26.30 -21.14 -34.27
C ILE B 189 -27.46 -20.68 -35.16
N GLY B 190 -27.14 -20.34 -36.40
CA GLY B 190 -28.13 -19.93 -37.38
C GLY B 190 -29.17 -21.00 -37.65
N GLN B 191 -28.81 -22.24 -37.35
CA GLN B 191 -29.68 -23.38 -37.53
C GLN B 191 -30.75 -23.49 -36.45
N MET B 192 -30.50 -22.89 -35.29
CA MET B 192 -31.42 -23.00 -34.17
C MET B 192 -32.41 -21.84 -34.08
N CYS B 193 -32.09 -20.73 -34.74
CA CYS B 193 -32.98 -19.59 -34.75
C CYS B 193 -32.73 -18.74 -35.99
N GLU B 194 -33.69 -17.88 -36.31
CA GLU B 194 -33.59 -17.00 -37.46
C GLU B 194 -33.19 -15.60 -37.02
N ALA B 195 -31.90 -15.42 -36.76
CA ALA B 195 -31.38 -14.15 -36.27
C ALA B 195 -29.91 -14.01 -36.64
N PRO B 196 -29.44 -12.77 -36.82
CA PRO B 196 -28.03 -12.54 -37.15
C PRO B 196 -27.09 -12.99 -36.04
N VAL B 197 -25.93 -13.50 -36.43
CA VAL B 197 -24.92 -13.92 -35.47
C VAL B 197 -23.65 -13.09 -35.65
N VAL B 198 -23.28 -12.36 -34.60
CA VAL B 198 -22.11 -11.50 -34.68
C VAL B 198 -21.15 -11.74 -33.53
N THR B 199 -19.90 -11.31 -33.69
CA THR B 199 -18.87 -11.45 -32.67
C THR B 199 -19.06 -10.44 -31.56
N ARG B 200 -18.40 -10.68 -30.43
CA ARG B 200 -18.44 -9.76 -29.30
C ARG B 200 -17.86 -8.39 -29.67
N GLU B 201 -16.96 -8.39 -30.65
CA GLU B 201 -16.35 -7.15 -31.12
C GLU B 201 -17.39 -6.18 -31.67
N TRP B 202 -18.54 -6.69 -32.11
CA TRP B 202 -19.60 -5.81 -32.56
C TRP B 202 -20.12 -4.95 -31.42
N VAL B 203 -20.35 -5.59 -30.28
CA VAL B 203 -20.83 -4.89 -29.09
C VAL B 203 -19.77 -3.92 -28.61
N LEU B 204 -18.56 -4.44 -28.43
CA LEU B 204 -17.45 -3.65 -27.90
C LEU B 204 -17.16 -2.41 -28.73
N ASP B 205 -17.11 -2.56 -30.05
CA ASP B 205 -16.85 -1.44 -30.95
C ASP B 205 -17.99 -0.44 -30.89
N SER B 206 -19.22 -0.95 -30.85
CA SER B 206 -20.39 -0.08 -30.81
C SER B 206 -20.41 0.74 -29.53
N VAL B 207 -20.05 0.12 -28.41
CA VAL B 207 -20.05 0.80 -27.12
C VAL B 207 -18.99 1.90 -27.06
N ALA B 208 -17.77 1.58 -27.47
CA ALA B 208 -16.64 2.52 -27.43
C ALA B 208 -16.90 3.79 -28.25
N LEU B 209 -17.59 3.63 -29.38
CA LEU B 209 -17.89 4.75 -30.25
C LEU B 209 -19.23 5.36 -29.87
N TYR B 210 -19.95 4.64 -29.00
CA TYR B 210 -21.37 4.88 -28.72
C TYR B 210 -22.17 5.22 -29.96
N GLN B 211 -22.08 4.33 -30.95
CA GLN B 211 -22.92 4.39 -32.14
C GLN B 211 -23.02 2.98 -32.72
N CYS B 212 -24.24 2.55 -33.01
CA CYS B 212 -24.48 1.17 -33.42
C CYS B 212 -23.85 0.85 -34.76
N GLN B 213 -22.87 -0.05 -34.75
CA GLN B 213 -22.15 -0.43 -35.95
C GLN B 213 -22.97 -1.39 -36.83
N GLU B 214 -22.63 -1.41 -38.11
CA GLU B 214 -23.26 -2.33 -39.05
C GLU B 214 -22.81 -3.75 -38.73
N LEU B 215 -23.76 -4.68 -38.75
CA LEU B 215 -23.47 -6.06 -38.40
C LEU B 215 -22.62 -6.76 -39.45
N ASP B 216 -22.57 -6.18 -40.65
CA ASP B 216 -21.96 -6.81 -41.82
C ASP B 216 -20.57 -7.42 -41.58
N THR B 217 -19.67 -6.62 -41.02
CA THR B 217 -18.30 -7.07 -40.83
C THR B 217 -18.15 -8.00 -39.63
N TYR B 218 -19.14 -7.98 -38.74
CA TYR B 218 -19.03 -8.76 -37.51
C TYR B 218 -19.80 -10.05 -37.63
N LEU B 219 -20.42 -10.26 -38.80
CA LEU B 219 -21.27 -11.42 -38.99
C LEU B 219 -20.41 -12.67 -39.03
N ILE B 220 -20.87 -13.71 -38.36
CA ILE B 220 -20.16 -14.98 -38.37
C ILE B 220 -20.80 -15.92 -39.38
N PRO B 221 -19.98 -16.41 -40.32
CA PRO B 221 -20.41 -17.31 -41.39
C PRO B 221 -21.03 -18.57 -40.81
N GLN B 222 -22.18 -18.96 -41.36
CA GLN B 222 -22.89 -20.12 -40.85
C GLN B 222 -22.77 -21.34 -41.76
N ILE B 223 -23.18 -22.47 -41.22
CA ILE B 223 -23.24 -23.71 -41.98
C ILE B 223 -24.68 -24.16 -42.15
N PRO B 224 -25.12 -24.33 -43.41
CA PRO B 224 -26.49 -24.79 -43.68
C PRO B 224 -26.72 -26.22 -43.19
N VAL C 11 -30.50 -14.30 -42.73
CA VAL C 11 -29.70 -13.37 -43.51
C VAL C 11 -28.27 -13.24 -42.96
N ASN C 12 -27.63 -14.38 -42.72
CA ASN C 12 -26.23 -14.39 -42.30
C ASN C 12 -25.28 -14.80 -43.40
N LYS C 13 -24.02 -14.44 -43.26
CA LYS C 13 -22.99 -14.85 -44.21
C LYS C 13 -22.91 -16.37 -44.20
N ARG C 14 -22.52 -16.97 -45.32
CA ARG C 14 -22.41 -18.42 -45.39
C ARG C 14 -20.95 -18.80 -45.55
N MET C 15 -20.49 -19.77 -44.77
CA MET C 15 -19.10 -20.18 -44.83
C MET C 15 -18.80 -20.82 -46.18
N SER C 16 -17.69 -20.43 -46.77
CA SER C 16 -17.28 -20.93 -48.08
C SER C 16 -15.76 -20.94 -48.21
N MET C 17 -15.20 -22.09 -48.56
CA MET C 17 -13.75 -22.27 -48.56
C MET C 17 -13.11 -22.35 -49.94
N VAL C 18 -11.86 -21.92 -49.99
CA VAL C 18 -10.96 -22.25 -51.09
C VAL C 18 -9.67 -22.77 -50.47
N VAL C 19 -8.94 -23.58 -51.22
CA VAL C 19 -7.69 -24.12 -50.72
C VAL C 19 -6.55 -23.67 -51.61
N SER C 20 -5.33 -23.71 -51.09
CA SER C 20 -4.17 -23.27 -51.84
C SER C 20 -2.90 -23.97 -51.38
N GLY C 21 -2.10 -24.42 -52.34
CA GLY C 21 -0.82 -25.03 -52.05
C GLY C 21 -0.93 -26.49 -51.71
N LEU C 22 -2.10 -27.06 -51.91
CA LEU C 22 -2.30 -28.47 -51.59
C LEU C 22 -2.03 -29.35 -52.80
N THR C 23 -1.43 -30.50 -52.55
CA THR C 23 -1.25 -31.53 -53.56
C THR C 23 -2.62 -32.11 -53.91
N PRO C 24 -2.74 -32.73 -55.10
CA PRO C 24 -4.01 -33.35 -55.48
C PRO C 24 -4.52 -34.31 -54.41
N GLU C 25 -3.66 -35.19 -53.89
CA GLU C 25 -4.06 -36.16 -52.88
C GLU C 25 -4.53 -35.49 -51.58
N GLU C 26 -3.90 -34.37 -51.21
CA GLU C 26 -4.31 -33.63 -50.02
C GLU C 26 -5.70 -33.00 -50.17
N PHE C 27 -5.99 -32.53 -51.39
CA PHE C 27 -7.25 -31.86 -51.71
C PHE C 27 -8.47 -32.74 -51.45
N MET C 28 -8.29 -34.03 -51.70
CA MET C 28 -9.37 -34.99 -51.63
C MET C 28 -9.96 -35.12 -50.24
N LEU C 29 -9.09 -35.02 -49.24
CA LEU C 29 -9.50 -35.09 -47.85
C LEU C 29 -10.41 -33.91 -47.51
N VAL C 30 -10.10 -32.75 -48.08
CA VAL C 30 -10.91 -31.55 -47.88
C VAL C 30 -12.29 -31.66 -48.54
N TYR C 31 -12.34 -32.26 -49.72
CA TYR C 31 -13.60 -32.43 -50.43
C TYR C 31 -14.59 -33.29 -49.67
N LYS C 32 -14.12 -34.45 -49.24
CA LYS C 32 -14.91 -35.38 -48.46
C LYS C 32 -15.30 -34.76 -47.13
N PHE C 33 -14.37 -33.98 -46.57
CA PHE C 33 -14.59 -33.29 -45.31
C PHE C 33 -15.72 -32.27 -45.44
N ALA C 34 -15.63 -31.43 -46.48
CA ALA C 34 -16.59 -30.37 -46.73
C ALA C 34 -17.97 -30.95 -47.01
N ARG C 35 -17.98 -32.09 -47.69
CA ARG C 35 -19.22 -32.79 -47.98
C ARG C 35 -19.92 -33.28 -46.72
N LYS C 36 -19.15 -33.88 -45.82
CA LYS C 36 -19.71 -34.45 -44.60
C LYS C 36 -20.35 -33.37 -43.73
N HIS C 37 -19.68 -32.23 -43.60
CA HIS C 37 -20.20 -31.13 -42.78
C HIS C 37 -20.82 -30.02 -43.61
N HIS C 38 -21.35 -30.40 -44.76
CA HIS C 38 -22.10 -29.51 -45.66
C HIS C 38 -21.47 -28.13 -45.84
N ILE C 39 -20.15 -28.10 -45.99
CA ILE C 39 -19.43 -26.84 -46.16
C ILE C 39 -19.22 -26.49 -47.62
N THR C 40 -19.49 -25.24 -47.98
CA THR C 40 -19.26 -24.76 -49.33
C THR C 40 -17.78 -24.75 -49.67
N LEU C 41 -17.42 -25.32 -50.81
CA LEU C 41 -16.02 -25.41 -51.22
C LEU C 41 -15.84 -25.15 -52.72
N THR C 42 -15.11 -24.09 -53.05
CA THR C 42 -14.88 -23.71 -54.45
C THR C 42 -13.40 -23.72 -54.79
N ASN C 43 -13.10 -23.67 -56.09
CA ASN C 43 -11.71 -23.66 -56.54
C ASN C 43 -11.23 -22.26 -56.88
N LEU C 44 -12.16 -21.32 -56.99
CA LEU C 44 -11.79 -19.92 -57.22
C LEU C 44 -12.34 -19.02 -56.13
N ILE C 45 -11.49 -18.11 -55.65
CA ILE C 45 -11.82 -17.25 -54.52
C ILE C 45 -12.56 -15.97 -54.91
N THR C 46 -13.63 -15.68 -54.19
CA THR C 46 -14.46 -14.51 -54.45
C THR C 46 -14.69 -13.75 -53.15
N GLU C 47 -15.46 -12.66 -53.23
CA GLU C 47 -15.78 -11.87 -52.06
C GLU C 47 -16.58 -12.68 -51.04
N GLU C 48 -17.34 -13.66 -51.53
CA GLU C 48 -18.15 -14.50 -50.67
C GLU C 48 -17.33 -15.53 -49.92
N THR C 49 -16.11 -15.79 -50.40
CA THR C 49 -15.21 -16.74 -49.76
C THR C 49 -14.87 -16.24 -48.36
N THR C 50 -14.98 -17.11 -47.36
CA THR C 50 -14.72 -16.71 -45.98
C THR C 50 -13.47 -17.36 -45.42
N HIS C 51 -13.12 -18.52 -45.95
CA HIS C 51 -11.97 -19.26 -45.46
C HIS C 51 -10.97 -19.66 -46.55
N VAL C 52 -9.69 -19.48 -46.25
CA VAL C 52 -8.62 -19.93 -47.14
C VAL C 52 -7.74 -20.91 -46.40
N VAL C 53 -7.68 -22.16 -46.88
CA VAL C 53 -6.92 -23.21 -46.21
C VAL C 53 -5.57 -23.40 -46.90
N MET C 54 -4.50 -23.09 -46.17
CA MET C 54 -3.15 -23.14 -46.71
C MET C 54 -2.39 -24.36 -46.23
N LYS C 55 -1.54 -24.92 -47.08
CA LYS C 55 -0.63 -25.97 -46.64
C LYS C 55 0.55 -25.35 -45.89
N THR C 56 0.70 -25.74 -44.62
CA THR C 56 1.74 -25.18 -43.76
C THR C 56 2.53 -26.28 -43.06
N ASP C 57 3.55 -25.89 -42.31
CA ASP C 57 4.27 -26.83 -41.46
C ASP C 57 3.64 -26.88 -40.07
N ALA C 58 4.31 -27.54 -39.14
CA ALA C 58 3.79 -27.72 -37.78
C ALA C 58 3.67 -26.40 -37.05
N GLU C 59 4.46 -25.42 -37.49
CA GLU C 59 4.46 -24.11 -36.85
C GLU C 59 3.61 -23.12 -37.66
N PHE C 60 2.78 -23.68 -38.54
CA PHE C 60 1.81 -22.91 -39.32
C PHE C 60 2.47 -21.84 -40.21
N VAL C 61 3.48 -22.25 -40.96
CA VAL C 61 4.14 -21.35 -41.91
C VAL C 61 3.96 -21.89 -43.32
N CYS C 62 3.53 -21.02 -44.22
CA CYS C 62 3.17 -21.44 -45.58
C CYS C 62 4.01 -20.80 -46.67
N GLU C 63 3.71 -21.17 -47.91
CA GLU C 63 4.30 -20.53 -49.07
C GLU C 63 3.41 -19.33 -49.42
N ARG C 64 3.93 -18.39 -50.19
CA ARG C 64 3.12 -17.24 -50.60
C ARG C 64 2.43 -17.51 -51.94
N THR C 65 1.13 -17.72 -51.90
CA THR C 65 0.36 -17.97 -53.12
C THR C 65 -0.59 -16.81 -53.41
N LEU C 66 -1.19 -16.81 -54.60
CA LEU C 66 -2.14 -15.77 -54.97
C LEU C 66 -3.34 -15.80 -54.04
N LYS C 67 -3.80 -17.01 -53.74
CA LYS C 67 -4.95 -17.19 -52.87
C LYS C 67 -4.61 -16.76 -51.45
N TYR C 68 -3.33 -16.87 -51.11
CA TYR C 68 -2.82 -16.42 -49.82
C TYR C 68 -2.93 -14.90 -49.67
N PHE C 69 -2.45 -14.16 -50.68
CA PHE C 69 -2.52 -12.70 -50.66
C PHE C 69 -3.97 -12.26 -50.65
N LEU C 70 -4.77 -12.85 -51.53
CA LEU C 70 -6.18 -12.49 -51.67
C LEU C 70 -6.97 -12.78 -50.39
N GLY C 71 -6.55 -13.81 -49.67
CA GLY C 71 -7.18 -14.16 -48.41
C GLY C 71 -6.96 -13.08 -47.37
N ILE C 72 -5.72 -12.61 -47.25
CA ILE C 72 -5.38 -11.56 -46.30
C ILE C 72 -6.00 -10.21 -46.68
N ALA C 73 -5.89 -9.84 -47.95
CA ALA C 73 -6.39 -8.56 -48.44
C ALA C 73 -7.86 -8.38 -48.11
N GLY C 74 -8.62 -9.48 -48.15
CA GLY C 74 -10.03 -9.45 -47.84
C GLY C 74 -10.28 -9.64 -46.36
N GLY C 75 -9.20 -9.77 -45.59
CA GLY C 75 -9.29 -9.92 -44.15
C GLY C 75 -10.00 -11.18 -43.74
N LYS C 76 -9.89 -12.20 -44.58
CA LYS C 76 -10.59 -13.45 -44.35
C LYS C 76 -9.79 -14.37 -43.43
N TRP C 77 -10.46 -15.36 -42.85
CA TRP C 77 -9.80 -16.31 -41.97
C TRP C 77 -8.92 -17.25 -42.77
N VAL C 78 -7.61 -17.18 -42.51
CA VAL C 78 -6.63 -18.00 -43.20
C VAL C 78 -6.08 -19.07 -42.26
N VAL C 79 -6.42 -20.33 -42.53
CA VAL C 79 -6.08 -21.43 -41.62
C VAL C 79 -5.28 -22.53 -42.32
N SER C 80 -4.62 -23.35 -41.51
CA SER C 80 -3.77 -24.43 -42.02
C SER C 80 -4.53 -25.68 -42.42
N TYR C 81 -3.96 -26.43 -43.36
CA TYR C 81 -4.52 -27.69 -43.80
C TYR C 81 -4.57 -28.68 -42.64
N PHE C 82 -3.73 -28.46 -41.64
CA PHE C 82 -3.68 -29.33 -40.47
C PHE C 82 -4.96 -29.27 -39.66
N TRP C 83 -5.78 -28.24 -39.90
CA TRP C 83 -7.09 -28.16 -39.27
C TRP C 83 -8.01 -29.28 -39.71
N VAL C 84 -7.89 -29.67 -40.97
CA VAL C 84 -8.70 -30.74 -41.51
C VAL C 84 -8.21 -32.07 -40.97
N THR C 85 -6.93 -32.33 -41.16
CA THR C 85 -6.34 -33.62 -40.80
C THR C 85 -6.47 -33.90 -39.31
N GLN C 86 -6.35 -32.86 -38.50
CA GLN C 86 -6.46 -33.02 -37.06
C GLN C 86 -7.92 -33.26 -36.67
N SER C 87 -8.84 -32.55 -37.33
CA SER C 87 -10.26 -32.70 -37.07
C SER C 87 -10.77 -34.10 -37.44
N ILE C 88 -10.20 -34.65 -38.51
CA ILE C 88 -10.50 -36.02 -38.92
C ILE C 88 -9.97 -37.00 -37.89
N LYS C 89 -8.76 -36.73 -37.42
CA LYS C 89 -8.10 -37.57 -36.42
C LYS C 89 -8.94 -37.69 -35.15
N GLU C 90 -9.67 -36.63 -34.83
CA GLU C 90 -10.48 -36.58 -33.62
C GLU C 90 -11.97 -36.68 -33.95
N ARG C 91 -12.30 -36.75 -35.24
CA ARG C 91 -13.67 -36.89 -35.73
C ARG C 91 -14.61 -35.79 -35.23
N LYS C 92 -14.04 -34.63 -34.92
CA LYS C 92 -14.82 -33.46 -34.51
C LYS C 92 -14.66 -32.31 -35.48
N MET C 93 -15.39 -31.25 -35.18
CA MET C 93 -15.21 -29.98 -35.86
C MET C 93 -14.44 -29.08 -34.92
N LEU C 94 -13.12 -29.21 -34.95
CA LEU C 94 -12.29 -28.44 -34.04
C LEU C 94 -12.40 -26.98 -34.36
N ASN C 95 -12.02 -26.12 -33.41
CA ASN C 95 -12.16 -24.70 -33.64
C ASN C 95 -11.07 -24.26 -34.61
N GLU C 96 -11.49 -23.67 -35.72
CA GLU C 96 -10.60 -23.31 -36.81
C GLU C 96 -9.59 -22.23 -36.40
N HIS C 97 -10.09 -21.21 -35.71
CA HIS C 97 -9.29 -20.06 -35.28
C HIS C 97 -7.95 -20.44 -34.63
N ASP C 98 -7.93 -21.59 -33.96
CA ASP C 98 -6.71 -22.08 -33.31
C ASP C 98 -5.62 -22.44 -34.32
N PHE C 99 -5.98 -22.56 -35.59
CA PHE C 99 -5.03 -23.01 -36.60
C PHE C 99 -4.69 -21.91 -37.59
N GLU C 100 -4.87 -20.67 -37.16
CA GLU C 100 -4.54 -19.52 -38.00
C GLU C 100 -3.05 -19.52 -38.31
N VAL C 101 -2.70 -19.32 -39.59
CA VAL C 101 -1.29 -19.32 -39.97
C VAL C 101 -0.60 -18.09 -39.40
N ARG C 102 0.64 -18.27 -38.95
CA ARG C 102 1.33 -17.25 -38.17
C ARG C 102 2.28 -16.41 -39.04
N GLY C 103 2.75 -17.01 -40.14
CA GLY C 103 3.63 -16.30 -41.05
C GLY C 103 3.99 -17.10 -42.29
N ASP C 104 4.94 -16.58 -43.06
CA ASP C 104 5.40 -17.26 -44.27
C ASP C 104 6.92 -17.24 -44.36
N VAL C 105 7.46 -18.01 -45.30
CA VAL C 105 8.91 -18.20 -45.42
C VAL C 105 9.63 -17.03 -46.09
N VAL C 106 8.90 -15.95 -46.37
CA VAL C 106 9.48 -14.81 -47.05
C VAL C 106 9.57 -13.60 -46.12
N ASN C 107 8.46 -13.26 -45.47
CA ASN C 107 8.39 -12.04 -44.69
C ASN C 107 8.47 -12.26 -43.18
N GLY C 108 8.56 -13.51 -42.75
CA GLY C 108 8.68 -13.81 -41.33
C GLY C 108 7.79 -14.95 -40.88
N ARG C 109 8.26 -15.73 -39.90
CA ARG C 109 7.55 -16.91 -39.45
C ARG C 109 6.45 -16.66 -38.41
N ASN C 110 6.37 -15.45 -37.88
CA ASN C 110 5.35 -15.14 -36.89
C ASN C 110 4.97 -13.65 -36.88
N HIS C 111 4.74 -13.09 -38.06
CA HIS C 111 4.43 -11.67 -38.15
C HIS C 111 2.94 -11.40 -37.91
N GLN C 112 2.18 -12.48 -37.74
CA GLN C 112 0.76 -12.41 -37.39
C GLN C 112 -0.02 -11.56 -38.39
N GLY C 113 0.38 -11.63 -39.65
CA GLY C 113 -0.23 -10.87 -40.73
C GLY C 113 -1.73 -11.05 -40.87
N PRO C 114 -2.18 -12.31 -41.07
CA PRO C 114 -3.62 -12.60 -41.15
C PRO C 114 -4.39 -12.08 -39.94
N LYS C 115 -3.84 -12.25 -38.75
CA LYS C 115 -4.49 -11.76 -37.54
C LYS C 115 -4.62 -10.25 -37.58
N ARG C 116 -3.54 -9.57 -37.97
CA ARG C 116 -3.53 -8.12 -38.05
C ARG C 116 -4.49 -7.64 -39.13
N ALA C 117 -4.58 -8.40 -40.21
CA ALA C 117 -5.48 -8.07 -41.32
C ALA C 117 -6.95 -8.03 -40.89
N ARG C 118 -7.33 -9.01 -40.08
CA ARG C 118 -8.71 -9.07 -39.58
C ARG C 118 -9.03 -7.95 -38.61
N GLU C 119 -8.04 -7.58 -37.80
CA GLU C 119 -8.27 -6.68 -36.68
C GLU C 119 -8.08 -5.21 -37.07
N SER C 120 -7.78 -4.98 -38.35
CA SER C 120 -7.51 -3.61 -38.80
C SER C 120 -8.23 -3.27 -40.10
N GLN C 121 -9.40 -3.84 -40.32
CA GLN C 121 -10.18 -3.54 -41.51
C GLN C 121 -10.75 -2.13 -41.48
N ASP C 122 -10.71 -1.49 -40.31
CA ASP C 122 -11.17 -0.11 -40.19
C ASP C 122 -10.10 0.85 -40.68
N ARG C 123 -8.87 0.35 -40.80
CA ARG C 123 -7.76 1.16 -41.26
C ARG C 123 -6.89 0.42 -42.28
N LYS C 124 -7.44 0.18 -43.46
CA LYS C 124 -6.75 -0.56 -44.52
C LYS C 124 -5.46 0.12 -44.97
N ILE C 125 -4.47 -0.69 -45.33
CA ILE C 125 -3.09 -0.21 -45.53
C ILE C 125 -2.83 0.68 -46.75
N PHE C 126 -3.62 0.53 -47.81
CA PHE C 126 -3.37 1.31 -49.03
C PHE C 126 -4.38 2.43 -49.22
N ARG C 127 -5.02 2.83 -48.13
CA ARG C 127 -6.00 3.92 -48.17
C ARG C 127 -5.37 5.22 -48.63
N GLY C 128 -5.97 5.86 -49.63
CA GLY C 128 -5.49 7.13 -50.12
C GLY C 128 -4.41 7.06 -51.18
N LEU C 129 -4.25 5.88 -51.80
CA LEU C 129 -3.24 5.69 -52.83
C LEU C 129 -3.85 5.47 -54.22
N GLU C 130 -3.18 5.98 -55.25
CA GLU C 130 -3.58 5.72 -56.63
C GLU C 130 -2.54 4.83 -57.30
N ILE C 131 -2.92 3.60 -57.61
CA ILE C 131 -1.98 2.62 -58.14
C ILE C 131 -2.28 2.22 -59.57
N CYS C 132 -1.26 2.28 -60.41
CA CYS C 132 -1.36 1.77 -61.78
C CYS C 132 -0.47 0.54 -61.90
N CYS C 133 -1.09 -0.60 -62.13
CA CYS C 133 -0.32 -1.82 -62.36
C CYS C 133 0.11 -1.80 -63.81
N TYR C 134 1.33 -1.31 -64.03
CA TYR C 134 1.83 -1.08 -65.37
C TYR C 134 2.46 -2.37 -65.90
N GLY C 135 1.74 -3.03 -66.81
CA GLY C 135 2.11 -4.34 -67.31
C GLY C 135 3.46 -4.42 -67.99
N PRO C 136 3.91 -5.64 -68.31
CA PRO C 136 3.18 -6.89 -68.10
C PRO C 136 3.48 -7.56 -66.75
N PHE C 137 2.83 -8.69 -66.49
CA PHE C 137 3.07 -9.43 -65.25
C PHE C 137 3.06 -10.92 -65.53
N THR C 138 3.78 -11.69 -64.70
CA THR C 138 3.84 -13.14 -64.86
C THR C 138 3.39 -13.88 -63.60
N ASN C 139 2.78 -15.05 -63.81
CA ASN C 139 2.33 -15.94 -62.73
C ASN C 139 1.28 -15.30 -61.80
N MET C 140 0.80 -14.13 -62.18
CA MET C 140 -0.24 -13.43 -61.44
C MET C 140 -0.90 -12.42 -62.36
N PRO C 141 -2.16 -12.70 -62.75
CA PRO C 141 -2.96 -11.84 -63.62
C PRO C 141 -3.04 -10.40 -63.13
N THR C 142 -3.05 -9.46 -64.06
CA THR C 142 -3.12 -8.03 -63.75
C THR C 142 -4.39 -7.66 -62.99
N ASP C 143 -5.53 -8.24 -63.39
CA ASP C 143 -6.80 -7.91 -62.75
C ASP C 143 -6.89 -8.43 -61.32
N GLN C 144 -6.04 -9.40 -60.98
CA GLN C 144 -6.00 -9.97 -59.64
C GLN C 144 -5.15 -9.08 -58.73
N LEU C 145 -4.07 -8.54 -59.28
CA LEU C 145 -3.24 -7.60 -58.56
C LEU C 145 -4.02 -6.31 -58.30
N GLU C 146 -4.79 -5.89 -59.30
CA GLU C 146 -5.65 -4.71 -59.16
C GLU C 146 -6.74 -4.96 -58.13
N TRP C 147 -7.34 -6.15 -58.16
CA TRP C 147 -8.36 -6.51 -57.19
C TRP C 147 -7.76 -6.57 -55.80
N MET C 148 -6.51 -7.03 -55.73
CA MET C 148 -5.81 -7.18 -54.47
C MET C 148 -5.67 -5.84 -53.73
N VAL C 149 -5.15 -4.84 -54.42
CA VAL C 149 -4.94 -3.54 -53.80
C VAL C 149 -6.26 -2.82 -53.53
N GLN C 150 -7.28 -3.12 -54.34
CA GLN C 150 -8.62 -2.61 -54.08
C GLN C 150 -9.09 -3.09 -52.71
N LEU C 151 -8.87 -4.37 -52.45
CA LEU C 151 -9.25 -4.98 -51.19
C LEU C 151 -8.47 -4.35 -50.04
N CYS C 152 -7.34 -3.74 -50.37
CA CYS C 152 -6.51 -3.06 -49.39
C CYS C 152 -6.77 -1.55 -49.41
N GLY C 153 -7.79 -1.14 -50.16
CA GLY C 153 -8.22 0.25 -50.13
C GLY C 153 -7.63 1.16 -51.18
N ALA C 154 -6.80 0.61 -52.07
CA ALA C 154 -6.17 1.41 -53.11
C ALA C 154 -7.14 1.72 -54.26
N SER C 155 -6.85 2.79 -54.98
CA SER C 155 -7.61 3.17 -56.17
C SER C 155 -6.88 2.76 -57.46
N VAL C 156 -7.51 1.91 -58.25
CA VAL C 156 -6.88 1.38 -59.45
C VAL C 156 -6.98 2.34 -60.64
N VAL C 157 -5.85 2.60 -61.29
CA VAL C 157 -5.79 3.44 -62.48
C VAL C 157 -5.20 2.66 -63.65
N LYS C 158 -5.92 2.58 -64.76
CA LYS C 158 -5.51 1.72 -65.88
C LYS C 158 -4.37 2.30 -66.71
N GLU C 159 -4.38 3.62 -66.90
CA GLU C 159 -3.35 4.27 -67.73
C GLU C 159 -2.67 5.43 -67.01
N LEU C 160 -1.40 5.67 -67.36
CA LEU C 160 -0.60 6.70 -66.70
C LEU C 160 -1.19 8.10 -66.81
N SER C 161 -1.83 8.39 -67.94
CA SER C 161 -2.40 9.71 -68.18
C SER C 161 -3.64 9.97 -67.32
N SER C 162 -4.19 8.91 -66.73
CA SER C 162 -5.45 9.01 -66.01
C SER C 162 -5.26 9.39 -64.53
N PHE C 163 -4.02 9.64 -64.15
CA PHE C 163 -3.71 10.03 -62.78
C PHE C 163 -4.35 11.36 -62.40
N THR C 164 -4.92 11.42 -61.19
CA THR C 164 -5.51 12.65 -60.69
C THR C 164 -4.43 13.66 -60.30
N LEU C 165 -4.64 14.92 -60.68
CA LEU C 165 -3.71 15.98 -60.32
C LEU C 165 -4.22 16.73 -59.10
N GLY C 166 -3.31 17.06 -58.20
CA GLY C 166 -3.66 17.70 -56.94
C GLY C 166 -2.62 17.46 -55.86
N THR C 167 -2.67 18.29 -54.82
CA THR C 167 -1.73 18.17 -53.71
C THR C 167 -2.07 16.97 -52.83
N GLY C 168 -3.35 16.64 -52.79
CA GLY C 168 -3.83 15.58 -51.91
C GLY C 168 -3.62 14.17 -52.44
N VAL C 169 -3.32 14.05 -53.73
CA VAL C 169 -3.17 12.74 -54.36
C VAL C 169 -1.76 12.18 -54.21
N HIS C 170 -1.67 10.89 -53.90
CA HIS C 170 -0.38 10.21 -53.81
C HIS C 170 -0.34 9.05 -54.81
N PRO C 171 0.22 9.29 -56.01
CA PRO C 171 0.31 8.28 -57.07
C PRO C 171 1.52 7.34 -56.97
N ILE C 172 1.31 6.07 -57.31
CA ILE C 172 2.39 5.08 -57.33
C ILE C 172 2.22 4.11 -58.50
N VAL C 173 3.31 3.90 -59.25
CA VAL C 173 3.33 2.95 -60.35
C VAL C 173 4.04 1.65 -59.95
N VAL C 174 3.35 0.53 -60.09
CA VAL C 174 3.91 -0.78 -59.74
C VAL C 174 4.16 -1.64 -60.97
N VAL C 175 5.41 -2.08 -61.14
CA VAL C 175 5.77 -2.93 -62.28
C VAL C 175 6.57 -4.16 -61.86
N GLN C 176 6.66 -5.13 -62.77
CA GLN C 176 7.45 -6.35 -62.56
C GLN C 176 8.52 -6.50 -63.64
N PRO C 177 9.77 -6.13 -63.32
CA PRO C 177 10.90 -6.15 -64.27
C PRO C 177 11.15 -7.49 -64.95
N ASP C 178 10.85 -8.59 -64.26
CA ASP C 178 11.02 -9.92 -64.84
C ASP C 178 10.16 -10.08 -66.07
N ALA C 179 8.96 -9.49 -66.05
CA ALA C 179 8.00 -9.64 -67.14
C ALA C 179 8.49 -8.94 -68.40
N TRP C 180 9.36 -7.95 -68.23
CA TRP C 180 9.84 -7.19 -69.38
C TRP C 180 10.85 -8.01 -70.19
N THR C 181 10.64 -8.05 -71.50
CA THR C 181 11.54 -8.76 -72.40
C THR C 181 11.90 -7.86 -73.57
N GLU C 182 13.14 -7.95 -74.03
CA GLU C 182 13.64 -7.15 -75.14
C GLU C 182 13.55 -5.66 -74.91
N ASP C 183 13.34 -5.26 -73.67
CA ASP C 183 13.20 -3.85 -73.33
C ASP C 183 13.63 -3.57 -71.89
N ASN C 184 14.23 -2.40 -71.66
CA ASN C 184 14.50 -1.89 -70.32
C ASN C 184 13.61 -0.69 -69.99
N GLY C 185 12.38 -0.69 -70.49
CA GLY C 185 11.51 0.47 -70.45
C GLY C 185 11.08 1.01 -69.10
N PHE C 186 11.22 0.21 -68.04
CA PHE C 186 10.80 0.62 -66.71
C PHE C 186 11.69 1.70 -66.10
N HIS C 187 12.84 1.94 -66.71
CA HIS C 187 13.72 3.04 -66.28
C HIS C 187 13.31 4.38 -66.87
N ALA C 188 12.29 4.37 -67.73
CA ALA C 188 11.91 5.56 -68.48
C ALA C 188 10.54 6.11 -68.10
N ILE C 189 9.87 5.43 -67.17
CA ILE C 189 8.52 5.80 -66.77
C ILE C 189 8.46 7.20 -66.14
N GLY C 190 9.54 7.58 -65.45
CA GLY C 190 9.63 8.89 -64.83
C GLY C 190 9.50 10.05 -65.80
N GLN C 191 9.77 9.78 -67.07
CA GLN C 191 9.65 10.79 -68.11
C GLN C 191 8.19 11.02 -68.52
N MET C 192 7.35 10.03 -68.26
CA MET C 192 5.96 10.11 -68.67
C MET C 192 5.04 10.61 -67.55
N CYS C 193 5.53 10.52 -66.32
CA CYS C 193 4.75 11.00 -65.19
C CYS C 193 5.61 11.37 -63.99
N GLU C 194 5.03 12.13 -63.06
CA GLU C 194 5.72 12.55 -61.85
C GLU C 194 5.26 11.69 -60.68
N ALA C 195 5.78 10.47 -60.61
CA ALA C 195 5.38 9.53 -59.57
C ALA C 195 6.45 8.47 -59.33
N PRO C 196 6.54 7.97 -58.09
CA PRO C 196 7.49 6.91 -57.75
C PRO C 196 7.19 5.61 -58.48
N VAL C 197 8.24 4.88 -58.84
CA VAL C 197 8.09 3.59 -59.50
C VAL C 197 8.68 2.50 -58.62
N VAL C 198 7.84 1.54 -58.23
CA VAL C 198 8.29 0.50 -57.33
C VAL C 198 7.98 -0.88 -57.86
N THR C 199 8.66 -1.88 -57.30
CA THR C 199 8.50 -3.27 -57.71
C THR C 199 7.19 -3.85 -57.20
N ARG C 200 6.77 -4.97 -57.78
CA ARG C 200 5.58 -5.69 -57.32
C ARG C 200 5.82 -6.18 -55.89
N GLU C 201 7.10 -6.39 -55.55
CA GLU C 201 7.48 -6.85 -54.21
C GLU C 201 7.06 -5.89 -53.10
N TRP C 202 6.89 -4.62 -53.44
CA TRP C 202 6.41 -3.65 -52.45
C TRP C 202 5.00 -4.02 -52.00
N VAL C 203 4.15 -4.32 -52.97
CA VAL C 203 2.78 -4.74 -52.69
C VAL C 203 2.75 -6.08 -51.95
N LEU C 204 3.45 -7.07 -52.50
CA LEU C 204 3.46 -8.41 -51.95
C LEU C 204 3.92 -8.42 -50.49
N ASP C 205 5.00 -7.69 -50.21
CA ASP C 205 5.51 -7.61 -48.85
C ASP C 205 4.50 -6.91 -47.95
N SER C 206 3.91 -5.83 -48.46
CA SER C 206 2.95 -5.04 -47.70
C SER C 206 1.70 -5.83 -47.33
N VAL C 207 1.20 -6.62 -48.27
CA VAL C 207 0.01 -7.42 -48.07
C VAL C 207 0.22 -8.53 -47.04
N ALA C 208 1.33 -9.26 -47.18
CA ALA C 208 1.63 -10.37 -46.28
C ALA C 208 1.72 -9.93 -44.82
N LEU C 209 2.27 -8.74 -44.60
CA LEU C 209 2.42 -8.20 -43.25
C LEU C 209 1.23 -7.35 -42.83
N TYR C 210 0.39 -7.03 -43.80
CA TYR C 210 -0.63 -5.99 -43.68
C TYR C 210 -0.10 -4.78 -42.93
N GLN C 211 1.01 -4.25 -43.42
CA GLN C 211 1.54 -2.98 -42.94
C GLN C 211 2.40 -2.35 -44.05
N CYS C 212 2.08 -1.10 -44.37
CA CYS C 212 2.66 -0.41 -45.53
C CYS C 212 4.15 -0.11 -45.38
N GLN C 213 4.96 -0.73 -46.23
CA GLN C 213 6.42 -0.59 -46.19
C GLN C 213 6.93 0.71 -46.83
N GLU C 214 8.14 1.13 -46.44
CA GLU C 214 8.81 2.28 -47.05
C GLU C 214 9.25 1.98 -48.49
N LEU C 215 9.03 2.95 -49.39
CA LEU C 215 9.34 2.75 -50.81
C LEU C 215 10.83 2.71 -51.14
N ASP C 216 11.68 3.23 -50.26
CA ASP C 216 13.11 3.40 -50.53
C ASP C 216 13.79 2.16 -51.12
N THR C 217 13.58 1.00 -50.49
CA THR C 217 14.25 -0.21 -50.93
C THR C 217 13.60 -0.79 -52.18
N TYR C 218 12.38 -0.36 -52.48
CA TYR C 218 11.65 -0.88 -53.63
C TYR C 218 11.69 0.09 -54.81
N LEU C 219 12.38 1.22 -54.64
CA LEU C 219 12.39 2.24 -55.69
C LEU C 219 13.17 1.74 -56.90
N ILE C 220 12.62 2.00 -58.08
CA ILE C 220 13.30 1.63 -59.32
C ILE C 220 13.98 2.86 -59.91
N PRO C 221 15.28 2.76 -60.13
CA PRO C 221 16.06 3.88 -60.67
C PRO C 221 15.54 4.32 -62.03
N GLN C 222 15.36 5.63 -62.22
CA GLN C 222 14.84 6.16 -63.48
C GLN C 222 15.88 6.87 -64.33
N ILE C 223 15.53 7.08 -65.59
CA ILE C 223 16.36 7.80 -66.54
C ILE C 223 15.67 9.10 -66.97
N PRO C 224 16.34 10.25 -66.75
CA PRO C 224 15.78 11.54 -67.14
C PRO C 224 15.63 11.67 -68.66
N VAL D 11 10.59 12.86 -56.12
CA VAL D 11 11.87 12.39 -56.63
C VAL D 11 12.09 10.90 -56.32
N ASN D 12 12.18 10.10 -57.38
CA ASN D 12 12.52 8.70 -57.26
C ASN D 12 13.98 8.52 -57.66
N LYS D 13 14.59 7.40 -57.28
CA LYS D 13 16.01 7.18 -57.54
C LYS D 13 16.36 7.31 -59.01
N ARG D 14 17.60 7.71 -59.27
CA ARG D 14 18.08 7.83 -60.65
C ARG D 14 19.19 6.81 -60.87
N MET D 15 19.28 6.26 -62.08
CA MET D 15 20.30 5.27 -62.39
C MET D 15 21.66 5.93 -62.33
N SER D 16 22.62 5.25 -61.70
CA SER D 16 24.00 5.74 -61.63
C SER D 16 24.90 4.53 -61.54
N MET D 17 25.83 4.43 -62.48
CA MET D 17 26.67 3.25 -62.58
C MET D 17 28.13 3.50 -62.21
N VAL D 18 28.76 2.45 -61.70
CA VAL D 18 30.20 2.41 -61.60
C VAL D 18 30.60 1.08 -62.24
N VAL D 19 31.81 1.02 -62.79
CA VAL D 19 32.27 -0.20 -63.45
C VAL D 19 33.52 -0.75 -62.77
N SER D 20 33.78 -2.03 -63.01
CA SER D 20 34.92 -2.70 -62.39
C SER D 20 35.42 -3.85 -63.25
N GLY D 21 36.73 -3.92 -63.43
CA GLY D 21 37.37 -5.00 -64.15
C GLY D 21 37.43 -4.81 -65.65
N LEU D 22 37.03 -3.62 -66.12
CA LEU D 22 37.05 -3.33 -67.55
C LEU D 22 38.33 -2.63 -67.99
N THR D 23 38.83 -2.99 -69.17
CA THR D 23 39.91 -2.26 -69.82
C THR D 23 39.38 -0.90 -70.26
N PRO D 24 40.27 0.09 -70.47
CA PRO D 24 39.85 1.42 -70.94
C PRO D 24 38.96 1.40 -72.19
N GLU D 25 39.33 0.62 -73.21
CA GLU D 25 38.56 0.58 -74.46
C GLU D 25 37.12 0.12 -74.23
N GLU D 26 36.95 -0.83 -73.32
CA GLU D 26 35.62 -1.32 -72.94
C GLU D 26 34.83 -0.23 -72.21
N PHE D 27 35.54 0.56 -71.40
CA PHE D 27 34.91 1.65 -70.65
C PHE D 27 34.30 2.67 -71.61
N MET D 28 34.99 2.91 -72.72
CA MET D 28 34.55 3.90 -73.70
C MET D 28 33.23 3.49 -74.33
N LEU D 29 33.05 2.18 -74.50
CA LEU D 29 31.81 1.64 -75.02
C LEU D 29 30.68 1.93 -74.03
N VAL D 30 30.98 1.84 -72.75
CA VAL D 30 30.03 2.17 -71.70
C VAL D 30 29.75 3.67 -71.66
N TYR D 31 30.79 4.48 -71.86
CA TYR D 31 30.67 5.94 -71.84
C TYR D 31 29.75 6.41 -72.96
N LYS D 32 30.02 5.92 -74.16
CA LYS D 32 29.21 6.23 -75.34
C LYS D 32 27.79 5.74 -75.15
N PHE D 33 27.68 4.55 -74.55
CA PHE D 33 26.39 3.96 -74.23
C PHE D 33 25.62 4.81 -73.22
N ALA D 34 26.31 5.19 -72.16
CA ALA D 34 25.70 5.99 -71.09
C ALA D 34 25.26 7.35 -71.62
N ARG D 35 26.03 7.91 -72.54
CA ARG D 35 25.69 9.20 -73.13
C ARG D 35 24.41 9.18 -73.96
N LYS D 36 24.28 8.19 -74.85
CA LYS D 36 23.11 8.12 -75.72
C LYS D 36 21.85 7.85 -74.92
N HIS D 37 21.95 6.90 -73.99
CA HIS D 37 20.89 6.65 -73.07
C HIS D 37 21.36 7.47 -71.90
N HIS D 38 20.52 8.38 -71.43
CA HIS D 38 21.01 9.39 -70.55
C HIS D 38 21.07 8.83 -69.16
N ILE D 39 21.97 7.88 -69.00
CA ILE D 39 22.22 7.28 -67.68
C ILE D 39 23.50 7.80 -67.03
N THR D 40 23.41 8.08 -65.74
CA THR D 40 24.54 8.55 -64.93
C THR D 40 25.67 7.52 -64.80
N LEU D 41 26.91 7.97 -64.98
CA LEU D 41 28.07 7.09 -64.89
C LEU D 41 29.22 7.75 -64.13
N THR D 42 29.61 7.15 -63.01
CA THR D 42 30.68 7.68 -62.18
C THR D 42 31.81 6.66 -62.04
N ASN D 43 32.95 7.12 -61.57
CA ASN D 43 34.10 6.22 -61.38
C ASN D 43 34.27 5.76 -59.94
N LEU D 44 33.56 6.40 -59.02
CA LEU D 44 33.58 5.98 -57.62
C LEU D 44 32.18 5.64 -57.12
N ILE D 45 32.08 4.52 -56.40
CA ILE D 45 30.79 3.99 -55.95
C ILE D 45 30.33 4.64 -54.65
N THR D 46 29.07 5.07 -54.64
CA THR D 46 28.49 5.74 -53.47
C THR D 46 27.14 5.14 -53.12
N GLU D 47 26.49 5.69 -52.11
CA GLU D 47 25.15 5.25 -51.71
C GLU D 47 24.16 5.53 -52.83
N GLU D 48 24.44 6.56 -53.63
CA GLU D 48 23.58 6.95 -54.75
C GLU D 48 23.72 6.01 -55.94
N THR D 49 24.82 5.26 -55.98
CA THR D 49 25.07 4.29 -57.05
C THR D 49 24.01 3.19 -57.06
N THR D 50 23.46 2.92 -58.23
CA THR D 50 22.39 1.93 -58.33
C THR D 50 22.85 0.68 -59.06
N HIS D 51 23.81 0.84 -59.97
CA HIS D 51 24.34 -0.28 -60.76
C HIS D 51 25.86 -0.39 -60.68
N VAL D 52 26.33 -1.63 -60.55
CA VAL D 52 27.75 -1.91 -60.61
C VAL D 52 27.96 -2.89 -61.76
N VAL D 53 28.68 -2.45 -62.79
CA VAL D 53 28.86 -3.26 -64.00
C VAL D 53 30.20 -3.99 -64.00
N MET D 54 30.13 -5.32 -63.97
CA MET D 54 31.33 -6.16 -63.88
C MET D 54 31.69 -6.83 -65.20
N LYS D 55 33.00 -7.00 -65.42
CA LYS D 55 33.54 -7.77 -66.55
C LYS D 55 33.43 -9.27 -66.26
N THR D 56 32.69 -9.99 -67.10
CA THR D 56 32.46 -11.42 -66.89
C THR D 56 32.70 -12.26 -68.15
N ASP D 57 32.65 -13.59 -67.98
CA ASP D 57 32.66 -14.50 -69.11
C ASP D 57 31.22 -14.81 -69.53
N ALA D 58 31.05 -15.81 -70.39
CA ALA D 58 29.73 -16.16 -70.91
C ALA D 58 28.79 -16.70 -69.83
N GLU D 59 29.35 -17.22 -68.74
CA GLU D 59 28.55 -17.75 -67.64
C GLU D 59 28.45 -16.76 -66.48
N PHE D 60 28.82 -15.51 -66.76
CA PHE D 60 28.68 -14.40 -65.81
C PHE D 60 29.44 -14.63 -64.50
N VAL D 61 30.72 -14.97 -64.61
CA VAL D 61 31.56 -15.15 -63.42
C VAL D 61 32.71 -14.14 -63.45
N CYS D 62 32.90 -13.42 -62.33
CA CYS D 62 33.88 -12.33 -62.28
C CYS D 62 34.98 -12.53 -61.24
N GLU D 63 35.88 -11.55 -61.17
CA GLU D 63 36.92 -11.51 -60.15
C GLU D 63 36.43 -10.81 -58.89
N ARG D 64 37.13 -11.01 -57.77
CA ARG D 64 36.75 -10.31 -56.55
C ARG D 64 37.53 -9.00 -56.42
N THR D 65 36.86 -7.89 -56.69
CA THR D 65 37.46 -6.57 -56.58
C THR D 65 36.75 -5.78 -55.47
N LEU D 66 37.28 -4.60 -55.12
CA LEU D 66 36.65 -3.79 -54.08
C LEU D 66 35.23 -3.38 -54.47
N LYS D 67 35.05 -2.99 -55.73
CA LYS D 67 33.73 -2.56 -56.21
C LYS D 67 32.75 -3.72 -56.28
N TYR D 68 33.27 -4.94 -56.43
CA TYR D 68 32.43 -6.13 -56.42
C TYR D 68 31.76 -6.33 -55.07
N PHE D 69 32.56 -6.29 -54.00
CA PHE D 69 32.04 -6.47 -52.63
C PHE D 69 31.07 -5.36 -52.25
N LEU D 70 31.44 -4.12 -52.52
CA LEU D 70 30.61 -2.97 -52.18
C LEU D 70 29.26 -3.00 -52.91
N GLY D 71 29.26 -3.56 -54.12
CA GLY D 71 28.05 -3.72 -54.88
C GLY D 71 27.06 -4.70 -54.26
N ILE D 72 27.56 -5.87 -53.88
CA ILE D 72 26.71 -6.90 -53.25
C ILE D 72 26.28 -6.47 -51.85
N ALA D 73 27.24 -5.98 -51.07
CA ALA D 73 27.00 -5.57 -49.69
C ALA D 73 25.89 -4.53 -49.61
N GLY D 74 25.85 -3.64 -50.60
CA GLY D 74 24.86 -2.57 -50.62
C GLY D 74 23.57 -3.00 -51.31
N GLY D 75 23.54 -4.25 -51.77
CA GLY D 75 22.37 -4.80 -52.44
C GLY D 75 22.05 -4.10 -53.75
N LYS D 76 23.09 -3.59 -54.40
CA LYS D 76 22.92 -2.87 -55.65
C LYS D 76 22.89 -3.86 -56.81
N TRP D 77 22.41 -3.41 -57.96
CA TRP D 77 22.34 -4.27 -59.15
C TRP D 77 23.72 -4.56 -59.71
N VAL D 78 24.11 -5.83 -59.66
CA VAL D 78 25.40 -6.26 -60.19
C VAL D 78 25.17 -7.05 -61.48
N VAL D 79 25.51 -6.45 -62.62
CA VAL D 79 25.24 -7.05 -63.93
C VAL D 79 26.49 -7.18 -64.78
N SER D 80 26.44 -8.04 -65.79
CA SER D 80 27.58 -8.29 -66.67
C SER D 80 27.76 -7.22 -67.74
N TYR D 81 29.01 -7.06 -68.19
CA TYR D 81 29.36 -6.11 -69.24
C TYR D 81 28.65 -6.46 -70.55
N PHE D 82 28.25 -7.72 -70.69
CA PHE D 82 27.57 -8.19 -71.89
C PHE D 82 26.21 -7.54 -72.08
N TRP D 83 25.69 -6.91 -71.04
CA TRP D 83 24.45 -6.14 -71.14
C TRP D 83 24.64 -4.99 -72.11
N VAL D 84 25.83 -4.40 -72.10
CA VAL D 84 26.14 -3.27 -72.97
C VAL D 84 26.38 -3.73 -74.42
N THR D 85 27.31 -4.67 -74.58
CA THR D 85 27.75 -5.13 -75.89
C THR D 85 26.61 -5.74 -76.70
N GLN D 86 25.73 -6.47 -76.03
CA GLN D 86 24.60 -7.10 -76.70
C GLN D 86 23.58 -6.05 -77.09
N SER D 87 23.40 -5.06 -76.23
CA SER D 87 22.47 -3.98 -76.50
C SER D 87 22.91 -3.16 -77.71
N ILE D 88 24.22 -3.01 -77.87
CA ILE D 88 24.80 -2.35 -79.04
C ILE D 88 24.57 -3.22 -80.27
N LYS D 89 24.78 -4.53 -80.10
CA LYS D 89 24.61 -5.51 -81.16
C LYS D 89 23.19 -5.49 -81.72
N GLU D 90 22.22 -5.19 -80.85
CA GLU D 90 20.81 -5.17 -81.24
C GLU D 90 20.25 -3.75 -81.32
N ARG D 91 21.10 -2.76 -81.01
CA ARG D 91 20.74 -1.34 -81.06
C ARG D 91 19.52 -1.03 -80.18
N LYS D 92 19.30 -1.87 -79.16
CA LYS D 92 18.20 -1.69 -78.22
C LYS D 92 18.68 -1.48 -76.79
N MET D 93 17.72 -1.26 -75.89
CA MET D 93 17.98 -1.24 -74.46
C MET D 93 17.50 -2.51 -73.78
N LEU D 94 18.36 -3.51 -73.75
CA LEU D 94 17.99 -4.79 -73.17
C LEU D 94 17.77 -4.71 -71.66
N ASN D 95 17.06 -5.70 -71.13
CA ASN D 95 16.76 -5.75 -69.69
C ASN D 95 17.96 -6.25 -68.89
N GLU D 96 18.36 -5.48 -67.87
CA GLU D 96 19.56 -5.79 -67.10
C GLU D 96 19.43 -7.08 -66.29
N HIS D 97 18.28 -7.26 -65.64
CA HIS D 97 18.01 -8.43 -64.79
C HIS D 97 18.40 -9.74 -65.48
N ASP D 98 18.27 -9.77 -66.80
CA ASP D 98 18.64 -10.93 -67.61
C ASP D 98 20.16 -11.16 -67.62
N PHE D 99 20.92 -10.16 -67.19
CA PHE D 99 22.40 -10.23 -67.24
C PHE D 99 23.03 -10.21 -65.85
N GLU D 100 22.26 -10.60 -64.83
CA GLU D 100 22.74 -10.65 -63.45
C GLU D 100 23.85 -11.70 -63.27
N VAL D 101 24.94 -11.31 -62.61
CA VAL D 101 26.08 -12.21 -62.39
C VAL D 101 25.73 -13.31 -61.37
N ARG D 102 26.23 -14.51 -61.64
CA ARG D 102 25.84 -15.69 -60.87
C ARG D 102 26.84 -16.09 -59.78
N GLY D 103 28.11 -15.73 -59.97
CA GLY D 103 29.13 -16.05 -58.98
C GLY D 103 30.51 -15.51 -59.31
N ASP D 104 31.52 -15.93 -58.55
CA ASP D 104 32.89 -15.51 -58.81
C ASP D 104 33.86 -16.71 -58.74
N VAL D 105 35.10 -16.50 -59.18
CA VAL D 105 36.07 -17.57 -59.31
C VAL D 105 36.69 -17.99 -57.98
N VAL D 106 36.21 -17.44 -56.87
CA VAL D 106 36.79 -17.74 -55.57
C VAL D 106 35.82 -18.57 -54.72
N ASN D 107 34.58 -18.10 -54.60
CA ASN D 107 33.61 -18.71 -53.70
C ASN D 107 32.55 -19.56 -54.40
N GLY D 108 32.62 -19.65 -55.72
CA GLY D 108 31.69 -20.47 -56.48
C GLY D 108 31.14 -19.82 -57.73
N ARG D 109 30.89 -20.62 -58.76
CA ARG D 109 30.46 -20.12 -60.06
C ARG D 109 28.95 -19.88 -60.17
N ASN D 110 28.19 -20.32 -59.17
CA ASN D 110 26.75 -20.16 -59.21
C ASN D 110 26.13 -20.05 -57.82
N HIS D 111 26.74 -19.24 -56.96
CA HIS D 111 26.25 -19.07 -55.60
C HIS D 111 25.16 -18.00 -55.50
N GLN D 112 24.88 -17.32 -56.62
CA GLN D 112 23.79 -16.36 -56.70
C GLN D 112 23.89 -15.26 -55.64
N GLY D 113 25.13 -14.87 -55.33
CA GLY D 113 25.39 -13.88 -54.30
C GLY D 113 24.68 -12.54 -54.43
N PRO D 114 24.88 -11.83 -55.55
CA PRO D 114 24.20 -10.55 -55.81
C PRO D 114 22.68 -10.65 -55.71
N LYS D 115 22.11 -11.73 -56.24
CA LYS D 115 20.66 -11.94 -56.21
C LYS D 115 20.13 -12.05 -54.77
N ARG D 116 20.84 -12.81 -53.94
CA ARG D 116 20.45 -13.00 -52.55
C ARG D 116 20.54 -11.71 -51.73
N ALA D 117 21.52 -10.88 -52.05
CA ALA D 117 21.74 -9.60 -51.38
C ALA D 117 20.54 -8.67 -51.54
N ARG D 118 19.98 -8.64 -52.74
CA ARG D 118 18.82 -7.82 -53.05
C ARG D 118 17.60 -8.34 -52.29
N GLU D 119 17.51 -9.66 -52.15
CA GLU D 119 16.34 -10.33 -51.61
C GLU D 119 16.44 -10.59 -50.10
N SER D 120 17.53 -10.14 -49.48
CA SER D 120 17.76 -10.39 -48.06
C SER D 120 18.25 -9.18 -47.26
N GLN D 121 17.85 -7.97 -47.67
CA GLN D 121 18.25 -6.77 -46.94
C GLN D 121 17.53 -6.65 -45.59
N ASP D 122 16.48 -7.44 -45.41
CA ASP D 122 15.75 -7.52 -44.14
C ASP D 122 16.46 -8.43 -43.17
N ARG D 123 17.39 -9.21 -43.71
CA ARG D 123 18.19 -10.13 -42.91
C ARG D 123 19.64 -10.01 -43.31
N LYS D 124 20.24 -8.85 -43.03
CA LYS D 124 21.63 -8.61 -43.38
C LYS D 124 22.51 -9.60 -42.63
N ILE D 125 23.58 -10.04 -43.28
CA ILE D 125 24.34 -11.20 -42.81
C ILE D 125 25.08 -10.95 -41.51
N PHE D 126 25.39 -9.69 -41.24
CA PHE D 126 26.13 -9.33 -40.04
C PHE D 126 25.23 -8.71 -39.00
N ARG D 127 23.93 -9.01 -39.09
CA ARG D 127 22.96 -8.50 -38.13
C ARG D 127 23.28 -9.00 -36.72
N GLY D 128 23.43 -8.05 -35.79
CA GLY D 128 23.72 -8.38 -34.40
C GLY D 128 25.19 -8.59 -34.14
N LEU D 129 26.03 -8.19 -35.09
CA LEU D 129 27.48 -8.36 -34.95
C LEU D 129 28.21 -7.03 -34.81
N GLU D 130 29.25 -7.02 -33.97
CA GLU D 130 30.15 -5.88 -33.86
C GLU D 130 31.54 -6.23 -34.39
N ILE D 131 31.93 -5.59 -35.48
CA ILE D 131 33.18 -5.92 -36.14
C ILE D 131 34.16 -4.76 -35.99
N CYS D 132 35.38 -5.07 -35.56
CA CYS D 132 36.45 -4.08 -35.50
C CYS D 132 37.48 -4.41 -36.57
N CYS D 133 37.61 -3.53 -37.56
CA CYS D 133 38.61 -3.73 -38.59
C CYS D 133 39.97 -3.20 -38.13
N TYR D 134 40.77 -4.09 -37.56
CA TYR D 134 42.07 -3.70 -37.00
C TYR D 134 43.17 -3.80 -38.05
N GLY D 135 43.65 -2.64 -38.50
CA GLY D 135 44.61 -2.58 -39.58
C GLY D 135 45.92 -3.29 -39.31
N PRO D 136 46.77 -3.39 -40.33
CA PRO D 136 46.54 -2.79 -41.64
C PRO D 136 45.84 -3.70 -42.65
N PHE D 137 45.59 -3.16 -43.83
CA PHE D 137 44.98 -3.89 -44.94
C PHE D 137 45.63 -3.43 -46.24
N THR D 138 45.60 -4.29 -47.26
CA THR D 138 46.18 -3.94 -48.55
C THR D 138 45.12 -4.00 -49.65
N ASN D 139 45.28 -3.12 -50.64
CA ASN D 139 44.40 -3.08 -51.81
C ASN D 139 42.95 -2.77 -51.46
N MET D 140 42.72 -2.41 -50.20
CA MET D 140 41.38 -2.07 -49.72
C MET D 140 41.46 -1.22 -48.45
N PRO D 141 41.13 0.08 -48.59
CA PRO D 141 41.13 1.06 -47.50
C PRO D 141 40.31 0.60 -46.29
N THR D 142 40.75 0.94 -45.09
CA THR D 142 40.05 0.56 -43.87
C THR D 142 38.62 1.11 -43.85
N ASP D 143 38.45 2.36 -44.27
CA ASP D 143 37.12 2.98 -44.24
C ASP D 143 36.18 2.35 -45.27
N GLN D 144 36.76 1.66 -46.24
CA GLN D 144 35.99 0.95 -47.25
C GLN D 144 35.55 -0.43 -46.75
N LEU D 145 36.42 -1.09 -46.01
CA LEU D 145 36.06 -2.37 -45.39
C LEU D 145 34.97 -2.14 -44.35
N GLU D 146 35.11 -1.03 -43.63
CA GLU D 146 34.11 -0.62 -42.65
C GLU D 146 32.77 -0.32 -43.31
N TRP D 147 32.81 0.37 -44.45
CA TRP D 147 31.58 0.68 -45.19
C TRP D 147 30.91 -0.59 -45.68
N MET D 148 31.72 -1.58 -46.05
CA MET D 148 31.22 -2.85 -46.56
C MET D 148 30.37 -3.58 -45.54
N VAL D 149 30.90 -3.76 -44.34
CA VAL D 149 30.20 -4.48 -43.29
C VAL D 149 28.99 -3.69 -42.77
N GLN D 150 29.06 -2.36 -42.88
CA GLN D 150 27.93 -1.50 -42.54
C GLN D 150 26.71 -1.86 -43.39
N LEU D 151 26.95 -2.00 -44.69
CA LEU D 151 25.91 -2.36 -45.63
C LEU D 151 25.39 -3.77 -45.38
N CYS D 152 26.20 -4.58 -44.69
CA CYS D 152 25.83 -5.95 -44.37
C CYS D 152 25.30 -6.08 -42.94
N GLY D 153 25.10 -4.96 -42.26
CA GLY D 153 24.46 -4.95 -40.95
C GLY D 153 25.38 -4.98 -39.75
N ALA D 154 26.68 -4.99 -39.96
CA ALA D 154 27.65 -5.00 -38.87
C ALA D 154 27.81 -3.63 -38.24
N SER D 155 28.26 -3.62 -36.99
CA SER D 155 28.56 -2.37 -36.29
C SER D 155 30.07 -2.13 -36.28
N VAL D 156 30.49 -1.00 -36.83
CA VAL D 156 31.92 -0.69 -36.99
C VAL D 156 32.53 -0.17 -35.69
N VAL D 157 33.67 -0.77 -35.31
CA VAL D 157 34.39 -0.35 -34.11
C VAL D 157 35.82 0.10 -34.44
N LYS D 158 36.15 1.33 -34.03
CA LYS D 158 37.43 1.96 -34.38
C LYS D 158 38.61 1.49 -33.52
N GLU D 159 38.36 1.20 -32.24
CA GLU D 159 39.43 0.82 -31.32
C GLU D 159 39.17 -0.51 -30.64
N LEU D 160 40.24 -1.23 -30.30
CA LEU D 160 40.11 -2.55 -29.66
C LEU D 160 39.39 -2.49 -28.32
N SER D 161 39.65 -1.40 -27.59
CA SER D 161 39.08 -1.19 -26.27
C SER D 161 37.60 -0.80 -26.31
N SER D 162 37.12 -0.44 -27.49
CA SER D 162 35.78 0.13 -27.63
C SER D 162 34.70 -0.94 -27.77
N PHE D 163 35.07 -2.21 -27.63
CA PHE D 163 34.10 -3.29 -27.72
C PHE D 163 33.03 -3.21 -26.64
N THR D 164 31.77 -3.36 -27.04
CA THR D 164 30.63 -3.35 -26.12
C THR D 164 30.54 -4.62 -25.28
N LEU D 165 30.24 -4.47 -23.99
CA LEU D 165 30.07 -5.63 -23.12
C LEU D 165 28.61 -6.02 -23.00
N GLY D 166 28.35 -7.31 -23.03
CA GLY D 166 27.00 -7.85 -22.97
C GLY D 166 26.88 -9.21 -23.63
N THR D 167 25.82 -9.94 -23.29
CA THR D 167 25.59 -11.25 -23.88
C THR D 167 25.05 -11.12 -25.30
N GLY D 168 24.33 -10.03 -25.56
CA GLY D 168 23.70 -9.82 -26.84
C GLY D 168 24.67 -9.30 -27.87
N VAL D 169 25.81 -8.80 -27.40
CA VAL D 169 26.83 -8.25 -28.29
C VAL D 169 27.76 -9.38 -28.72
N HIS D 170 28.10 -9.41 -30.00
CA HIS D 170 29.02 -10.41 -30.51
C HIS D 170 30.27 -9.75 -31.07
N PRO D 171 31.34 -9.70 -30.27
CA PRO D 171 32.55 -9.04 -30.77
C PRO D 171 33.36 -9.98 -31.67
N ILE D 172 33.90 -9.40 -32.74
CA ILE D 172 34.75 -10.13 -33.69
C ILE D 172 35.87 -9.19 -34.13
N VAL D 173 37.12 -9.67 -34.05
CA VAL D 173 38.23 -8.88 -34.52
C VAL D 173 38.69 -9.37 -35.88
N VAL D 174 38.69 -8.47 -36.86
CA VAL D 174 39.08 -8.83 -38.21
C VAL D 174 40.40 -8.16 -38.59
N VAL D 175 41.40 -8.97 -38.90
CA VAL D 175 42.71 -8.47 -39.29
C VAL D 175 43.20 -9.20 -40.54
N GLN D 176 44.22 -8.64 -41.18
CA GLN D 176 44.86 -9.28 -42.32
C GLN D 176 46.32 -9.54 -42.05
N PRO D 177 46.67 -10.80 -41.71
CA PRO D 177 48.03 -11.20 -41.35
C PRO D 177 49.08 -10.83 -42.40
N ASP D 178 48.68 -10.83 -43.68
CA ASP D 178 49.59 -10.44 -44.75
C ASP D 178 50.08 -9.01 -44.60
N ALA D 179 49.17 -8.13 -44.19
CA ALA D 179 49.44 -6.70 -44.08
C ALA D 179 50.40 -6.37 -42.94
N TRP D 180 50.47 -7.25 -41.95
CA TRP D 180 51.32 -7.02 -40.78
C TRP D 180 52.80 -7.17 -41.11
N THR D 181 53.59 -6.21 -40.63
CA THR D 181 55.03 -6.20 -40.86
C THR D 181 55.81 -6.04 -39.55
N GLU D 182 56.81 -6.90 -39.36
CA GLU D 182 57.64 -6.89 -38.16
C GLU D 182 56.83 -7.05 -36.87
N ASP D 183 55.82 -7.90 -36.88
CA ASP D 183 55.02 -8.10 -35.68
C ASP D 183 54.41 -9.50 -35.59
N ASN D 184 54.32 -10.03 -34.39
CA ASN D 184 53.52 -11.23 -34.17
C ASN D 184 52.29 -10.83 -33.36
N GLY D 185 51.88 -9.57 -33.55
CA GLY D 185 50.84 -8.95 -32.74
C GLY D 185 49.41 -9.46 -32.87
N PHE D 186 49.09 -10.10 -33.99
CA PHE D 186 47.74 -10.61 -34.18
C PHE D 186 47.46 -11.86 -33.33
N HIS D 187 48.52 -12.44 -32.79
CA HIS D 187 48.40 -13.55 -31.84
C HIS D 187 48.26 -13.04 -30.39
N ALA D 188 48.34 -11.74 -30.21
CA ALA D 188 48.37 -11.16 -28.88
C ALA D 188 47.14 -10.31 -28.55
N ILE D 189 46.26 -10.15 -29.53
CA ILE D 189 45.06 -9.33 -29.38
C ILE D 189 44.10 -9.91 -28.32
N GLY D 190 44.08 -11.24 -28.21
CA GLY D 190 43.24 -11.92 -27.23
C GLY D 190 43.53 -11.52 -25.80
N GLN D 191 44.75 -11.02 -25.58
CA GLN D 191 45.16 -10.52 -24.28
C GLN D 191 44.62 -9.11 -24.05
N MET D 192 44.29 -8.42 -25.14
CA MET D 192 43.79 -7.04 -25.07
C MET D 192 42.25 -6.99 -25.08
N CYS D 193 41.62 -8.06 -25.55
CA CYS D 193 40.16 -8.12 -25.57
C CYS D 193 39.65 -9.57 -25.56
N GLU D 194 38.38 -9.74 -25.22
CA GLU D 194 37.77 -11.07 -25.18
C GLU D 194 36.90 -11.32 -26.40
N ALA D 195 37.53 -11.63 -27.53
CA ALA D 195 36.79 -11.83 -28.77
C ALA D 195 37.57 -12.70 -29.74
N PRO D 196 36.85 -13.46 -30.58
CA PRO D 196 37.52 -14.28 -31.61
C PRO D 196 38.22 -13.39 -32.62
N VAL D 197 39.36 -13.83 -33.13
CA VAL D 197 40.09 -13.06 -34.13
C VAL D 197 40.14 -13.85 -35.44
N VAL D 198 39.61 -13.25 -36.49
CA VAL D 198 39.53 -13.93 -37.78
C VAL D 198 40.15 -13.08 -38.88
N THR D 199 40.47 -13.73 -39.99
CA THR D 199 41.08 -13.07 -41.13
C THR D 199 40.06 -12.23 -41.90
N ARG D 200 40.56 -11.34 -42.76
CA ARG D 200 39.70 -10.53 -43.61
C ARG D 200 38.92 -11.43 -44.57
N GLU D 201 39.49 -12.60 -44.87
CA GLU D 201 38.87 -13.56 -45.77
C GLU D 201 37.51 -14.03 -45.28
N TRP D 202 37.28 -13.95 -43.96
CA TRP D 202 35.98 -14.27 -43.41
C TRP D 202 34.95 -13.29 -43.92
N VAL D 203 35.29 -12.00 -43.90
CA VAL D 203 34.42 -10.94 -44.37
C VAL D 203 34.13 -11.07 -45.86
N LEU D 204 35.19 -11.16 -46.66
CA LEU D 204 35.08 -11.24 -48.12
C LEU D 204 34.23 -12.42 -48.60
N ASP D 205 34.48 -13.59 -48.03
CA ASP D 205 33.72 -14.79 -48.39
C ASP D 205 32.26 -14.66 -48.00
N SER D 206 32.02 -14.11 -46.81
CA SER D 206 30.66 -13.94 -46.30
C SER D 206 29.87 -12.95 -47.14
N VAL D 207 30.51 -11.87 -47.57
CA VAL D 207 29.87 -10.84 -48.37
C VAL D 207 29.48 -11.35 -49.75
N ALA D 208 30.41 -12.04 -50.40
CA ALA D 208 30.20 -12.59 -51.73
C ALA D 208 29.04 -13.59 -51.80
N LEU D 209 28.90 -14.39 -50.76
CA LEU D 209 27.85 -15.40 -50.71
C LEU D 209 26.59 -14.83 -50.07
N TYR D 210 26.77 -13.65 -49.47
CA TYR D 210 25.80 -13.03 -48.57
C TYR D 210 25.17 -14.05 -47.61
N GLN D 211 26.04 -14.72 -46.84
CA GLN D 211 25.62 -15.55 -45.73
C GLN D 211 26.76 -15.63 -44.72
N CYS D 212 26.43 -15.42 -43.45
CA CYS D 212 27.45 -15.34 -42.41
C CYS D 212 28.14 -16.68 -42.23
N GLN D 213 29.43 -16.71 -42.56
CA GLN D 213 30.23 -17.94 -42.50
C GLN D 213 30.64 -18.25 -41.06
N GLU D 214 30.93 -19.53 -40.80
CA GLU D 214 31.43 -19.94 -39.50
C GLU D 214 32.86 -19.44 -39.31
N LEU D 215 33.16 -18.92 -38.12
CA LEU D 215 34.48 -18.36 -37.85
C LEU D 215 35.56 -19.44 -37.78
N ASP D 216 35.11 -20.69 -37.60
CA ASP D 216 35.99 -21.83 -37.36
C ASP D 216 37.20 -21.90 -38.29
N THR D 217 36.94 -21.82 -39.61
CA THR D 217 38.01 -21.96 -40.59
C THR D 217 38.86 -20.70 -40.74
N TYR D 218 38.36 -19.57 -40.28
CA TYR D 218 39.06 -18.29 -40.44
C TYR D 218 39.74 -17.79 -39.16
N LEU D 219 39.66 -18.57 -38.09
CA LEU D 219 40.16 -18.12 -36.78
C LEU D 219 41.68 -18.02 -36.67
N ILE D 220 42.15 -16.94 -36.03
CA ILE D 220 43.57 -16.75 -35.73
C ILE D 220 43.84 -17.06 -34.25
N PRO D 221 44.77 -18.00 -33.98
CA PRO D 221 45.14 -18.46 -32.65
C PRO D 221 45.68 -17.37 -31.73
N GLN D 222 45.19 -17.33 -30.48
CA GLN D 222 45.64 -16.36 -29.49
C GLN D 222 46.48 -17.05 -28.42
N ILE D 223 46.60 -16.42 -27.25
CA ILE D 223 47.31 -17.02 -26.13
C ILE D 223 46.33 -17.34 -24.99
N VAL E 11 -58.58 -45.72 21.06
CA VAL E 11 -57.34 -45.22 21.66
C VAL E 11 -57.09 -43.75 21.35
N ASN E 12 -57.05 -42.95 22.41
CA ASN E 12 -56.70 -41.54 22.31
C ASN E 12 -55.24 -41.39 22.74
N LYS E 13 -54.63 -40.27 22.38
CA LYS E 13 -53.21 -40.04 22.65
C LYS E 13 -52.86 -40.20 24.13
N ARG E 14 -51.62 -40.58 24.39
CA ARG E 14 -51.14 -40.78 25.75
C ARG E 14 -50.10 -39.73 26.09
N MET E 15 -50.16 -39.21 27.31
CA MET E 15 -49.25 -38.17 27.75
C MET E 15 -47.81 -38.67 27.84
N SER E 16 -46.88 -37.84 27.38
CA SER E 16 -45.46 -38.16 27.44
C SER E 16 -44.65 -36.88 27.56
N MET E 17 -43.82 -36.81 28.60
CA MET E 17 -43.06 -35.59 28.87
C MET E 17 -41.58 -35.78 28.62
N VAL E 18 -40.92 -34.68 28.23
CA VAL E 18 -39.46 -34.60 28.26
C VAL E 18 -39.11 -33.29 28.96
N VAL E 19 -37.93 -33.22 29.56
CA VAL E 19 -37.53 -32.01 30.27
C VAL E 19 -36.27 -31.41 29.66
N SER E 20 -36.06 -30.13 29.91
CA SER E 20 -34.91 -29.41 29.35
C SER E 20 -34.49 -28.22 30.20
N GLY E 21 -33.18 -28.08 30.38
CA GLY E 21 -32.61 -26.94 31.10
C GLY E 21 -32.52 -27.13 32.61
N LEU E 22 -32.80 -28.34 33.07
CA LEU E 22 -32.75 -28.62 34.50
C LEU E 22 -31.39 -29.19 34.88
N THR E 23 -30.90 -28.82 36.06
CA THR E 23 -29.73 -29.48 36.63
C THR E 23 -30.17 -30.90 36.95
N PRO E 24 -29.21 -31.84 37.06
CA PRO E 24 -29.60 -33.20 37.38
C PRO E 24 -30.50 -33.26 38.61
N GLU E 25 -30.12 -32.61 39.70
CA GLU E 25 -30.87 -32.72 40.96
C GLU E 25 -32.34 -32.37 40.79
N GLU E 26 -32.64 -31.41 39.95
CA GLU E 26 -34.02 -31.03 39.67
C GLU E 26 -34.80 -32.13 38.93
N PHE E 27 -34.14 -32.84 38.02
CA PHE E 27 -34.76 -33.91 37.23
C PHE E 27 -35.28 -35.06 38.10
N MET E 28 -34.51 -35.39 39.13
CA MET E 28 -34.80 -36.52 40.00
C MET E 28 -36.12 -36.27 40.74
N LEU E 29 -36.36 -35.00 41.04
CA LEU E 29 -37.60 -34.57 41.67
C LEU E 29 -38.74 -34.81 40.69
N VAL E 30 -38.48 -34.58 39.41
CA VAL E 30 -39.47 -34.81 38.37
C VAL E 30 -39.77 -36.30 38.21
N TYR E 31 -38.74 -37.13 38.33
CA TYR E 31 -38.90 -38.58 38.21
C TYR E 31 -39.86 -39.12 39.29
N LYS E 32 -39.69 -38.70 40.54
CA LYS E 32 -40.59 -39.13 41.61
C LYS E 32 -42.03 -38.66 41.32
N PHE E 33 -42.14 -37.45 40.79
CA PHE E 33 -43.43 -36.87 40.42
C PHE E 33 -44.10 -37.70 39.33
N ALA E 34 -43.37 -38.01 38.28
CA ALA E 34 -43.95 -38.78 37.20
C ALA E 34 -44.34 -40.12 37.75
N ARG E 35 -43.49 -40.68 38.59
CA ARG E 35 -43.76 -41.99 39.10
C ARG E 35 -45.05 -41.95 39.90
N LYS E 36 -45.21 -40.90 40.70
CA LYS E 36 -46.34 -40.86 41.61
C LYS E 36 -47.64 -40.89 40.84
N HIS E 37 -47.69 -40.10 39.78
CA HIS E 37 -48.86 -40.04 38.90
C HIS E 37 -48.83 -41.12 37.83
N HIS E 38 -47.68 -41.76 37.65
CA HIS E 38 -47.54 -42.82 36.65
C HIS E 38 -47.36 -42.27 35.22
N ILE E 39 -47.15 -40.97 35.10
CA ILE E 39 -47.00 -40.33 33.80
C ILE E 39 -45.74 -40.81 33.08
N THR E 40 -45.83 -40.94 31.75
CA THR E 40 -44.72 -41.41 30.96
C THR E 40 -43.67 -40.32 30.93
N LEU E 41 -42.40 -40.70 30.94
CA LEU E 41 -41.31 -39.75 30.94
C LEU E 41 -40.09 -40.31 30.20
N THR E 42 -39.70 -39.63 29.13
CA THR E 42 -38.59 -40.07 28.31
C THR E 42 -37.48 -39.02 28.30
N ASN E 43 -36.29 -39.41 27.87
CA ASN E 43 -35.17 -38.48 27.81
C ASN E 43 -34.93 -37.93 26.41
N LEU E 44 -35.60 -38.52 25.43
CA LEU E 44 -35.52 -38.03 24.06
C LEU E 44 -36.90 -37.63 23.53
N ILE E 45 -36.99 -36.47 22.89
CA ILE E 45 -38.26 -35.96 22.42
C ILE E 45 -38.62 -36.56 21.06
N THR E 46 -39.85 -37.03 20.94
CA THR E 46 -40.32 -37.69 19.72
C THR E 46 -41.64 -37.10 19.26
N GLU E 47 -42.16 -37.63 18.16
CA GLU E 47 -43.46 -37.19 17.65
C GLU E 47 -44.55 -37.54 18.64
N GLU E 48 -44.35 -38.61 19.40
CA GLU E 48 -45.34 -39.04 20.40
C GLU E 48 -45.27 -38.18 21.66
N THR E 49 -44.14 -37.50 21.86
CA THR E 49 -43.97 -36.62 23.01
C THR E 49 -44.99 -35.49 22.95
N THR E 50 -45.68 -35.24 24.06
CA THR E 50 -46.73 -34.24 24.09
C THR E 50 -46.38 -33.02 24.93
N HIS E 51 -45.52 -33.20 25.92
CA HIS E 51 -45.14 -32.10 26.82
C HIS E 51 -43.64 -31.89 26.92
N VAL E 52 -43.23 -30.63 26.91
CA VAL E 52 -41.83 -30.28 27.11
C VAL E 52 -41.73 -29.36 28.31
N VAL E 53 -41.03 -29.81 29.34
CA VAL E 53 -40.93 -29.06 30.59
C VAL E 53 -39.60 -28.30 30.65
N MET E 54 -39.69 -26.98 30.65
CA MET E 54 -38.52 -26.12 30.64
C MET E 54 -38.25 -25.49 32.00
N LYS E 55 -36.97 -25.31 32.32
CA LYS E 55 -36.59 -24.54 33.50
C LYS E 55 -36.73 -23.05 33.19
N THR E 56 -37.58 -22.38 33.96
CA THR E 56 -37.86 -20.98 33.74
C THR E 56 -37.72 -20.20 35.04
N ASP E 57 -37.84 -18.89 34.97
CA ASP E 57 -37.90 -18.08 36.17
C ASP E 57 -39.36 -17.90 36.59
N ALA E 58 -39.58 -16.99 37.54
CA ALA E 58 -40.92 -16.78 38.10
C ALA E 58 -41.89 -16.25 37.05
N GLU E 59 -41.35 -15.65 35.99
CA GLU E 59 -42.17 -15.07 34.94
C GLU E 59 -42.26 -15.99 33.73
N PHE E 60 -41.91 -17.25 33.93
CA PHE E 60 -42.02 -18.29 32.91
C PHE E 60 -41.16 -17.97 31.68
N VAL E 61 -39.91 -17.61 31.92
CA VAL E 61 -38.97 -17.34 30.82
C VAL E 61 -37.79 -18.30 30.88
N CYS E 62 -37.49 -18.93 29.75
CA CYS E 62 -36.47 -19.98 29.71
C CYS E 62 -35.30 -19.66 28.78
N GLU E 63 -34.36 -20.59 28.72
CA GLU E 63 -33.26 -20.54 27.77
C GLU E 63 -33.71 -21.19 26.47
N ARG E 64 -33.00 -20.93 25.38
CA ARG E 64 -33.34 -21.57 24.12
C ARG E 64 -32.55 -22.86 23.94
N THR E 65 -33.22 -23.99 24.11
CA THR E 65 -32.59 -25.28 23.92
C THR E 65 -33.18 -26.01 22.73
N LEU E 66 -32.54 -27.11 22.32
CA LEU E 66 -33.03 -27.89 21.21
C LEU E 66 -34.42 -28.44 21.50
N LYS E 67 -34.62 -28.91 22.73
CA LYS E 67 -35.91 -29.44 23.12
C LYS E 67 -36.94 -28.32 23.15
N TYR E 68 -36.46 -27.10 23.42
CA TYR E 68 -37.32 -25.93 23.42
C TYR E 68 -37.87 -25.63 22.03
N PHE E 69 -36.99 -25.58 21.03
CA PHE E 69 -37.41 -25.33 19.67
C PHE E 69 -38.34 -26.41 19.17
N LEU E 70 -37.93 -27.66 19.36
CA LEU E 70 -38.67 -28.82 18.87
C LEU E 70 -40.03 -28.93 19.52
N GLY E 71 -40.13 -28.48 20.78
CA GLY E 71 -41.40 -28.48 21.48
C GLY E 71 -42.37 -27.55 20.78
N ILE E 72 -41.86 -26.37 20.42
CA ILE E 72 -42.66 -25.38 19.72
C ILE E 72 -42.98 -25.83 18.30
N ALA E 73 -41.97 -26.34 17.60
CA ALA E 73 -42.11 -26.77 16.21
C ALA E 73 -43.21 -27.81 16.03
N GLY E 74 -43.34 -28.69 17.02
CA GLY E 74 -44.35 -29.74 16.97
C GLY E 74 -45.68 -29.30 17.56
N GLY E 75 -45.74 -28.05 18.01
CA GLY E 75 -46.96 -27.52 18.60
C GLY E 75 -47.32 -28.24 19.89
N LYS E 76 -46.30 -28.72 20.59
CA LYS E 76 -46.51 -29.48 21.82
C LYS E 76 -46.68 -28.52 22.98
N TRP E 77 -47.23 -28.99 24.10
CA TRP E 77 -47.43 -28.15 25.27
C TRP E 77 -46.08 -27.84 25.92
N VAL E 78 -45.70 -26.57 25.92
CA VAL E 78 -44.43 -26.16 26.51
C VAL E 78 -44.67 -25.46 27.84
N VAL E 79 -44.33 -26.13 28.93
CA VAL E 79 -44.62 -25.62 30.27
C VAL E 79 -43.40 -25.49 31.18
N SER E 80 -43.56 -24.69 32.24
CA SER E 80 -42.50 -24.43 33.19
C SER E 80 -42.33 -25.50 34.27
N TYR E 81 -41.11 -25.61 34.77
CA TYR E 81 -40.74 -26.56 35.83
C TYR E 81 -41.53 -26.29 37.12
N PHE E 82 -42.02 -25.06 37.27
CA PHE E 82 -42.79 -24.66 38.45
C PHE E 82 -44.11 -25.41 38.58
N TRP E 83 -44.55 -26.05 37.50
CA TRP E 83 -45.75 -26.88 37.55
C TRP E 83 -45.58 -28.03 38.53
N VAL E 84 -44.36 -28.54 38.62
CA VAL E 84 -44.07 -29.66 39.51
C VAL E 84 -44.03 -29.25 40.98
N THR E 85 -43.19 -28.26 41.28
CA THR E 85 -42.97 -27.83 42.67
C THR E 85 -44.26 -27.31 43.30
N GLN E 86 -45.06 -26.60 42.52
CA GLN E 86 -46.32 -26.06 43.00
C GLN E 86 -47.34 -27.17 43.20
N SER E 87 -47.32 -28.15 42.30
CA SER E 87 -48.24 -29.28 42.40
C SER E 87 -47.93 -30.11 43.66
N ILE E 88 -46.66 -30.22 44.00
CA ILE E 88 -46.24 -30.87 45.24
C ILE E 88 -46.59 -30.04 46.47
N LYS E 89 -46.36 -28.74 46.38
CA LYS E 89 -46.65 -27.81 47.47
C LYS E 89 -48.13 -27.85 47.84
N GLU E 90 -48.97 -28.10 46.85
CA GLU E 90 -50.41 -28.13 47.07
C GLU E 90 -50.92 -29.57 47.05
N ARG E 91 -49.99 -30.51 46.86
CA ARG E 91 -50.28 -31.94 46.86
C ARG E 91 -51.34 -32.33 45.84
N LYS E 92 -51.50 -31.51 44.81
CA LYS E 92 -52.45 -31.78 43.73
C LYS E 92 -51.73 -31.91 42.39
N MET E 93 -52.51 -32.23 41.35
CA MET E 93 -52.01 -32.16 39.98
C MET E 93 -52.65 -30.94 39.32
N LEU E 94 -51.99 -29.80 39.45
CA LEU E 94 -52.49 -28.54 38.94
C LEU E 94 -52.55 -28.57 37.42
N ASN E 95 -53.31 -27.65 36.84
CA ASN E 95 -53.47 -27.61 35.40
C ASN E 95 -52.22 -27.04 34.74
N GLU E 96 -51.63 -27.79 33.81
CA GLU E 96 -50.35 -27.43 33.20
C GLU E 96 -50.46 -26.16 32.38
N HIS E 97 -51.53 -26.10 31.58
CA HIS E 97 -51.80 -25.02 30.64
C HIS E 97 -51.59 -23.63 31.26
N ASP E 98 -51.88 -23.52 32.56
CA ASP E 98 -51.68 -22.27 33.28
C ASP E 98 -50.20 -21.92 33.43
N PHE E 99 -49.33 -22.89 33.18
CA PHE E 99 -47.90 -22.68 33.40
C PHE E 99 -47.13 -22.68 32.09
N GLU E 100 -47.84 -22.41 30.98
CA GLU E 100 -47.21 -22.36 29.67
C GLU E 100 -46.17 -21.24 29.63
N VAL E 101 -44.98 -21.55 29.12
CA VAL E 101 -43.93 -20.55 29.06
C VAL E 101 -44.32 -19.50 28.03
N ARG E 102 -44.05 -18.25 28.37
CA ARG E 102 -44.52 -17.11 27.60
C ARG E 102 -43.46 -16.54 26.68
N GLY E 103 -42.19 -16.78 27.01
CA GLY E 103 -41.09 -16.32 26.18
C GLY E 103 -39.73 -16.81 26.62
N ASP E 104 -38.68 -16.29 25.98
CA ASP E 104 -37.31 -16.67 26.27
C ASP E 104 -36.40 -15.45 26.35
N VAL E 105 -35.16 -15.67 26.77
CA VAL E 105 -34.23 -14.56 27.03
C VAL E 105 -33.61 -13.97 25.77
N VAL E 106 -34.02 -14.45 24.60
CA VAL E 106 -33.45 -13.96 23.35
C VAL E 106 -34.47 -13.24 22.48
N ASN E 107 -35.62 -13.87 22.26
CA ASN E 107 -36.58 -13.38 21.28
C ASN E 107 -37.76 -12.62 21.88
N GLY E 108 -37.78 -12.50 23.21
CA GLY E 108 -38.82 -11.77 23.89
C GLY E 108 -39.36 -12.48 25.11
N ARG E 109 -39.70 -11.71 26.14
CA ARG E 109 -40.12 -12.27 27.42
C ARG E 109 -41.61 -12.62 27.43
N ASN E 110 -42.32 -12.22 26.38
CA ASN E 110 -43.75 -12.52 26.28
C ASN E 110 -44.21 -12.59 24.82
N HIS E 111 -43.47 -13.31 23.99
CA HIS E 111 -43.80 -13.40 22.58
C HIS E 111 -44.86 -14.46 22.31
N GLN E 112 -45.24 -15.18 23.37
CA GLN E 112 -46.35 -16.13 23.31
C GLN E 112 -46.15 -17.16 22.20
N GLY E 113 -44.90 -17.53 21.96
CA GLY E 113 -44.54 -18.46 20.91
C GLY E 113 -45.23 -19.80 20.96
N PRO E 114 -45.09 -20.53 22.08
CA PRO E 114 -45.77 -21.81 22.25
C PRO E 114 -47.29 -21.73 22.03
N LYS E 115 -47.91 -20.67 22.54
CA LYS E 115 -49.35 -20.50 22.38
C LYS E 115 -49.71 -20.35 20.90
N ARG E 116 -48.99 -19.50 20.19
CA ARG E 116 -49.26 -19.28 18.78
C ARG E 116 -48.94 -20.54 17.97
N ALA E 117 -47.89 -21.25 18.38
CA ALA E 117 -47.49 -22.47 17.70
C ALA E 117 -48.61 -23.50 17.74
N ARG E 118 -49.25 -23.61 18.89
CA ARG E 118 -50.36 -24.54 19.08
C ARG E 118 -51.56 -24.11 18.24
N GLU E 119 -51.77 -22.80 18.15
CA GLU E 119 -52.98 -22.25 17.55
C GLU E 119 -52.85 -21.97 16.06
N SER E 120 -51.71 -22.31 15.47
CA SER E 120 -51.48 -21.99 14.07
C SER E 120 -50.95 -23.15 13.25
N GLN E 121 -51.33 -24.37 13.63
CA GLN E 121 -50.93 -25.57 12.90
C GLN E 121 -51.66 -25.64 11.55
N ASP E 122 -52.70 -24.83 11.39
CA ASP E 122 -53.46 -24.78 10.14
C ASP E 122 -52.76 -23.92 9.11
N ARG E 123 -51.85 -23.08 9.59
CA ARG E 123 -51.09 -22.20 8.72
C ARG E 123 -49.63 -22.16 9.17
N LYS E 124 -48.92 -23.27 8.99
CA LYS E 124 -47.53 -23.38 9.44
C LYS E 124 -46.62 -22.35 8.77
N ILE E 125 -45.64 -21.88 9.53
CA ILE E 125 -44.84 -20.71 9.17
C ILE E 125 -43.93 -20.91 7.96
N PHE E 126 -43.52 -22.15 7.71
CA PHE E 126 -42.61 -22.41 6.60
C PHE E 126 -43.32 -23.09 5.43
N ARG E 127 -44.63 -22.92 5.37
CA ARG E 127 -45.42 -23.50 4.28
C ARG E 127 -44.98 -22.92 2.95
N GLY E 128 -44.65 -23.80 2.01
CA GLY E 128 -44.24 -23.38 0.68
C GLY E 128 -42.77 -23.04 0.54
N LEU E 129 -41.97 -23.45 1.51
CA LEU E 129 -40.54 -23.17 1.48
C LEU E 129 -39.72 -24.45 1.31
N GLU E 130 -38.64 -24.35 0.54
CA GLU E 130 -37.68 -25.45 0.41
C GLU E 130 -36.35 -25.05 1.05
N ILE E 131 -35.98 -25.74 2.12
CA ILE E 131 -34.81 -25.36 2.92
C ILE E 131 -33.68 -26.38 2.84
N CYS E 132 -32.47 -25.90 2.57
CA CYS E 132 -31.29 -26.74 2.63
C CYS E 132 -30.39 -26.37 3.80
N CYS E 133 -30.26 -27.30 4.75
CA CYS E 133 -29.34 -27.09 5.86
C CYS E 133 -27.94 -27.46 5.42
N TYR E 134 -27.19 -26.46 4.98
CA TYR E 134 -25.87 -26.65 4.40
C TYR E 134 -24.81 -26.65 5.51
N GLY E 135 -24.28 -27.83 5.83
CA GLY E 135 -23.38 -28.00 6.96
C GLY E 135 -22.10 -27.18 6.87
N PRO E 136 -21.31 -27.17 7.96
CA PRO E 136 -21.51 -27.91 9.20
C PRO E 136 -22.34 -27.17 10.25
N PHE E 137 -22.59 -27.84 11.37
CA PHE E 137 -23.32 -27.24 12.49
C PHE E 137 -22.76 -27.70 13.83
N THR E 138 -22.93 -26.88 14.86
CA THR E 138 -22.47 -27.20 16.20
C THR E 138 -23.61 -27.18 17.22
N ASN E 139 -23.51 -28.04 18.23
CA ASN E 139 -24.46 -28.07 19.34
C ASN E 139 -25.89 -28.41 18.91
N MET E 140 -26.07 -28.79 17.66
CA MET E 140 -27.38 -29.16 17.14
C MET E 140 -27.23 -30.01 15.87
N PRO E 141 -27.57 -31.30 15.97
CA PRO E 141 -27.51 -32.22 14.83
C PRO E 141 -28.27 -31.69 13.62
N THR E 142 -27.74 -31.92 12.42
CA THR E 142 -28.35 -31.43 11.20
C THR E 142 -29.77 -31.99 11.00
N ASP E 143 -29.94 -33.27 11.25
CA ASP E 143 -31.23 -33.91 11.06
C ASP E 143 -32.24 -33.42 12.11
N GLN E 144 -31.72 -32.86 13.20
CA GLN E 144 -32.58 -32.30 14.23
C GLN E 144 -33.05 -30.92 13.80
N LEU E 145 -32.16 -30.16 13.17
CA LEU E 145 -32.52 -28.87 12.60
C LEU E 145 -33.50 -29.04 11.45
N GLU E 146 -33.26 -30.06 10.64
CA GLU E 146 -34.15 -30.41 9.53
C GLU E 146 -35.51 -30.86 10.04
N TRP E 147 -35.51 -31.67 11.11
CA TRP E 147 -36.77 -32.10 11.70
C TRP E 147 -37.55 -30.90 12.19
N MET E 148 -36.82 -29.90 12.70
CA MET E 148 -37.45 -28.68 13.20
C MET E 148 -38.21 -27.96 12.10
N VAL E 149 -37.54 -27.71 10.97
CA VAL E 149 -38.17 -26.98 9.88
C VAL E 149 -39.23 -27.84 9.19
N GLN E 150 -39.03 -29.16 9.21
CA GLN E 150 -40.01 -30.09 8.69
C GLN E 150 -41.34 -29.96 9.42
N LEU E 151 -41.25 -29.91 10.75
CA LEU E 151 -42.43 -29.77 11.61
C LEU E 151 -43.13 -28.44 11.40
N CYS E 152 -42.40 -27.48 10.87
CA CYS E 152 -42.95 -26.14 10.65
C CYS E 152 -43.45 -25.98 9.21
N GLY E 153 -43.49 -27.09 8.47
CA GLY E 153 -44.08 -27.09 7.15
C GLY E 153 -43.10 -26.88 6.02
N ALA E 154 -41.81 -26.78 6.33
CA ALA E 154 -40.81 -26.61 5.30
C ALA E 154 -40.50 -27.93 4.61
N SER E 155 -40.03 -27.84 3.37
CA SER E 155 -39.57 -29.01 2.63
C SER E 155 -38.04 -29.06 2.60
N VAL E 156 -37.47 -30.13 3.14
CA VAL E 156 -36.01 -30.23 3.27
C VAL E 156 -35.34 -30.71 1.98
N VAL E 157 -34.29 -30.00 1.57
CA VAL E 157 -33.50 -30.40 0.41
C VAL E 157 -32.07 -30.66 0.87
N LYS E 158 -31.56 -31.85 0.59
CA LYS E 158 -30.30 -32.30 1.15
C LYS E 158 -29.07 -31.68 0.49
N GLU E 159 -29.13 -31.49 -0.83
CA GLU E 159 -28.00 -30.92 -1.58
C GLU E 159 -28.45 -29.74 -2.42
N LEU E 160 -27.54 -28.81 -2.67
CA LEU E 160 -27.87 -27.58 -3.41
C LEU E 160 -28.43 -27.84 -4.81
N SER E 161 -27.92 -28.87 -5.47
CA SER E 161 -28.38 -29.19 -6.82
C SER E 161 -29.78 -29.78 -6.78
N SER E 162 -30.21 -30.20 -5.59
CA SER E 162 -31.47 -30.92 -5.47
C SER E 162 -32.63 -29.96 -5.28
N PHE E 163 -32.34 -28.66 -5.36
CA PHE E 163 -33.38 -27.64 -5.27
C PHE E 163 -34.34 -27.78 -6.44
N THR E 164 -35.63 -27.68 -6.16
CA THR E 164 -36.61 -27.74 -7.25
C THR E 164 -36.57 -26.44 -8.04
N LEU E 165 -36.56 -26.55 -9.35
CA LEU E 165 -36.60 -25.38 -10.22
C LEU E 165 -38.02 -25.18 -10.71
N GLY E 166 -38.44 -23.92 -10.79
CA GLY E 166 -39.82 -23.60 -11.13
C GLY E 166 -40.23 -22.24 -10.62
N THR E 167 -41.34 -21.74 -11.12
CA THR E 167 -41.84 -20.43 -10.71
C THR E 167 -42.39 -20.50 -9.28
N GLY E 168 -42.86 -21.68 -8.91
CA GLY E 168 -43.50 -21.90 -7.63
C GLY E 168 -42.57 -22.10 -6.46
N VAL E 169 -41.28 -22.31 -6.73
CA VAL E 169 -40.34 -22.63 -5.65
C VAL E 169 -39.74 -21.44 -4.91
N HIS E 170 -39.66 -21.59 -3.59
CA HIS E 170 -38.97 -20.63 -2.74
C HIS E 170 -37.84 -21.34 -2.01
N PRO E 171 -36.63 -21.29 -2.58
CA PRO E 171 -35.46 -21.93 -1.97
C PRO E 171 -34.80 -21.06 -0.90
N ILE E 172 -34.33 -21.68 0.17
CA ILE E 172 -33.62 -20.96 1.22
C ILE E 172 -32.46 -21.84 1.69
N VAL E 173 -31.26 -21.28 1.71
CA VAL E 173 -30.09 -21.98 2.22
C VAL E 173 -29.70 -21.48 3.60
N VAL E 174 -29.67 -22.38 4.58
CA VAL E 174 -29.34 -22.02 5.96
C VAL E 174 -28.00 -22.60 6.39
N VAL E 175 -27.08 -21.74 6.82
CA VAL E 175 -25.78 -22.20 7.30
C VAL E 175 -25.39 -21.55 8.64
N GLN E 176 -24.39 -22.12 9.31
CA GLN E 176 -23.85 -21.54 10.54
C GLN E 176 -22.36 -21.23 10.39
N PRO E 177 -22.02 -19.96 10.12
CA PRO E 177 -20.66 -19.49 9.91
C PRO E 177 -19.69 -19.85 11.04
N ASP E 178 -20.21 -19.95 12.26
CA ASP E 178 -19.40 -20.30 13.43
C ASP E 178 -18.73 -21.66 13.26
N ALA E 179 -19.47 -22.60 12.69
CA ALA E 179 -19.04 -24.00 12.55
C ALA E 179 -17.92 -24.22 11.54
N TRP E 180 -17.79 -23.31 10.58
CA TRP E 180 -16.84 -23.45 9.48
C TRP E 180 -15.38 -23.28 9.89
N THR E 181 -14.54 -24.19 9.40
CA THR E 181 -13.11 -24.19 9.67
C THR E 181 -12.29 -24.32 8.37
N GLU E 182 -11.13 -23.68 8.37
CA GLU E 182 -10.19 -23.66 7.24
C GLU E 182 -10.74 -23.10 5.92
N ASP E 183 -11.95 -22.56 5.94
CA ASP E 183 -12.53 -21.93 4.76
C ASP E 183 -13.63 -20.96 5.17
N ASN E 184 -13.82 -19.90 4.39
CA ASN E 184 -14.97 -19.02 4.54
C ASN E 184 -15.99 -19.25 3.43
N GLY E 185 -16.17 -20.50 3.04
CA GLY E 185 -16.92 -20.87 1.87
C GLY E 185 -18.37 -20.42 1.83
N PHE E 186 -18.91 -19.99 2.96
CA PHE E 186 -20.29 -19.54 3.03
C PHE E 186 -20.48 -18.22 2.27
N HIS E 187 -19.37 -17.57 1.92
CA HIS E 187 -19.42 -16.39 1.07
C HIS E 187 -19.48 -16.79 -0.40
N ALA E 188 -19.39 -18.09 -0.67
CA ALA E 188 -19.26 -18.59 -2.04
C ALA E 188 -20.47 -19.41 -2.52
N ILE E 189 -21.46 -19.60 -1.66
CA ILE E 189 -22.62 -20.41 -2.01
C ILE E 189 -23.44 -19.83 -3.15
N GLY E 190 -23.49 -18.51 -3.25
CA GLY E 190 -24.26 -17.86 -4.29
C GLY E 190 -23.86 -18.17 -5.72
N GLN E 191 -22.62 -18.58 -5.93
CA GLN E 191 -22.17 -18.93 -7.28
C GLN E 191 -22.62 -20.35 -7.64
N MET E 192 -22.93 -21.15 -6.64
CA MET E 192 -23.31 -22.54 -6.87
C MET E 192 -24.81 -22.74 -7.00
N CYS E 193 -25.60 -21.77 -6.52
CA CYS E 193 -27.04 -21.83 -6.66
C CYS E 193 -27.67 -20.45 -6.60
N GLU E 194 -28.91 -20.33 -7.07
CA GLU E 194 -29.63 -19.07 -7.06
C GLU E 194 -30.63 -19.04 -5.91
N ALA E 195 -30.14 -18.79 -4.71
CA ALA E 195 -30.98 -18.84 -3.52
C ALA E 195 -30.40 -17.98 -2.39
N PRO E 196 -31.27 -17.45 -1.53
CA PRO E 196 -30.81 -16.65 -0.39
C PRO E 196 -29.97 -17.46 0.60
N VAL E 197 -28.97 -16.81 1.20
CA VAL E 197 -28.14 -17.47 2.21
C VAL E 197 -28.30 -16.80 3.56
N VAL E 198 -28.79 -17.54 4.53
CA VAL E 198 -29.07 -16.98 5.85
C VAL E 198 -28.44 -17.81 6.98
N THR E 199 -28.29 -17.18 8.14
CA THR E 199 -27.74 -17.86 9.31
C THR E 199 -28.76 -18.80 9.93
N ARG E 200 -28.29 -19.72 10.76
CA ARG E 200 -29.17 -20.65 11.47
C ARG E 200 -30.09 -19.88 12.41
N GLU E 201 -29.63 -18.70 12.84
CA GLU E 201 -30.39 -17.86 13.75
C GLU E 201 -31.73 -17.45 13.15
N TRP E 202 -31.82 -17.47 11.82
CA TRP E 202 -33.08 -17.20 11.15
C TRP E 202 -34.12 -18.26 11.50
N VAL E 203 -33.73 -19.52 11.44
CA VAL E 203 -34.63 -20.62 11.77
C VAL E 203 -35.04 -20.56 13.23
N LEU E 204 -34.05 -20.48 14.10
CA LEU E 204 -34.27 -20.49 15.54
C LEU E 204 -35.20 -19.37 16.01
N ASP E 205 -34.99 -18.17 15.50
CA ASP E 205 -35.82 -17.02 15.85
C ASP E 205 -37.26 -17.19 15.33
N SER E 206 -37.38 -17.65 14.10
CA SER E 206 -38.69 -17.83 13.49
C SER E 206 -39.48 -18.89 14.24
N VAL E 207 -38.80 -19.96 14.62
CA VAL E 207 -39.45 -21.05 15.34
C VAL E 207 -39.90 -20.59 16.73
N ALA E 208 -39.01 -19.91 17.43
CA ALA E 208 -39.29 -19.43 18.79
C ALA E 208 -40.52 -18.51 18.85
N LEU E 209 -40.68 -17.69 17.82
CA LEU E 209 -41.82 -16.77 17.76
C LEU E 209 -42.99 -17.42 17.05
N TYR E 210 -42.70 -18.56 16.43
CA TYR E 210 -43.57 -19.20 15.44
C TYR E 210 -44.22 -18.17 14.53
N GLN E 211 -43.36 -17.38 13.89
CA GLN E 211 -43.76 -16.45 12.85
C GLN E 211 -42.57 -16.23 11.94
N CYS E 212 -42.80 -16.35 10.64
CA CYS E 212 -41.72 -16.33 9.66
C CYS E 212 -41.06 -14.95 9.59
N GLN E 213 -39.80 -14.88 9.98
CA GLN E 213 -39.06 -13.62 9.98
C GLN E 213 -38.57 -13.24 8.59
N GLU E 214 -38.39 -11.94 8.37
CA GLU E 214 -37.81 -11.44 7.13
C GLU E 214 -36.32 -11.77 7.06
N LEU E 215 -35.87 -12.20 5.88
CA LEU E 215 -34.49 -12.64 5.71
C LEU E 215 -33.44 -11.52 5.76
N ASP E 216 -33.87 -10.28 5.58
CA ASP E 216 -32.96 -9.13 5.42
C ASP E 216 -31.84 -9.06 6.46
N THR E 217 -32.19 -9.16 7.73
CA THR E 217 -31.23 -9.03 8.80
C THR E 217 -30.34 -10.26 8.97
N TYR E 218 -30.79 -11.39 8.42
CA TYR E 218 -30.08 -12.66 8.59
C TYR E 218 -29.24 -13.00 7.37
N LEU E 219 -29.25 -12.12 6.38
CA LEU E 219 -28.61 -12.39 5.11
C LEU E 219 -27.09 -12.41 5.20
N ILE E 220 -26.47 -13.38 4.54
CA ILE E 220 -25.03 -13.48 4.48
C ILE E 220 -24.46 -12.95 3.17
N PRO E 221 -23.54 -11.98 3.26
CA PRO E 221 -22.91 -11.36 2.08
C PRO E 221 -22.18 -12.40 1.23
N GLN E 222 -22.38 -12.35 -0.08
CA GLN E 222 -21.73 -13.31 -0.96
C GLN E 222 -20.59 -12.64 -1.71
N ILE E 223 -19.75 -13.46 -2.34
CA ILE E 223 -18.68 -12.97 -3.18
C ILE E 223 -18.91 -13.36 -4.64
N PRO E 224 -18.93 -12.36 -5.53
CA PRO E 224 -19.16 -12.55 -6.97
C PRO E 224 -18.04 -13.33 -7.68
N VAL F 11 -31.73 17.86 35.53
CA VAL F 11 -30.66 18.56 36.24
C VAL F 11 -29.29 17.96 35.94
N ASN F 12 -28.42 18.77 35.34
CA ASN F 12 -27.04 18.40 35.12
C ASN F 12 -26.14 19.11 36.14
N LYS F 13 -24.93 18.61 36.32
CA LYS F 13 -24.01 19.13 37.33
C LYS F 13 -23.75 20.63 37.17
N ARG F 14 -23.45 21.29 38.28
CA ARG F 14 -23.18 22.72 38.28
C ARG F 14 -21.73 23.01 38.63
N MET F 15 -21.13 23.96 37.91
CA MET F 15 -19.74 24.32 38.15
C MET F 15 -19.57 24.98 39.50
N SER F 16 -18.52 24.57 40.20
CA SER F 16 -18.21 25.13 41.50
C SER F 16 -16.71 25.07 41.72
N MET F 17 -16.09 26.21 42.04
CA MET F 17 -14.63 26.26 42.15
C MET F 17 -14.16 26.44 43.58
N VAL F 18 -12.98 25.90 43.85
CA VAL F 18 -12.21 26.24 45.04
C VAL F 18 -10.83 26.57 44.53
N VAL F 19 -10.08 27.39 45.26
CA VAL F 19 -8.76 27.80 44.80
C VAL F 19 -7.66 27.37 45.76
N SER F 20 -6.44 27.30 45.25
CA SER F 20 -5.30 26.86 46.04
C SER F 20 -3.99 27.44 45.53
N GLY F 21 -3.16 27.91 46.46
CA GLY F 21 -1.84 28.43 46.14
C GLY F 21 -1.83 29.90 45.75
N LEU F 22 -2.98 30.57 45.91
CA LEU F 22 -3.07 31.97 45.55
C LEU F 22 -2.81 32.87 46.75
N THR F 23 -2.12 33.98 46.50
CA THR F 23 -1.97 35.03 47.50
C THR F 23 -3.34 35.69 47.70
N PRO F 24 -3.55 36.35 48.86
CA PRO F 24 -4.83 37.01 49.11
C PRO F 24 -5.25 37.97 47.99
N GLU F 25 -4.32 38.80 47.55
CA GLU F 25 -4.61 39.82 46.54
C GLU F 25 -5.08 39.16 45.24
N GLU F 26 -4.46 38.02 44.90
CA GLU F 26 -4.83 37.26 43.71
C GLU F 26 -6.24 36.68 43.81
N PHE F 27 -6.65 36.28 45.00
CA PHE F 27 -7.98 35.70 45.21
C PHE F 27 -9.07 36.71 44.84
N MET F 28 -8.82 37.99 45.13
CA MET F 28 -9.82 39.03 44.90
C MET F 28 -10.17 39.12 43.41
N LEU F 29 -9.17 38.87 42.57
CA LEU F 29 -9.39 38.84 41.12
C LEU F 29 -10.34 37.69 40.76
N VAL F 30 -10.21 36.58 41.47
CA VAL F 30 -11.08 35.42 41.28
C VAL F 30 -12.51 35.73 41.71
N TYR F 31 -12.64 36.49 42.80
CA TYR F 31 -13.97 36.84 43.30
C TYR F 31 -14.78 37.66 42.31
N LYS F 32 -14.15 38.71 41.81
CA LYS F 32 -14.75 39.60 40.82
C LYS F 32 -15.06 38.86 39.53
N PHE F 33 -14.16 37.97 39.13
CA PHE F 33 -14.32 37.19 37.91
C PHE F 33 -15.52 36.27 38.06
N ALA F 34 -15.60 35.57 39.19
CA ALA F 34 -16.68 34.64 39.46
C ALA F 34 -18.02 35.37 39.53
N ARG F 35 -18.01 36.57 40.08
CA ARG F 35 -19.22 37.38 40.20
C ARG F 35 -19.76 37.75 38.83
N LYS F 36 -18.87 38.18 37.94
CA LYS F 36 -19.28 38.61 36.61
C LYS F 36 -19.90 37.48 35.79
N HIS F 37 -19.30 36.30 35.86
CA HIS F 37 -19.79 35.16 35.09
C HIS F 37 -20.63 34.15 35.86
N HIS F 38 -21.35 34.62 36.86
CA HIS F 38 -22.32 33.83 37.63
C HIS F 38 -21.79 32.44 38.04
N ILE F 39 -20.53 32.35 38.45
CA ILE F 39 -19.92 31.08 38.84
C ILE F 39 -19.93 30.80 40.34
N THR F 40 -20.29 29.58 40.73
CA THR F 40 -20.23 29.17 42.13
C THR F 40 -18.78 29.11 42.59
N LEU F 41 -18.50 29.69 43.74
CA LEU F 41 -17.14 29.70 44.30
C LEU F 41 -17.19 29.49 45.80
N THR F 42 -16.59 28.40 46.26
CA THR F 42 -16.61 28.04 47.68
C THR F 42 -15.19 27.97 48.21
N ASN F 43 -15.06 27.94 49.54
CA ASN F 43 -13.74 27.89 50.17
C ASN F 43 -13.33 26.48 50.61
N LEU F 44 -14.26 25.54 50.61
CA LEU F 44 -13.92 24.14 50.88
C LEU F 44 -14.37 23.25 49.73
N ILE F 45 -13.52 22.30 49.37
CA ILE F 45 -13.75 21.42 48.22
C ILE F 45 -14.66 20.24 48.58
N THR F 46 -15.66 20.00 47.74
CA THR F 46 -16.64 18.94 47.97
C THR F 46 -16.81 18.04 46.77
N GLU F 47 -17.72 17.09 46.91
CA GLU F 47 -18.10 16.21 45.82
C GLU F 47 -18.74 17.05 44.72
N GLU F 48 -19.37 18.15 45.12
CA GLU F 48 -20.00 19.07 44.18
C GLU F 48 -18.98 19.96 43.48
N THR F 49 -17.80 20.08 44.08
CA THR F 49 -16.73 20.88 43.48
C THR F 49 -16.26 20.24 42.18
N THR F 50 -16.19 21.04 41.12
CA THR F 50 -15.82 20.53 39.81
C THR F 50 -14.48 21.07 39.33
N HIS F 51 -14.11 22.26 39.81
CA HIS F 51 -12.85 22.90 39.40
C HIS F 51 -11.97 23.29 40.58
N VAL F 52 -10.68 23.03 40.44
CA VAL F 52 -9.68 23.44 41.41
C VAL F 52 -8.67 24.33 40.68
N VAL F 53 -8.56 25.59 41.09
CA VAL F 53 -7.71 26.55 40.40
C VAL F 53 -6.35 26.71 41.07
N MET F 54 -5.30 26.32 40.36
CA MET F 54 -3.94 26.31 40.90
C MET F 54 -3.04 27.46 40.40
N LYS F 55 -2.16 27.93 41.27
CA LYS F 55 -1.13 28.91 40.91
C LYS F 55 0.04 28.25 40.17
N THR F 56 0.31 28.69 38.95
CA THR F 56 1.37 28.10 38.14
C THR F 56 2.32 29.13 37.52
N ASP F 57 3.39 28.64 36.89
CA ASP F 57 4.27 29.48 36.08
C ASP F 57 3.81 29.44 34.62
N ALA F 58 4.65 29.97 33.72
CA ALA F 58 4.29 30.03 32.31
C ALA F 58 4.17 28.64 31.69
N GLU F 59 4.83 27.66 32.31
CA GLU F 59 4.84 26.29 31.81
C GLU F 59 3.88 25.38 32.60
N PHE F 60 2.97 25.99 33.36
CA PHE F 60 1.92 25.27 34.08
C PHE F 60 2.41 24.23 35.08
N VAL F 61 3.33 24.63 35.95
CA VAL F 61 3.83 23.76 37.02
C VAL F 61 3.49 24.39 38.37
N CYS F 62 2.89 23.61 39.26
CA CYS F 62 2.39 24.13 40.53
C CYS F 62 3.05 23.50 41.75
N GLU F 63 2.62 23.94 42.93
CA GLU F 63 3.02 23.33 44.19
C GLU F 63 2.07 22.21 44.56
N ARG F 64 2.50 21.32 45.45
CA ARG F 64 1.62 20.25 45.92
C ARG F 64 0.94 20.66 47.23
N THR F 65 -0.36 20.97 47.12
CA THR F 65 -1.17 21.33 48.28
C THR F 65 -2.25 20.28 48.53
N LEU F 66 -2.95 20.38 49.64
CA LEU F 66 -4.02 19.43 49.94
C LEU F 66 -5.10 19.51 48.87
N LYS F 67 -5.45 20.71 48.44
CA LYS F 67 -6.46 20.91 47.41
C LYS F 67 -5.96 20.40 46.06
N TYR F 68 -4.64 20.39 45.89
CA TYR F 68 -4.05 19.83 44.69
C TYR F 68 -4.31 18.33 44.59
N PHE F 69 -4.01 17.60 45.67
CA PHE F 69 -4.24 16.16 45.70
C PHE F 69 -5.72 15.83 45.58
N LEU F 70 -6.53 16.51 46.38
CA LEU F 70 -7.97 16.27 46.43
C LEU F 70 -8.63 16.61 45.08
N GLY F 71 -8.06 17.59 44.38
CA GLY F 71 -8.54 17.95 43.06
C GLY F 71 -8.32 16.82 42.09
N ILE F 72 -7.13 16.24 42.13
CA ILE F 72 -6.78 15.10 41.28
C ILE F 72 -7.53 13.82 41.69
N ALA F 73 -7.57 13.57 42.99
CA ALA F 73 -8.20 12.37 43.54
C ALA F 73 -9.66 12.25 43.11
N GLY F 74 -10.34 13.38 43.00
CA GLY F 74 -11.73 13.39 42.60
C GLY F 74 -11.87 13.45 41.10
N GLY F 75 -10.74 13.45 40.39
CA GLY F 75 -10.74 13.48 38.94
C GLY F 75 -11.36 14.78 38.45
N LYS F 76 -11.23 15.82 39.27
CA LYS F 76 -11.84 17.11 38.99
C LYS F 76 -10.94 17.92 38.07
N TRP F 77 -11.51 18.94 37.44
CA TRP F 77 -10.74 19.77 36.52
C TRP F 77 -9.79 20.68 37.29
N VAL F 78 -8.49 20.45 37.10
CA VAL F 78 -7.46 21.23 37.77
C VAL F 78 -6.79 22.16 36.75
N VAL F 79 -7.05 23.45 36.85
CA VAL F 79 -6.58 24.43 35.86
C VAL F 79 -5.72 25.53 36.46
N SER F 80 -4.96 26.22 35.60
CA SER F 80 -4.03 27.26 36.04
C SER F 80 -4.71 28.60 36.31
N TYR F 81 -4.12 29.38 37.21
CA TYR F 81 -4.61 30.70 37.57
C TYR F 81 -4.55 31.64 36.36
N PHE F 82 -3.68 31.34 35.41
CA PHE F 82 -3.55 32.17 34.20
C PHE F 82 -4.81 32.14 33.35
N TRP F 83 -5.68 31.18 33.62
CA TRP F 83 -6.97 31.12 32.96
C TRP F 83 -7.78 32.36 33.30
N VAL F 84 -7.63 32.84 34.53
CA VAL F 84 -8.34 34.03 34.99
C VAL F 84 -7.73 35.29 34.40
N THR F 85 -6.42 35.46 34.60
CA THR F 85 -5.71 36.65 34.20
C THR F 85 -5.78 36.92 32.69
N GLN F 86 -5.71 35.85 31.91
CA GLN F 86 -5.77 35.97 30.46
C GLN F 86 -7.17 36.33 30.00
N SER F 87 -8.17 35.75 30.68
CA SER F 87 -9.57 36.03 30.38
C SER F 87 -9.92 37.49 30.65
N ILE F 88 -9.29 38.06 31.66
CA ILE F 88 -9.47 39.49 31.96
C ILE F 88 -8.84 40.33 30.86
N LYS F 89 -7.65 39.92 30.42
CA LYS F 89 -6.91 40.63 29.38
C LYS F 89 -7.69 40.75 28.08
N GLU F 90 -8.51 39.73 27.77
CA GLU F 90 -9.28 39.72 26.53
C GLU F 90 -10.76 39.97 26.80
N ARG F 91 -11.12 40.13 28.07
CA ARG F 91 -12.50 40.39 28.50
C ARG F 91 -13.48 39.32 28.00
N LYS F 92 -12.95 38.13 27.73
CA LYS F 92 -13.76 37.01 27.28
C LYS F 92 -13.69 35.85 28.27
N MET F 93 -14.45 34.80 27.98
CA MET F 93 -14.37 33.55 28.72
C MET F 93 -13.60 32.47 27.98
N LEU F 94 -12.30 32.43 28.20
CA LEU F 94 -11.46 31.46 27.54
C LEU F 94 -11.77 30.05 28.02
N ASN F 95 -11.35 29.05 27.24
CA ASN F 95 -11.61 27.66 27.59
C ASN F 95 -10.62 27.21 28.66
N GLU F 96 -11.13 26.67 29.78
CA GLU F 96 -10.29 26.33 30.92
C GLU F 96 -9.28 25.24 30.58
N HIS F 97 -9.81 24.24 29.88
CA HIS F 97 -9.10 22.99 29.53
C HIS F 97 -7.70 23.23 28.97
N ASP F 98 -7.54 24.33 28.26
CA ASP F 98 -6.24 24.72 27.71
C ASP F 98 -5.25 25.12 28.80
N PHE F 99 -5.77 25.34 30.00
CA PHE F 99 -4.96 25.83 31.12
C PHE F 99 -4.81 24.77 32.21
N GLU F 100 -5.04 23.51 31.87
CA GLU F 100 -4.87 22.42 32.82
C GLU F 100 -3.40 22.33 33.22
N VAL F 101 -3.14 22.20 34.53
CA VAL F 101 -1.78 22.13 35.01
C VAL F 101 -1.12 20.82 34.57
N ARG F 102 0.15 20.90 34.20
CA ARG F 102 0.85 19.79 33.57
C ARG F 102 1.69 18.98 34.55
N GLY F 103 2.10 19.60 35.65
CA GLY F 103 2.88 18.90 36.67
C GLY F 103 3.15 19.74 37.90
N ASP F 104 3.99 19.23 38.79
CA ASP F 104 4.36 19.94 40.00
C ASP F 104 5.86 19.87 40.27
N VAL F 105 6.32 20.67 41.23
CA VAL F 105 7.74 20.82 41.51
C VAL F 105 8.36 19.65 42.28
N VAL F 106 7.58 18.59 42.49
CA VAL F 106 8.06 17.44 43.24
C VAL F 106 8.22 16.21 42.35
N ASN F 107 7.19 15.89 41.59
CA ASN F 107 7.14 14.63 40.84
C ASN F 107 7.37 14.77 39.33
N GLY F 108 7.58 15.99 38.84
CA GLY F 108 7.83 16.20 37.43
C GLY F 108 7.07 17.36 36.82
N ARG F 109 7.69 18.02 35.84
CA ARG F 109 7.13 19.24 35.25
C ARG F 109 6.11 18.93 34.14
N ASN F 110 5.99 17.67 33.76
CA ASN F 110 5.07 17.29 32.70
C ASN F 110 4.53 15.85 32.83
N HIS F 111 4.09 15.47 34.03
CA HIS F 111 3.60 14.12 34.26
C HIS F 111 2.11 13.94 33.93
N GLN F 112 1.44 15.04 33.57
CA GLN F 112 0.04 15.01 33.12
C GLN F 112 -0.91 14.33 34.11
N GLY F 113 -0.67 14.52 35.40
CA GLY F 113 -1.47 13.92 36.45
C GLY F 113 -2.96 14.17 36.40
N PRO F 114 -3.36 15.46 36.46
CA PRO F 114 -4.78 15.83 36.38
C PRO F 114 -5.50 15.25 35.15
N LYS F 115 -4.83 15.28 34.01
CA LYS F 115 -5.41 14.76 32.78
C LYS F 115 -5.72 13.27 32.89
N ARG F 116 -4.76 12.50 33.39
CA ARG F 116 -4.94 11.06 33.53
C ARG F 116 -6.01 10.70 34.58
N ALA F 117 -6.10 11.52 35.62
CA ALA F 117 -7.07 11.27 36.69
C ALA F 117 -8.50 11.27 36.15
N ARG F 118 -8.78 12.20 35.23
CA ARG F 118 -10.09 12.30 34.60
C ARG F 118 -10.38 11.12 33.68
N GLU F 119 -9.35 10.68 32.98
CA GLU F 119 -9.49 9.70 31.91
C GLU F 119 -9.29 8.26 32.40
N SER F 120 -9.06 8.10 33.70
CA SER F 120 -8.80 6.78 34.26
C SER F 120 -9.62 6.51 35.52
N GLN F 121 -10.80 7.12 35.58
CA GLN F 121 -11.71 6.88 36.69
C GLN F 121 -12.30 5.49 36.58
N ASP F 122 -12.12 4.87 35.41
CA ASP F 122 -12.57 3.52 35.15
C ASP F 122 -11.59 2.51 35.75
N ARG F 123 -10.36 2.96 36.01
CA ARG F 123 -9.34 2.11 36.61
C ARG F 123 -8.55 2.86 37.68
N LYS F 124 -9.21 3.16 38.79
CA LYS F 124 -8.59 3.92 39.87
C LYS F 124 -7.38 3.21 40.46
N ILE F 125 -6.38 4.00 40.87
CA ILE F 125 -5.06 3.48 41.23
C ILE F 125 -5.05 2.65 42.51
N PHE F 126 -6.02 2.90 43.40
CA PHE F 126 -6.05 2.19 44.67
C PHE F 126 -7.13 1.13 44.70
N ARG F 127 -7.56 0.68 43.52
CA ARG F 127 -8.54 -0.39 43.42
C ARG F 127 -7.99 -1.69 44.00
N GLY F 128 -8.72 -2.27 44.95
CA GLY F 128 -8.35 -3.54 45.52
C GLY F 128 -7.33 -3.44 46.65
N LEU F 129 -7.15 -2.24 47.17
CA LEU F 129 -6.21 -2.02 48.26
C LEU F 129 -6.92 -1.59 49.54
N GLU F 130 -6.42 -2.06 50.68
CA GLU F 130 -6.91 -1.62 51.97
C GLU F 130 -5.85 -0.84 52.74
N ILE F 131 -6.12 0.44 52.95
CA ILE F 131 -5.13 1.33 53.54
C ILE F 131 -5.55 1.79 54.94
N CYS F 132 -4.61 1.68 55.88
CA CYS F 132 -4.82 2.21 57.23
C CYS F 132 -3.91 3.41 57.46
N CYS F 133 -4.52 4.58 57.64
CA CYS F 133 -3.78 5.79 57.95
C CYS F 133 -3.50 5.86 59.45
N TYR F 134 -2.31 5.42 59.83
CA TYR F 134 -1.93 5.29 61.23
C TYR F 134 -1.36 6.60 61.76
N GLY F 135 -2.15 7.32 62.56
CA GLY F 135 -1.77 8.63 63.04
C GLY F 135 -0.50 8.65 63.87
N PRO F 136 0.01 9.84 64.16
CA PRO F 136 -0.59 11.12 63.78
C PRO F 136 -0.08 11.62 62.42
N PHE F 137 -0.58 12.77 61.99
CA PHE F 137 -0.19 13.40 60.74
C PHE F 137 -0.04 14.90 60.94
N THR F 138 0.78 15.52 60.09
CA THR F 138 1.02 16.95 60.19
C THR F 138 0.59 17.69 58.94
N ASN F 139 0.07 18.91 59.13
CA ASN F 139 -0.34 19.80 58.05
C ASN F 139 -1.43 19.22 57.15
N MET F 140 -1.98 18.07 57.57
CA MET F 140 -3.00 17.38 56.80
C MET F 140 -3.79 16.44 57.70
N PRO F 141 -5.07 16.80 57.96
CA PRO F 141 -5.98 16.00 58.79
C PRO F 141 -6.08 14.54 58.36
N THR F 142 -6.21 13.63 59.32
CA THR F 142 -6.31 12.21 59.03
C THR F 142 -7.55 11.89 58.18
N ASP F 143 -8.68 12.53 58.50
CA ASP F 143 -9.93 12.26 57.79
C ASP F 143 -9.90 12.79 56.35
N GLN F 144 -9.01 13.73 56.07
CA GLN F 144 -8.86 14.28 54.73
C GLN F 144 -7.95 13.41 53.87
N LEU F 145 -6.92 12.85 54.49
CA LEU F 145 -6.04 11.91 53.80
C LEU F 145 -6.81 10.66 53.41
N GLU F 146 -7.69 10.21 54.30
CA GLU F 146 -8.57 9.08 54.03
C GLU F 146 -9.55 9.37 52.89
N TRP F 147 -10.10 10.59 52.87
CA TRP F 147 -11.01 10.98 51.78
C TRP F 147 -10.28 10.94 50.45
N MET F 148 -8.99 11.25 50.47
CA MET F 148 -8.17 11.24 49.28
C MET F 148 -8.14 9.85 48.64
N VAL F 149 -7.82 8.84 49.44
CA VAL F 149 -7.71 7.48 48.92
C VAL F 149 -9.07 6.85 48.55
N GLN F 150 -10.14 7.26 49.23
CA GLN F 150 -11.48 6.80 48.85
C GLN F 150 -11.81 7.20 47.43
N LEU F 151 -11.52 8.46 47.11
CA LEU F 151 -11.76 9.00 45.78
C LEU F 151 -10.91 8.28 44.76
N CYS F 152 -9.84 7.66 45.22
CA CYS F 152 -8.94 6.90 44.36
C CYS F 152 -9.19 5.40 44.41
N GLY F 153 -10.27 5.00 45.09
CA GLY F 153 -10.71 3.61 45.07
C GLY F 153 -10.24 2.71 46.21
N ALA F 154 -9.50 3.29 47.15
CA ALA F 154 -9.01 2.53 48.29
C ALA F 154 -10.10 2.33 49.33
N SER F 155 -9.91 1.31 50.16
CA SER F 155 -10.81 1.06 51.28
C SER F 155 -10.18 1.59 52.56
N VAL F 156 -10.87 2.52 53.22
CA VAL F 156 -10.32 3.16 54.40
C VAL F 156 -10.50 2.27 55.61
N VAL F 157 -9.42 2.06 56.35
CA VAL F 157 -9.47 1.25 57.55
C VAL F 157 -9.04 2.09 58.75
N LYS F 158 -9.94 2.19 59.74
CA LYS F 158 -9.75 3.07 60.88
C LYS F 158 -8.81 2.50 61.93
N GLU F 159 -8.87 1.19 62.11
CA GLU F 159 -8.11 0.51 63.15
C GLU F 159 -7.26 -0.62 62.57
N LEU F 160 -6.12 -0.91 63.18
CA LEU F 160 -5.23 -1.95 62.66
C LEU F 160 -5.91 -3.31 62.60
N SER F 161 -6.80 -3.55 63.56
CA SER F 161 -7.51 -4.82 63.67
C SER F 161 -8.61 -5.00 62.61
N SER F 162 -8.98 -3.92 61.93
CA SER F 162 -10.12 -3.93 61.01
C SER F 162 -9.77 -4.39 59.60
N PHE F 163 -8.52 -4.82 59.39
CA PHE F 163 -8.09 -5.29 58.08
C PHE F 163 -8.88 -6.53 57.66
N THR F 164 -9.32 -6.54 56.40
CA THR F 164 -10.03 -7.69 55.85
C THR F 164 -9.07 -8.84 55.59
N LEU F 165 -9.50 -10.05 55.93
CA LEU F 165 -8.67 -11.24 55.71
C LEU F 165 -9.02 -11.96 54.42
N GLY F 166 -7.99 -12.40 53.72
CA GLY F 166 -8.13 -13.09 52.45
C GLY F 166 -6.89 -12.93 51.59
N THR F 167 -6.72 -13.83 50.64
CA THR F 167 -5.57 -13.79 49.74
C THR F 167 -5.73 -12.72 48.67
N GLY F 168 -6.97 -12.43 48.29
CA GLY F 168 -7.24 -11.52 47.20
C GLY F 168 -7.16 -10.06 47.59
N VAL F 169 -7.25 -9.79 48.89
CA VAL F 169 -7.18 -8.41 49.39
C VAL F 169 -5.72 -8.08 49.65
N HIS F 170 -5.31 -6.86 49.28
CA HIS F 170 -3.93 -6.44 49.49
C HIS F 170 -3.86 -5.24 50.44
N PRO F 171 -3.58 -5.51 51.73
CA PRO F 171 -3.51 -4.50 52.79
C PRO F 171 -2.18 -3.75 52.87
N ILE F 172 -2.26 -2.45 53.18
CA ILE F 172 -1.09 -1.59 53.34
C ILE F 172 -1.27 -0.61 54.50
N VAL F 173 -0.26 -0.51 55.36
CA VAL F 173 -0.27 0.45 56.46
C VAL F 173 0.57 1.68 56.12
N VAL F 174 -0.06 2.85 56.17
CA VAL F 174 0.60 4.11 55.82
C VAL F 174 0.82 5.00 57.03
N VAL F 175 2.07 5.39 57.27
CA VAL F 175 2.41 6.25 58.39
C VAL F 175 3.28 7.44 57.97
N GLN F 176 3.39 8.42 58.86
CA GLN F 176 4.26 9.57 58.64
C GLN F 176 5.31 9.61 59.75
N PRO F 177 6.53 9.14 59.45
CA PRO F 177 7.64 9.04 60.41
C PRO F 177 7.94 10.36 61.12
N ASP F 178 7.69 11.47 60.42
CA ASP F 178 7.92 12.81 60.96
C ASP F 178 7.07 13.08 62.20
N ALA F 179 5.84 12.59 62.20
CA ALA F 179 4.90 12.84 63.29
C ALA F 179 5.35 12.10 64.56
N TRP F 180 6.05 10.99 64.36
CA TRP F 180 6.54 10.18 65.47
C TRP F 180 7.74 10.82 66.15
N THR F 181 7.69 10.96 67.46
CA THR F 181 8.80 11.55 68.18
C THR F 181 9.23 10.73 69.38
N GLU F 182 10.52 10.46 69.47
CA GLU F 182 11.08 9.85 70.66
C GLU F 182 10.78 8.35 70.69
N ASP F 183 10.19 7.86 69.62
CA ASP F 183 9.84 6.45 69.54
C ASP F 183 10.22 5.91 68.19
N ASN F 184 10.62 4.64 68.15
CA ASN F 184 10.79 4.00 66.85
C ASN F 184 9.69 2.97 66.65
N GLY F 185 8.51 3.27 67.18
CA GLY F 185 7.42 2.32 67.18
C GLY F 185 6.95 1.95 65.80
N PHE F 186 7.27 2.80 64.81
CA PHE F 186 6.88 2.53 63.43
C PHE F 186 7.76 1.40 62.88
N HIS F 187 8.85 1.11 63.59
CA HIS F 187 9.67 -0.05 63.28
C HIS F 187 9.08 -1.29 63.95
N ALA F 188 8.02 -1.08 64.72
CA ALA F 188 7.44 -2.15 65.53
C ALA F 188 6.03 -2.51 65.04
N ILE F 189 5.54 -1.80 64.03
CA ILE F 189 4.20 -2.06 63.50
C ILE F 189 4.17 -3.44 62.85
N GLY F 190 5.31 -3.85 62.28
CA GLY F 190 5.43 -5.16 61.66
C GLY F 190 5.21 -6.31 62.63
N GLN F 191 5.41 -6.04 63.92
CA GLN F 191 5.17 -7.01 64.96
C GLN F 191 3.68 -7.07 65.28
N MET F 192 2.96 -6.03 64.88
CA MET F 192 1.54 -5.90 65.19
C MET F 192 0.61 -6.40 64.08
N CYS F 193 1.12 -6.51 62.85
CA CYS F 193 0.31 -7.01 61.74
C CYS F 193 1.16 -7.58 60.60
N GLU F 194 0.52 -8.33 59.72
CA GLU F 194 1.20 -8.92 58.58
C GLU F 194 0.91 -8.12 57.30
N ALA F 195 1.57 -6.96 57.18
CA ALA F 195 1.33 -6.07 56.04
C ALA F 195 2.50 -5.13 55.83
N PRO F 196 2.75 -4.74 54.57
CA PRO F 196 3.81 -3.77 54.31
C PRO F 196 3.49 -2.42 54.94
N VAL F 197 4.51 -1.74 55.46
CA VAL F 197 4.34 -0.41 56.05
C VAL F 197 5.17 0.61 55.29
N VAL F 198 4.51 1.64 54.77
CA VAL F 198 5.15 2.65 53.94
C VAL F 198 4.90 4.06 54.48
N THR F 199 5.70 5.00 54.03
CA THR F 199 5.57 6.40 54.45
C THR F 199 4.35 7.02 53.81
N ARG F 200 3.90 8.15 54.34
CA ARG F 200 2.78 8.88 53.77
C ARG F 200 3.15 9.35 52.37
N GLU F 201 4.44 9.53 52.16
CA GLU F 201 4.98 10.01 50.89
C GLU F 201 4.65 9.09 49.71
N TRP F 202 4.39 7.82 49.98
CA TRP F 202 3.97 6.89 48.93
C TRP F 202 2.61 7.28 48.33
N VAL F 203 1.65 7.60 49.18
CA VAL F 203 0.32 7.98 48.74
C VAL F 203 0.31 9.25 47.90
N LEU F 204 0.92 10.30 48.44
CA LEU F 204 0.97 11.61 47.78
C LEU F 204 1.61 11.54 46.40
N ASP F 205 2.72 10.81 46.29
CA ASP F 205 3.41 10.65 45.01
C ASP F 205 2.55 9.92 43.99
N SER F 206 1.87 8.87 44.45
CA SER F 206 0.99 8.07 43.59
C SER F 206 -0.21 8.90 43.10
N VAL F 207 -0.76 9.70 44.00
CA VAL F 207 -1.92 10.54 43.69
C VAL F 207 -1.57 11.62 42.66
N ALA F 208 -0.44 12.28 42.87
CA ALA F 208 0.01 13.36 41.99
C ALA F 208 0.20 12.88 40.55
N LEU F 209 0.68 11.64 40.40
CA LEU F 209 0.90 11.06 39.07
C LEU F 209 -0.33 10.29 38.61
N TYR F 210 -1.26 10.07 39.54
CA TYR F 210 -2.35 9.10 39.39
C TYR F 210 -1.85 7.83 38.72
N GLN F 211 -0.84 7.23 39.33
CA GLN F 211 -0.35 5.91 38.96
C GLN F 211 0.32 5.28 40.18
N CYS F 212 -0.07 4.05 40.49
CA CYS F 212 0.37 3.39 41.71
C CYS F 212 1.86 3.08 41.69
N GLN F 213 2.61 3.72 42.57
CA GLN F 213 4.06 3.52 42.64
C GLN F 213 4.40 2.22 43.35
N GLU F 214 5.60 1.70 43.07
CA GLU F 214 6.09 0.49 43.73
C GLU F 214 6.41 0.76 45.20
N LEU F 215 6.03 -0.17 46.06
CA LEU F 215 6.26 -0.02 47.50
C LEU F 215 7.74 -0.10 47.85
N ASP F 216 8.52 -0.66 46.92
CA ASP F 216 9.94 -0.94 47.13
C ASP F 216 10.71 0.25 47.72
N THR F 217 10.56 1.42 47.11
CA THR F 217 11.31 2.60 47.53
C THR F 217 10.75 3.28 48.77
N TYR F 218 9.50 3.01 49.09
CA TYR F 218 8.86 3.66 50.24
C TYR F 218 8.74 2.77 51.48
N LEU F 219 9.24 1.54 51.38
CA LEU F 219 9.11 0.62 52.51
C LEU F 219 10.02 1.06 53.64
N ILE F 220 9.51 1.06 54.86
CA ILE F 220 10.34 1.33 56.03
C ILE F 220 10.65 -0.02 56.68
N PRO F 221 11.94 -0.34 56.83
CA PRO F 221 12.28 -1.66 57.39
C PRO F 221 11.76 -1.84 58.81
N GLN F 222 11.06 -2.94 59.07
CA GLN F 222 10.58 -3.20 60.41
C GLN F 222 11.29 -4.41 60.97
N ILE F 223 11.45 -4.46 62.28
CA ILE F 223 12.09 -5.61 62.90
C ILE F 223 11.12 -6.39 63.80
N PRO F 224 10.94 -7.69 63.49
CA PRO F 224 10.08 -8.57 64.28
C PRO F 224 10.62 -8.81 65.69
N ARG G 14 30.11 16.77 32.55
CA ARG G 14 30.81 18.04 32.39
C ARG G 14 31.14 18.32 30.93
N MET G 15 32.28 17.80 30.47
CA MET G 15 32.72 18.01 29.10
C MET G 15 31.83 17.31 28.07
N SER G 16 31.48 18.02 27.00
CA SER G 16 30.66 17.48 25.92
C SER G 16 30.93 18.17 24.58
N MET G 17 31.25 17.40 23.55
CA MET G 17 31.63 17.97 22.25
C MET G 17 30.58 17.73 21.15
N VAL G 18 30.50 18.68 20.22
CA VAL G 18 29.79 18.48 18.95
C VAL G 18 30.67 18.91 17.78
N VAL G 19 30.42 18.36 16.59
CA VAL G 19 31.21 18.72 15.42
C VAL G 19 30.38 19.29 14.26
N SER G 20 31.04 20.03 13.38
CA SER G 20 30.38 20.62 12.23
C SER G 20 31.35 20.88 11.08
N GLY G 21 30.96 20.51 9.87
CA GLY G 21 31.75 20.79 8.69
C GLY G 21 32.83 19.76 8.44
N LEU G 22 32.81 18.69 9.22
CA LEU G 22 33.80 17.63 9.13
C LEU G 22 33.41 16.47 8.21
N THR G 23 34.40 15.91 7.52
CA THR G 23 34.22 14.68 6.76
C THR G 23 34.00 13.51 7.72
N PRO G 24 33.37 12.42 7.23
CA PRO G 24 33.11 11.24 8.06
C PRO G 24 34.36 10.70 8.77
N GLU G 25 35.46 10.55 8.03
CA GLU G 25 36.70 10.01 8.57
C GLU G 25 37.24 10.83 9.74
N GLU G 26 37.06 12.15 9.67
CA GLU G 26 37.50 13.05 10.72
C GLU G 26 36.75 12.81 12.02
N PHE G 27 35.47 12.50 11.91
CA PHE G 27 34.63 12.24 13.08
C PHE G 27 35.15 11.05 13.89
N MET G 28 35.64 10.04 13.19
CA MET G 28 36.11 8.81 13.84
C MET G 28 37.30 9.08 14.75
N LEU G 29 38.15 10.03 14.35
CA LEU G 29 39.30 10.41 15.16
C LEU G 29 38.87 11.04 16.48
N VAL G 30 37.82 11.85 16.42
CA VAL G 30 37.23 12.46 17.59
C VAL G 30 36.55 11.41 18.45
N TYR G 31 35.91 10.45 17.77
CA TYR G 31 35.19 9.37 18.44
C TYR G 31 36.14 8.58 19.32
N LYS G 32 37.31 8.26 18.77
CA LYS G 32 38.33 7.56 19.54
C LYS G 32 38.76 8.38 20.75
N PHE G 33 38.91 9.68 20.55
CA PHE G 33 39.28 10.58 21.64
C PHE G 33 38.20 10.70 22.71
N ALA G 34 36.96 10.95 22.28
CA ALA G 34 35.85 11.11 23.21
C ALA G 34 35.56 9.81 23.97
N ARG G 35 35.66 8.68 23.27
CA ARG G 35 35.44 7.38 23.87
C ARG G 35 36.54 7.03 24.89
N LYS G 36 37.78 7.31 24.50
CA LYS G 36 38.96 6.97 25.31
C LYS G 36 38.91 7.71 26.64
N HIS G 37 38.51 8.98 26.58
CA HIS G 37 38.36 9.81 27.78
C HIS G 37 36.91 9.99 28.23
N HIS G 38 36.07 8.99 27.96
CA HIS G 38 34.64 9.01 28.35
C HIS G 38 33.97 10.36 28.13
N ILE G 39 34.24 10.98 26.98
CA ILE G 39 33.65 12.27 26.67
C ILE G 39 32.39 12.12 25.82
N THR G 40 31.33 12.81 26.23
CA THR G 40 30.07 12.82 25.49
C THR G 40 30.23 13.52 24.14
N LEU G 41 29.75 12.90 23.07
CA LEU G 41 29.86 13.47 21.73
C LEU G 41 28.58 13.27 20.91
N THR G 42 27.93 14.35 20.52
CA THR G 42 26.66 14.28 19.79
C THR G 42 26.70 14.93 18.40
N ASN G 43 25.70 14.64 17.58
CA ASN G 43 25.62 15.21 16.24
C ASN G 43 24.68 16.41 16.22
N LEU G 44 23.91 16.56 17.30
CA LEU G 44 23.05 17.72 17.47
C LEU G 44 23.47 18.44 18.74
N ILE G 45 23.59 19.77 18.64
CA ILE G 45 24.11 20.57 19.73
C ILE G 45 23.01 20.93 20.75
N THR G 46 23.34 20.81 22.03
CA THR G 46 22.38 21.05 23.09
C THR G 46 22.93 22.06 24.11
N GLU G 47 22.14 22.35 25.14
CA GLU G 47 22.54 23.29 26.19
C GLU G 47 23.74 22.75 26.98
N GLU G 48 23.82 21.44 27.06
CA GLU G 48 24.89 20.76 27.79
C GLU G 48 26.18 20.74 27.00
N THR G 49 26.10 20.97 25.70
CA THR G 49 27.29 21.00 24.86
C THR G 49 28.18 22.13 25.33
N THR G 50 29.46 21.82 25.53
CA THR G 50 30.39 22.80 26.04
C THR G 50 31.41 23.17 24.97
N HIS G 51 31.65 22.27 24.03
CA HIS G 51 32.64 22.49 23.00
C HIS G 51 32.05 22.35 21.60
N VAL G 52 32.41 23.27 20.72
CA VAL G 52 32.00 23.21 19.32
C VAL G 52 33.22 23.18 18.41
N VAL G 53 33.36 22.09 17.66
CA VAL G 53 34.52 21.91 16.81
C VAL G 53 34.24 22.27 15.35
N MET G 54 34.88 23.33 14.88
CA MET G 54 34.68 23.81 13.52
C MET G 54 35.88 23.50 12.62
N LYS G 55 35.60 23.20 11.36
CA LYS G 55 36.66 23.05 10.37
C LYS G 55 37.17 24.41 9.92
N THR G 56 38.46 24.66 10.11
CA THR G 56 39.04 25.96 9.79
C THR G 56 40.29 25.83 8.93
N ASP G 57 40.79 26.98 8.47
CA ASP G 57 42.08 27.03 7.79
C ASP G 57 43.21 27.34 8.78
N ALA G 58 44.39 27.64 8.24
CA ALA G 58 45.56 27.90 9.06
C ALA G 58 45.39 29.18 9.89
N GLU G 59 44.55 30.08 9.43
CA GLU G 59 44.33 31.35 10.11
C GLU G 59 43.04 31.32 10.92
N PHE G 60 42.54 30.12 11.18
CA PHE G 60 41.38 29.90 12.03
C PHE G 60 40.11 30.59 11.50
N VAL G 61 39.80 30.36 10.23
CA VAL G 61 38.59 30.89 9.62
C VAL G 61 37.66 29.76 9.17
N CYS G 62 36.38 29.83 9.57
CA CYS G 62 35.44 28.75 9.30
C CYS G 62 34.24 29.20 8.47
N GLU G 63 33.37 28.24 8.15
CA GLU G 63 32.09 28.54 7.51
C GLU G 63 31.03 28.81 8.56
N ARG G 64 29.92 29.43 8.16
CA ARG G 64 28.83 29.70 9.08
C ARG G 64 27.78 28.59 9.07
N THR G 65 27.77 27.78 10.12
CA THR G 65 26.79 26.71 10.27
C THR G 65 25.88 26.98 11.45
N LEU G 66 24.81 26.20 11.58
CA LEU G 66 23.87 26.36 12.68
C LEU G 66 24.57 26.18 14.02
N LYS G 67 25.47 25.19 14.07
CA LYS G 67 26.21 24.87 15.28
C LYS G 67 27.18 26.00 15.64
N TYR G 68 27.64 26.71 14.63
CA TYR G 68 28.50 27.87 14.81
C TYR G 68 27.76 28.99 15.53
N PHE G 69 26.58 29.33 15.02
CA PHE G 69 25.77 30.39 15.62
C PHE G 69 25.32 30.01 17.03
N LEU G 70 24.80 28.80 17.17
CA LEU G 70 24.26 28.31 18.44
C LEU G 70 25.33 28.20 19.53
N GLY G 71 26.55 27.88 19.12
CA GLY G 71 27.66 27.76 20.05
C GLY G 71 28.00 29.07 20.73
N ILE G 72 28.05 30.13 19.93
CA ILE G 72 28.34 31.47 20.41
C ILE G 72 27.23 32.01 21.31
N ALA G 73 25.99 31.82 20.88
CA ALA G 73 24.82 32.33 21.59
C ALA G 73 24.73 31.85 23.05
N GLY G 74 25.14 30.61 23.29
CA GLY G 74 25.09 30.03 24.62
C GLY G 74 26.34 30.27 25.44
N GLY G 75 27.26 31.05 24.89
CA GLY G 75 28.52 31.35 25.55
C GLY G 75 29.36 30.11 25.74
N LYS G 76 29.15 29.15 24.84
CA LYS G 76 29.84 27.87 24.86
C LYS G 76 31.18 27.96 24.11
N TRP G 77 32.05 27.00 24.33
CA TRP G 77 33.37 27.00 23.67
C TRP G 77 33.32 26.66 22.20
N VAL G 78 33.68 27.63 21.37
CA VAL G 78 33.76 27.43 19.92
C VAL G 78 35.23 27.45 19.51
N VAL G 79 35.76 26.28 19.18
CA VAL G 79 37.18 26.14 18.91
C VAL G 79 37.46 25.54 17.53
N SER G 80 38.70 25.69 17.07
CA SER G 80 39.08 25.18 15.77
C SER G 80 39.34 23.69 15.88
N TYR G 81 39.20 22.98 14.76
CA TYR G 81 39.39 21.53 14.71
C TYR G 81 40.78 21.07 15.13
N PHE G 82 41.77 21.96 15.00
CA PHE G 82 43.14 21.62 15.33
C PHE G 82 43.35 21.34 16.82
N TRP G 83 42.39 21.75 17.65
CA TRP G 83 42.45 21.50 19.09
C TRP G 83 42.42 19.99 19.36
N VAL G 84 41.70 19.26 18.51
CA VAL G 84 41.54 17.82 18.66
C VAL G 84 42.80 17.04 18.26
N THR G 85 43.32 17.32 17.07
CA THR G 85 44.45 16.57 16.52
C THR G 85 45.70 16.67 17.40
N GLN G 86 45.92 17.83 17.99
CA GLN G 86 47.08 18.05 18.86
C GLN G 86 46.94 17.39 20.23
N SER G 87 45.73 17.43 20.79
CA SER G 87 45.47 16.83 22.10
C SER G 87 45.65 15.31 22.11
N ILE G 88 45.30 14.66 21.02
CA ILE G 88 45.53 13.22 20.89
C ILE G 88 47.03 12.94 20.81
N LYS G 89 47.72 13.78 20.03
CA LYS G 89 49.15 13.66 19.82
C LYS G 89 49.95 13.75 21.13
N GLU G 90 49.46 14.55 22.06
CA GLU G 90 50.14 14.72 23.35
C GLU G 90 49.39 14.07 24.51
N ARG G 91 48.22 13.50 24.22
CA ARG G 91 47.40 12.80 25.22
C ARG G 91 47.09 13.64 26.46
N LYS G 92 47.05 14.96 26.28
CA LYS G 92 46.73 15.85 27.39
C LYS G 92 45.42 16.59 27.15
N MET G 93 45.01 17.37 28.14
CA MET G 93 43.85 18.23 28.00
C MET G 93 44.33 19.65 27.74
N LEU G 94 44.59 19.96 26.47
CA LEU G 94 45.15 21.26 26.10
C LEU G 94 44.20 22.41 26.35
N ASN G 95 44.77 23.61 26.42
CA ASN G 95 44.00 24.83 26.69
C ASN G 95 43.30 25.31 25.42
N GLU G 96 42.00 25.55 25.53
CA GLU G 96 41.17 25.94 24.40
C GLU G 96 41.55 27.28 23.76
N HIS G 97 41.83 28.31 24.57
CA HIS G 97 42.15 29.64 24.04
C HIS G 97 43.14 29.65 22.87
N ASP G 98 44.13 28.75 22.92
CA ASP G 98 45.14 28.69 21.86
C ASP G 98 44.62 28.20 20.52
N PHE G 99 43.49 27.48 20.53
CA PHE G 99 42.98 26.91 19.29
C PHE G 99 41.59 27.45 18.96
N GLU G 100 41.21 28.54 19.60
CA GLU G 100 39.91 29.17 19.35
C GLU G 100 39.85 29.80 17.97
N VAL G 101 38.75 29.55 17.25
CA VAL G 101 38.56 30.09 15.91
C VAL G 101 38.37 31.61 15.97
N ARG G 102 38.98 32.34 15.03
CA ARG G 102 39.03 33.80 15.09
C ARG G 102 37.99 34.51 14.22
N GLY G 103 37.50 33.83 13.19
CA GLY G 103 36.49 34.43 12.33
C GLY G 103 35.88 33.52 11.29
N ASP G 104 35.08 34.11 10.40
CA ASP G 104 34.42 33.36 9.34
C ASP G 104 34.49 34.08 7.98
N VAL G 105 34.08 33.37 6.92
CA VAL G 105 34.23 33.85 5.55
C VAL G 105 33.21 34.91 5.15
N VAL G 106 32.37 35.32 6.10
CA VAL G 106 31.32 36.30 5.82
C VAL G 106 31.53 37.64 6.53
N ASN G 107 31.78 37.58 7.83
CA ASN G 107 31.77 38.76 8.67
C ASN G 107 33.15 39.30 9.04
N GLY G 108 34.20 38.64 8.58
CA GLY G 108 35.55 39.09 8.87
C GLY G 108 36.45 37.95 9.28
N ARG G 109 37.72 38.04 8.91
CA ARG G 109 38.67 36.95 9.15
C ARG G 109 39.26 36.96 10.55
N ASN G 110 39.01 38.03 11.31
CA ASN G 110 39.56 38.13 12.65
C ASN G 110 38.70 38.98 13.58
N HIS G 111 37.39 38.73 13.59
CA HIS G 111 36.49 39.52 14.41
C HIS G 111 36.38 38.99 15.84
N GLN G 112 37.02 37.85 16.10
CA GLN G 112 37.15 37.30 17.45
C GLN G 112 35.81 37.11 18.18
N GLY G 113 34.78 36.71 17.43
CA GLY G 113 33.44 36.53 17.97
C GLY G 113 33.23 35.65 19.18
N PRO G 114 33.63 34.37 19.09
CA PRO G 114 33.49 33.41 20.20
C PRO G 114 34.08 33.93 21.51
N LYS G 115 35.23 34.59 21.41
CA LYS G 115 35.91 35.16 22.57
C LYS G 115 35.02 36.19 23.27
N ARG G 116 34.44 37.07 22.47
CA ARG G 116 33.58 38.13 22.96
C ARG G 116 32.32 37.58 23.61
N ALA G 117 31.82 36.49 23.06
CA ALA G 117 30.62 35.85 23.57
C ALA G 117 30.78 35.38 25.01
N ARG G 118 31.92 34.78 25.32
CA ARG G 118 32.19 34.29 26.66
C ARG G 118 32.35 35.40 27.69
N GLU G 119 32.98 36.50 27.28
CA GLU G 119 33.38 37.54 28.22
C GLU G 119 32.32 38.62 28.37
N SER G 120 31.20 38.45 27.68
CA SER G 120 30.14 39.47 27.68
C SER G 120 28.75 38.86 27.89
N GLN G 121 28.68 37.78 28.66
CA GLN G 121 27.42 37.11 28.95
C GLN G 121 26.52 37.96 29.84
N ASP G 122 27.13 38.98 30.45
CA ASP G 122 26.41 39.93 31.31
C ASP G 122 25.72 41.04 30.50
N ARG G 123 26.12 41.18 29.24
CA ARG G 123 25.53 42.18 28.36
C ARG G 123 25.20 41.56 27.01
N LYS G 124 24.22 40.66 27.03
CA LYS G 124 23.79 39.92 25.85
C LYS G 124 23.29 40.87 24.77
N ILE G 125 23.54 40.51 23.51
CA ILE G 125 23.34 41.45 22.41
C ILE G 125 21.87 41.75 22.13
N PHE G 126 21.00 40.80 22.46
CA PHE G 126 19.57 40.96 22.19
C PHE G 126 18.77 41.19 23.46
N ARG G 127 19.46 41.62 24.52
CA ARG G 127 18.81 41.91 25.80
C ARG G 127 17.79 43.05 25.71
N GLY G 128 16.59 42.79 26.18
CA GLY G 128 15.54 43.81 26.20
C GLY G 128 14.78 43.88 24.89
N LEU G 129 14.95 42.85 24.06
CA LEU G 129 14.28 42.80 22.78
C LEU G 129 13.24 41.69 22.73
N GLU G 130 12.13 41.95 22.05
CA GLU G 130 11.14 40.92 21.82
C GLU G 130 11.14 40.57 20.35
N ILE G 131 11.56 39.35 20.04
CA ILE G 131 11.75 38.94 18.66
C ILE G 131 10.73 37.90 18.24
N CYS G 132 10.11 38.12 17.09
CA CYS G 132 9.23 37.12 16.52
C CYS G 132 9.88 36.52 15.28
N CYS G 133 10.23 35.24 15.37
CA CYS G 133 10.78 34.53 14.23
C CYS G 133 9.63 34.09 13.35
N TYR G 134 9.32 34.91 12.36
CA TYR G 134 8.16 34.71 11.51
C TYR G 134 8.47 33.82 10.33
N GLY G 135 7.97 32.59 10.39
CA GLY G 135 8.27 31.56 9.40
C GLY G 135 7.83 31.94 8.00
N PRO G 136 8.22 31.12 7.01
CA PRO G 136 8.94 29.86 7.17
C PRO G 136 10.45 30.04 7.10
N PHE G 137 11.19 28.95 7.27
CA PHE G 137 12.66 29.02 7.17
C PHE G 137 13.26 27.80 6.48
N THR G 138 14.44 27.99 5.89
CA THR G 138 15.17 26.92 5.23
C THR G 138 16.55 26.76 5.83
N ASN G 139 17.05 25.53 5.84
CA ASN G 139 18.39 25.21 6.34
C ASN G 139 18.58 25.56 7.81
N MET G 140 17.50 25.96 8.46
CA MET G 140 17.51 26.32 9.87
C MET G 140 16.09 26.26 10.41
N PRO G 141 15.80 25.26 11.26
CA PRO G 141 14.47 25.10 11.85
C PRO G 141 14.00 26.38 12.54
N THR G 142 12.70 26.66 12.44
CA THR G 142 12.13 27.87 13.03
C THR G 142 12.34 27.86 14.54
N ASP G 143 12.13 26.70 15.16
CA ASP G 143 12.26 26.57 16.61
C ASP G 143 13.72 26.64 17.07
N GLN G 144 14.65 26.43 16.15
CA GLN G 144 16.07 26.52 16.47
C GLN G 144 16.56 27.97 16.43
N LEU G 145 16.04 28.73 15.47
CA LEU G 145 16.33 30.16 15.38
C LEU G 145 15.76 30.89 16.58
N GLU G 146 14.59 30.47 17.02
CA GLU G 146 13.96 31.01 18.22
C GLU G 146 14.83 30.68 19.43
N TRP G 147 15.33 29.46 19.46
CA TRP G 147 16.22 29.02 20.54
C TRP G 147 17.53 29.81 20.52
N MET G 148 18.00 30.17 19.33
CA MET G 148 19.23 30.93 19.19
C MET G 148 19.13 32.28 19.89
N VAL G 149 18.09 33.03 19.56
CA VAL G 149 17.91 34.35 20.13
C VAL G 149 17.53 34.24 21.61
N GLN G 150 16.92 33.12 21.99
CA GLN G 150 16.64 32.83 23.39
C GLN G 150 17.96 32.83 24.17
N LEU G 151 18.95 32.17 23.60
CA LEU G 151 20.27 32.07 24.21
C LEU G 151 20.96 33.43 24.32
N CYS G 152 20.52 34.38 23.50
CA CYS G 152 21.11 35.72 23.52
C CYS G 152 20.30 36.73 24.33
N GLY G 153 19.30 36.25 25.07
CA GLY G 153 18.59 37.10 26.00
C GLY G 153 17.33 37.74 25.46
N ALA G 154 17.02 37.45 24.21
CA ALA G 154 15.82 38.00 23.58
C ALA G 154 14.59 37.22 24.04
N SER G 155 13.43 37.87 23.97
CA SER G 155 12.17 37.21 24.29
C SER G 155 11.45 36.78 23.02
N VAL G 156 11.24 35.48 22.88
CA VAL G 156 10.64 34.95 21.65
C VAL G 156 9.14 35.12 21.69
N VAL G 157 8.59 35.67 20.61
CA VAL G 157 7.16 35.85 20.45
C VAL G 157 6.74 35.05 19.22
N LYS G 158 5.78 34.16 19.41
CA LYS G 158 5.44 33.20 18.36
C LYS G 158 4.62 33.83 17.24
N GLU G 159 3.73 34.76 17.60
CA GLU G 159 2.86 35.41 16.61
C GLU G 159 2.93 36.93 16.71
N LEU G 160 2.71 37.60 15.58
CA LEU G 160 2.83 39.07 15.50
C LEU G 160 1.91 39.82 16.46
N SER G 161 0.72 39.28 16.70
CA SER G 161 -0.24 39.93 17.59
C SER G 161 0.15 39.82 19.06
N SER G 162 1.08 38.91 19.35
CA SER G 162 1.44 38.59 20.74
C SER G 162 2.52 39.51 21.28
N PHE G 163 2.90 40.52 20.49
CA PHE G 163 3.90 41.49 20.93
C PHE G 163 3.40 42.25 22.15
N THR G 164 4.28 42.43 23.13
CA THR G 164 3.94 43.18 24.33
C THR G 164 3.85 44.67 24.00
N LEU G 165 2.82 45.33 24.49
CA LEU G 165 2.66 46.77 24.27
C LEU G 165 3.15 47.53 25.50
N GLY G 166 3.84 48.63 25.25
CA GLY G 166 4.43 49.42 26.32
C GLY G 166 5.61 50.19 25.78
N THR G 167 6.02 51.22 26.51
CA THR G 167 7.15 52.04 26.08
C THR G 167 8.49 51.33 26.27
N GLY G 168 8.54 50.43 27.25
CA GLY G 168 9.79 49.75 27.58
C GLY G 168 10.15 48.58 26.69
N VAL G 169 9.18 48.09 25.92
CA VAL G 169 9.38 46.93 25.07
C VAL G 169 9.93 47.30 23.69
N HIS G 170 10.90 46.51 23.20
CA HIS G 170 11.46 46.71 21.88
C HIS G 170 11.22 45.49 20.99
N PRO G 171 10.16 45.54 20.16
CA PRO G 171 9.77 44.45 19.26
C PRO G 171 10.55 44.45 17.95
N ILE G 172 10.87 43.26 17.46
CA ILE G 172 11.56 43.09 16.17
C ILE G 172 10.99 41.87 15.45
N VAL G 173 10.66 42.05 14.17
CA VAL G 173 10.20 40.91 13.38
C VAL G 173 11.33 40.44 12.48
N VAL G 174 11.71 39.18 12.63
CA VAL G 174 12.80 38.60 11.85
C VAL G 174 12.28 37.54 10.90
N VAL G 175 12.53 37.73 9.60
CA VAL G 175 12.09 36.78 8.60
C VAL G 175 13.18 36.42 7.61
N GLN G 176 12.95 35.36 6.85
CA GLN G 176 13.84 34.96 5.77
C GLN G 176 13.06 34.98 4.47
N PRO G 177 13.23 36.07 3.68
CA PRO G 177 12.51 36.27 2.42
C PRO G 177 12.64 35.11 1.44
N ASP G 178 13.76 34.41 1.48
CA ASP G 178 13.98 33.27 0.59
C ASP G 178 12.95 32.16 0.80
N ALA G 179 12.58 31.93 2.05
CA ALA G 179 11.69 30.83 2.41
C ALA G 179 10.27 31.01 1.86
N TRP G 180 9.91 32.26 1.61
CA TRP G 180 8.56 32.55 1.13
C TRP G 180 8.35 32.11 -0.31
N THR G 181 7.23 31.43 -0.55
CA THR G 181 6.88 31.00 -1.88
C THR G 181 5.44 31.32 -2.21
N GLU G 182 5.21 31.85 -3.40
CA GLU G 182 3.86 32.07 -3.88
C GLU G 182 3.29 33.33 -3.28
N ASP G 183 4.09 34.02 -2.48
CA ASP G 183 3.70 35.28 -1.92
C ASP G 183 4.91 36.10 -1.53
N ASN G 184 4.72 37.40 -1.41
CA ASN G 184 5.74 38.30 -0.85
C ASN G 184 5.26 38.99 0.43
N GLY G 185 4.53 38.24 1.25
CA GLY G 185 3.82 38.79 2.40
C GLY G 185 4.66 39.50 3.45
N PHE G 186 5.98 39.32 3.38
CA PHE G 186 6.88 39.94 4.35
C PHE G 186 6.91 41.46 4.15
N HIS G 187 6.36 41.92 3.04
CA HIS G 187 6.21 43.35 2.77
C HIS G 187 4.95 43.91 3.43
N ALA G 188 4.18 43.04 4.06
CA ALA G 188 2.88 43.41 4.61
C ALA G 188 2.85 43.34 6.13
N ILE G 189 3.96 42.94 6.74
CA ILE G 189 4.04 42.79 8.18
C ILE G 189 3.86 44.12 8.90
N GLY G 190 4.34 45.20 8.28
CA GLY G 190 4.18 46.53 8.84
C GLY G 190 2.72 46.93 8.99
N GLN G 191 1.86 46.29 8.22
CA GLN G 191 0.42 46.54 8.29
C GLN G 191 -0.24 45.83 9.46
N MET G 192 0.38 44.76 9.94
CA MET G 192 -0.20 43.95 11.01
C MET G 192 0.34 44.32 12.39
N CYS G 193 1.50 44.98 12.43
CA CYS G 193 2.08 45.38 13.70
C CYS G 193 3.00 46.58 13.53
N GLU G 194 3.32 47.23 14.66
CA GLU G 194 4.20 48.39 14.65
C GLU G 194 5.60 48.02 15.13
N ALA G 195 6.39 47.41 14.26
CA ALA G 195 7.72 46.94 14.62
C ALA G 195 8.62 46.81 13.39
N PRO G 196 9.93 46.99 13.58
CA PRO G 196 10.86 46.84 12.44
C PRO G 196 10.89 45.41 11.90
N VAL G 197 11.07 45.28 10.58
CA VAL G 197 11.16 43.97 9.95
C VAL G 197 12.53 43.78 9.29
N VAL G 198 13.27 42.78 9.75
CA VAL G 198 14.62 42.55 9.24
C VAL G 198 14.83 41.11 8.78
N THR G 199 15.85 40.91 7.96
CA THR G 199 16.17 39.59 7.45
C THR G 199 16.84 38.72 8.51
N ARG G 200 16.86 37.42 8.26
CA ARG G 200 17.54 36.49 9.16
C ARG G 200 19.03 36.80 9.22
N GLU G 201 19.54 37.36 8.13
CA GLU G 201 20.96 37.72 8.03
C GLU G 201 21.37 38.73 9.10
N TRP G 202 20.41 39.51 9.59
CA TRP G 202 20.69 40.45 10.66
C TRP G 202 21.08 39.70 11.92
N VAL G 203 20.31 38.68 12.26
CA VAL G 203 20.58 37.86 13.43
C VAL G 203 21.92 37.17 13.23
N LEU G 204 22.07 36.53 12.07
CA LEU G 204 23.28 35.79 11.74
C LEU G 204 24.53 36.66 11.82
N ASP G 205 24.47 37.86 11.25
CA ASP G 205 25.60 38.77 11.30
C ASP G 205 25.86 39.25 12.72
N SER G 206 24.79 39.57 13.45
CA SER G 206 24.92 40.06 14.83
C SER G 206 25.51 38.99 15.76
N VAL G 207 25.05 37.76 15.59
CA VAL G 207 25.53 36.65 16.41
C VAL G 207 27.00 36.32 16.14
N ALA G 208 27.35 36.26 14.85
CA ALA G 208 28.71 35.92 14.45
C ALA G 208 29.74 36.88 15.02
N LEU G 209 29.36 38.15 15.11
CA LEU G 209 30.24 39.18 15.66
C LEU G 209 30.01 39.37 17.16
N TYR G 210 28.95 38.77 17.67
CA TYR G 210 28.41 39.07 19.00
C TYR G 210 28.41 40.56 19.31
N GLN G 211 27.75 41.33 18.45
CA GLN G 211 27.50 42.73 18.69
C GLN G 211 26.22 43.12 17.92
N CYS G 212 25.31 43.77 18.62
CA CYS G 212 24.00 44.07 18.05
C CYS G 212 24.13 45.08 16.91
N GLN G 213 23.83 44.63 15.69
CA GLN G 213 23.96 45.48 14.51
C GLN G 213 22.78 46.45 14.38
N GLU G 214 23.02 47.57 13.71
CA GLU G 214 21.95 48.51 13.41
C GLU G 214 21.03 47.93 12.34
N LEU G 215 19.73 48.09 12.53
CA LEU G 215 18.73 47.50 11.64
C LEU G 215 18.72 48.12 10.24
N ASP G 216 19.29 49.32 10.13
CA ASP G 216 19.22 50.11 8.89
C ASP G 216 19.56 49.34 7.62
N THR G 217 20.68 48.64 7.61
CA THR G 217 21.15 47.94 6.42
C THR G 217 20.38 46.64 6.18
N TYR G 218 19.72 46.14 7.22
CA TYR G 218 19.00 44.87 7.13
C TYR G 218 17.49 45.08 6.99
N LEU G 219 17.07 46.34 6.93
CA LEU G 219 15.65 46.63 6.95
C LEU G 219 14.96 46.17 5.66
N ILE G 220 13.78 45.60 5.82
CA ILE G 220 12.99 45.13 4.69
C ILE G 220 11.91 46.15 4.33
N PRO G 221 11.89 46.59 3.07
CA PRO G 221 10.91 47.57 2.62
C PRO G 221 9.49 47.05 2.80
N GLN G 222 8.63 47.89 3.37
CA GLN G 222 7.25 47.52 3.63
C GLN G 222 6.32 48.24 2.68
N ILE G 223 5.05 47.84 2.67
CA ILE G 223 4.05 48.53 1.86
C ILE G 223 3.04 49.24 2.76
N PRO G 224 2.91 50.56 2.58
CA PRO G 224 2.00 51.41 3.37
C PRO G 224 0.54 51.04 3.16
N ARG H 14 11.67 12.66 23.62
CA ARG H 14 11.06 11.34 23.51
C ARG H 14 12.07 10.30 23.04
N MET H 15 12.31 10.23 21.73
CA MET H 15 13.19 9.21 21.18
C MET H 15 14.64 9.66 20.95
N SER H 16 15.59 8.87 21.46
CA SER H 16 17.02 9.09 21.23
C SER H 16 17.70 7.78 20.79
N MET H 17 18.64 7.87 19.84
CA MET H 17 19.31 6.65 19.40
C MET H 17 20.80 6.58 19.76
N VAL H 18 21.29 5.37 19.95
CA VAL H 18 22.73 5.09 19.97
C VAL H 18 23.05 3.91 19.05
N VAL H 19 24.27 3.87 18.53
CA VAL H 19 24.70 2.81 17.62
C VAL H 19 25.92 2.05 18.12
N SER H 20 26.12 0.84 17.61
CA SER H 20 27.26 0.00 18.03
C SER H 20 27.68 -1.00 16.95
N GLY H 21 28.98 -1.13 16.72
CA GLY H 21 29.51 -2.12 15.81
C GLY H 21 29.51 -1.73 14.35
N LEU H 22 29.25 -0.46 14.07
CA LEU H 22 29.14 0.03 12.71
C LEU H 22 30.43 0.55 12.08
N THR H 23 30.56 0.33 10.77
CA THR H 23 31.60 0.94 9.97
C THR H 23 31.31 2.44 9.89
N PRO H 24 32.34 3.26 9.59
CA PRO H 24 32.17 4.72 9.52
C PRO H 24 31.02 5.18 8.62
N GLU H 25 30.93 4.64 7.42
CA GLU H 25 29.94 5.05 6.43
C GLU H 25 28.49 4.88 6.89
N GLU H 26 28.25 3.84 7.67
CA GLU H 26 26.92 3.54 8.19
C GLU H 26 26.37 4.64 9.11
N PHE H 27 27.24 5.24 9.90
CA PHE H 27 26.85 6.30 10.82
C PHE H 27 26.24 7.50 10.08
N MET H 28 26.78 7.82 8.92
CA MET H 28 26.36 8.98 8.14
C MET H 28 24.92 8.87 7.65
N LEU H 29 24.51 7.65 7.33
CA LEU H 29 23.13 7.39 6.90
C LEU H 29 22.15 7.67 8.04
N VAL H 30 22.54 7.29 9.26
CA VAL H 30 21.74 7.55 10.45
C VAL H 30 21.72 9.05 10.71
N TYR H 31 22.84 9.69 10.45
CA TYR H 31 22.98 11.12 10.66
C TYR H 31 21.99 11.88 9.79
N LYS H 32 21.90 11.50 8.51
CA LYS H 32 20.97 12.13 7.60
C LYS H 32 19.52 11.93 8.07
N PHE H 33 19.21 10.72 8.55
CA PHE H 33 17.88 10.43 9.07
C PHE H 33 17.58 11.19 10.36
N ALA H 34 18.50 11.10 11.33
CA ALA H 34 18.33 11.73 12.62
C ALA H 34 18.30 13.26 12.54
N ARG H 35 19.16 13.83 11.69
CA ARG H 35 19.18 15.28 11.49
C ARG H 35 17.89 15.72 10.82
N LYS H 36 17.47 14.95 9.82
CA LYS H 36 16.27 15.27 9.06
C LYS H 36 15.03 15.22 9.94
N HIS H 37 14.94 14.24 10.82
CA HIS H 37 13.78 14.16 11.69
C HIS H 37 14.15 14.76 13.05
N HIS H 38 15.19 15.59 13.07
CA HIS H 38 15.66 16.29 14.28
C HIS H 38 15.63 15.39 15.53
N ILE H 39 16.05 14.15 15.37
CA ILE H 39 16.07 13.19 16.46
C ILE H 39 17.43 13.16 17.14
N THR H 40 17.41 13.12 18.47
CA THR H 40 18.66 13.08 19.24
C THR H 40 19.44 11.81 18.92
N LEU H 41 20.73 11.98 18.64
CA LEU H 41 21.60 10.87 18.29
C LEU H 41 22.96 11.05 18.97
N THR H 42 23.29 10.12 19.86
CA THR H 42 24.53 10.19 20.63
C THR H 42 25.42 8.96 20.42
N ASN H 43 26.69 9.06 20.84
CA ASN H 43 27.64 7.95 20.71
C ASN H 43 27.81 7.20 22.02
N LEU H 44 27.29 7.77 23.11
CA LEU H 44 27.32 7.13 24.41
C LEU H 44 25.91 6.94 24.91
N ILE H 45 25.63 5.77 25.47
CA ILE H 45 24.27 5.45 25.87
C ILE H 45 23.96 6.02 27.24
N THR H 46 22.80 6.67 27.34
CA THR H 46 22.37 7.32 28.56
C THR H 46 20.94 6.93 28.92
N GLU H 47 20.44 7.47 30.02
CA GLU H 47 19.09 7.22 30.51
C GLU H 47 18.01 7.72 29.55
N GLU H 48 18.33 8.79 28.82
CA GLU H 48 17.40 9.38 27.88
C GLU H 48 17.32 8.60 26.57
N THR H 49 18.35 7.80 26.29
CA THR H 49 18.38 6.98 25.08
C THR H 49 17.25 5.96 25.09
N THR H 50 16.52 5.89 23.99
CA THR H 50 15.37 5.01 23.88
C THR H 50 15.63 3.87 22.90
N HIS H 51 16.54 4.11 21.95
CA HIS H 51 16.84 3.12 20.93
C HIS H 51 18.32 2.76 20.92
N VAL H 52 18.60 1.46 20.82
CA VAL H 52 19.96 0.96 20.73
C VAL H 52 20.17 0.14 19.46
N VAL H 53 21.06 0.61 18.60
CA VAL H 53 21.28 -0.03 17.30
C VAL H 53 22.51 -0.95 17.26
N MET H 54 22.27 -2.24 17.08
CA MET H 54 23.34 -3.23 17.01
C MET H 54 23.56 -3.72 15.57
N LYS H 55 24.82 -3.96 15.21
CA LYS H 55 25.12 -4.57 13.92
C LYS H 55 24.89 -6.08 13.98
N THR H 56 24.04 -6.59 13.11
CA THR H 56 23.71 -8.00 13.12
C THR H 56 23.85 -8.66 11.75
N ASP H 57 23.72 -9.99 11.73
CA ASP H 57 23.64 -10.74 10.49
C ASP H 57 22.18 -10.92 10.06
N ALA H 58 21.97 -11.81 9.08
CA ALA H 58 20.63 -12.04 8.54
C ALA H 58 19.70 -12.66 9.58
N GLU H 59 20.27 -13.31 10.60
CA GLU H 59 19.47 -13.95 11.63
C GLU H 59 19.39 -13.12 12.90
N PHE H 60 19.78 -11.85 12.79
CA PHE H 60 19.68 -10.88 13.89
C PHE H 60 20.47 -11.35 15.11
N VAL H 61 21.72 -11.75 14.88
CA VAL H 61 22.60 -12.18 15.97
C VAL H 61 23.80 -11.24 16.07
N CYS H 62 24.05 -10.76 17.28
CA CYS H 62 25.09 -9.74 17.45
C CYS H 62 26.23 -10.18 18.37
N GLU H 63 27.21 -9.30 18.49
CA GLU H 63 28.30 -9.47 19.45
C GLU H 63 27.95 -8.82 20.79
N ARG H 64 28.66 -9.21 21.83
CA ARG H 64 28.46 -8.63 23.15
C ARG H 64 29.38 -7.45 23.43
N THR H 65 28.81 -6.24 23.45
CA THR H 65 29.55 -5.03 23.75
C THR H 65 29.05 -4.44 25.06
N LEU H 66 29.76 -3.43 25.58
CA LEU H 66 29.34 -2.77 26.81
C LEU H 66 27.97 -2.16 26.61
N LYS H 67 27.77 -1.56 25.44
CA LYS H 67 26.50 -0.92 25.11
C LYS H 67 25.38 -1.96 24.96
N TYR H 68 25.77 -3.17 24.56
CA TYR H 68 24.82 -4.28 24.44
C TYR H 68 24.23 -4.66 25.79
N PHE H 69 25.10 -4.87 26.77
CA PHE H 69 24.67 -5.21 28.12
C PHE H 69 23.87 -4.06 28.70
N LEU H 70 24.43 -2.85 28.59
CA LEU H 70 23.80 -1.66 29.15
C LEU H 70 22.46 -1.37 28.50
N GLY H 71 22.34 -1.70 27.22
CA GLY H 71 21.11 -1.50 26.49
C GLY H 71 19.97 -2.36 27.01
N ILE H 72 20.26 -3.62 27.26
CA ILE H 72 19.27 -4.58 27.76
C ILE H 72 18.84 -4.24 29.20
N ALA H 73 19.81 -3.91 30.04
CA ALA H 73 19.56 -3.64 31.46
C ALA H 73 18.51 -2.55 31.71
N GLY H 74 18.47 -1.56 30.84
CA GLY H 74 17.52 -0.46 30.98
C GLY H 74 16.18 -0.71 30.30
N GLY H 75 16.03 -1.90 29.72
CA GLY H 75 14.80 -2.26 29.05
C GLY H 75 14.51 -1.37 27.85
N LYS H 76 15.58 -0.87 27.23
CA LYS H 76 15.45 0.05 26.10
C LYS H 76 15.26 -0.74 24.83
N TRP H 77 14.81 -0.07 23.78
CA TRP H 77 14.57 -0.74 22.50
C TRP H 77 15.90 -1.12 21.85
N VAL H 78 16.12 -2.42 21.74
CA VAL H 78 17.33 -2.94 21.11
C VAL H 78 17.00 -3.56 19.76
N VAL H 79 17.38 -2.87 18.70
CA VAL H 79 17.00 -3.29 17.35
C VAL H 79 18.21 -3.48 16.45
N SER H 80 18.00 -4.20 15.35
CA SER H 80 19.06 -4.46 14.40
C SER H 80 19.26 -3.25 13.50
N TYR H 81 20.46 -3.12 12.95
CA TYR H 81 20.80 -2.00 12.06
C TYR H 81 19.92 -1.90 10.83
N PHE H 82 19.36 -3.04 10.39
CA PHE H 82 18.52 -3.08 9.21
C PHE H 82 17.19 -2.35 9.41
N TRP H 83 16.84 -2.08 10.66
CA TRP H 83 15.63 -1.34 11.01
C TRP H 83 15.62 0.08 10.43
N VAL H 84 16.79 0.69 10.40
CA VAL H 84 16.96 2.05 9.90
C VAL H 84 16.86 2.15 8.38
N THR H 85 17.64 1.32 7.68
CA THR H 85 17.77 1.40 6.23
C THR H 85 16.43 1.26 5.49
N GLN H 86 15.55 0.41 5.99
CA GLN H 86 14.24 0.21 5.38
C GLN H 86 13.29 1.37 5.67
N SER H 87 13.39 1.92 6.88
CA SER H 87 12.55 3.05 7.30
C SER H 87 12.79 4.30 6.47
N ILE H 88 14.03 4.49 6.04
CA ILE H 88 14.37 5.59 5.14
C ILE H 88 13.72 5.36 3.77
N LYS H 89 13.75 4.12 3.31
CA LYS H 89 13.17 3.72 2.03
C LYS H 89 11.68 4.01 1.92
N GLU H 90 10.96 3.94 3.05
CA GLU H 90 9.52 4.16 3.03
C GLU H 90 9.08 5.49 3.65
N ARG H 91 10.02 6.26 4.18
CA ARG H 91 9.73 7.57 4.79
C ARG H 91 8.66 7.47 5.89
N LYS H 92 8.56 6.30 6.50
CA LYS H 92 7.59 6.05 7.57
C LYS H 92 8.30 5.68 8.86
N MET H 93 7.50 5.45 9.91
CA MET H 93 8.02 4.93 11.18
C MET H 93 7.73 3.45 11.35
N LEU H 94 8.64 2.61 10.86
CA LEU H 94 8.44 1.18 10.91
C LEU H 94 8.48 0.60 12.33
N ASN H 95 7.93 -0.61 12.46
CA ASN H 95 7.82 -1.31 13.73
C ASN H 95 9.13 -1.98 14.17
N GLU H 96 9.53 -1.70 15.41
CA GLU H 96 10.81 -2.19 15.94
C GLU H 96 10.86 -3.72 16.06
N HIS H 97 9.81 -4.33 16.60
CA HIS H 97 9.76 -5.79 16.79
C HIS H 97 10.18 -6.61 15.57
N ASP H 98 9.87 -6.11 14.37
CA ASP H 98 10.23 -6.85 13.16
C ASP H 98 11.74 -6.85 12.94
N PHE H 99 12.44 -5.90 13.54
CA PHE H 99 13.89 -5.81 13.36
C PHE H 99 14.63 -5.90 14.70
N GLU H 100 13.94 -6.35 15.74
CA GLU H 100 14.54 -6.52 17.06
C GLU H 100 15.55 -7.67 17.03
N VAL H 101 16.71 -7.45 17.64
CA VAL H 101 17.75 -8.47 17.66
C VAL H 101 17.29 -9.66 18.49
N ARG H 102 17.61 -10.87 18.03
CA ARG H 102 17.04 -12.09 18.59
C ARG H 102 17.95 -12.78 19.59
N GLY H 103 19.26 -12.56 19.47
CA GLY H 103 20.21 -13.17 20.37
C GLY H 103 21.64 -12.71 20.17
N ASP H 104 22.57 -13.40 20.82
CA ASP H 104 23.99 -13.07 20.74
C ASP H 104 24.83 -14.33 20.55
N VAL H 105 26.11 -14.14 20.25
CA VAL H 105 26.99 -15.25 19.89
C VAL H 105 27.45 -16.09 21.08
N VAL H 106 26.94 -15.79 22.27
CA VAL H 106 27.37 -16.49 23.48
C VAL H 106 26.27 -17.33 24.13
N ASN H 107 25.11 -16.72 24.36
CA ASN H 107 24.07 -17.33 25.17
C ASN H 107 22.90 -17.94 24.40
N GLY H 108 22.95 -17.86 23.07
CA GLY H 108 21.91 -18.45 22.24
C GLY H 108 21.48 -17.54 21.11
N ARG H 109 21.14 -18.15 19.97
CA ARG H 109 20.81 -17.40 18.77
C ARG H 109 19.35 -16.96 18.77
N ASN H 110 18.58 -17.44 19.74
CA ASN H 110 17.17 -17.10 19.86
C ASN H 110 16.67 -17.20 21.31
N HIS H 111 17.44 -16.64 22.22
CA HIS H 111 17.09 -16.71 23.64
C HIS H 111 16.08 -15.63 24.03
N GLN H 112 15.73 -14.78 23.06
CA GLN H 112 14.70 -13.75 23.24
C GLN H 112 15.00 -12.79 24.38
N GLY H 113 16.28 -12.49 24.57
CA GLY H 113 16.72 -11.62 25.65
C GLY H 113 16.14 -10.21 25.67
N PRO H 114 16.35 -9.44 24.58
CA PRO H 114 15.80 -8.09 24.48
C PRO H 114 14.29 -8.03 24.66
N LYS H 115 13.58 -8.97 24.05
CA LYS H 115 12.14 -9.05 24.15
C LYS H 115 11.71 -9.30 25.59
N ARG H 116 12.37 -10.24 26.23
CA ARG H 116 12.07 -10.61 27.61
C ARG H 116 12.38 -9.48 28.58
N ALA H 117 13.41 -8.71 28.27
CA ALA H 117 13.82 -7.58 29.10
C ALA H 117 12.68 -6.58 29.22
N ARG H 118 12.01 -6.32 28.09
CA ARG H 118 10.86 -5.43 28.06
C ARG H 118 9.64 -6.00 28.80
N GLU H 119 9.45 -7.31 28.72
CA GLU H 119 8.21 -7.94 29.19
C GLU H 119 8.26 -8.41 30.65
N SER H 120 9.38 -8.15 31.32
CA SER H 120 9.57 -8.60 32.70
C SER H 120 10.16 -7.50 33.59
N GLN H 121 9.84 -6.25 33.27
CA GLN H 121 10.32 -5.11 34.04
C GLN H 121 9.70 -5.04 35.43
N ASP H 122 8.66 -5.82 35.65
CA ASP H 122 7.99 -5.86 36.93
C ASP H 122 8.71 -6.75 37.95
N ARG H 123 9.59 -7.61 37.46
CA ARG H 123 10.36 -8.50 38.31
C ARG H 123 11.82 -8.54 37.86
N LYS H 124 12.55 -7.45 38.09
CA LYS H 124 13.94 -7.35 37.64
C LYS H 124 14.82 -8.44 38.23
N ILE H 125 15.78 -8.90 37.45
CA ILE H 125 16.54 -10.11 37.75
C ILE H 125 17.47 -9.96 38.96
N PHE H 126 17.91 -8.74 39.24
CA PHE H 126 18.85 -8.52 40.34
C PHE H 126 18.16 -7.85 41.53
N ARG H 127 16.83 -7.98 41.56
CA ARG H 127 16.01 -7.44 42.66
C ARG H 127 16.33 -8.10 44.01
N GLY H 128 16.64 -7.28 45.01
CA GLY H 128 16.90 -7.79 46.34
C GLY H 128 18.32 -8.28 46.50
N LEU H 129 19.18 -7.91 45.56
CA LEU H 129 20.57 -8.34 45.60
C LEU H 129 21.50 -7.16 45.85
N GLU H 130 22.55 -7.39 46.63
CA GLU H 130 23.58 -6.39 46.84
C GLU H 130 24.91 -6.84 46.23
N ILE H 131 25.36 -6.11 45.22
CA ILE H 131 26.54 -6.51 44.45
C ILE H 131 27.73 -5.56 44.67
N CYS H 132 28.88 -6.15 44.98
CA CYS H 132 30.13 -5.40 45.07
C CYS H 132 31.06 -5.76 43.93
N CYS H 133 31.33 -4.80 43.06
CA CYS H 133 32.28 -5.01 41.98
C CYS H 133 33.70 -4.76 42.47
N TYR H 134 34.35 -5.83 42.88
CA TYR H 134 35.68 -5.76 43.47
C TYR H 134 36.76 -5.83 42.38
N GLY H 135 37.39 -4.69 42.14
CA GLY H 135 38.35 -4.57 41.04
C GLY H 135 39.52 -5.52 41.14
N PRO H 136 40.35 -5.57 40.09
CA PRO H 136 40.22 -4.73 38.89
C PRO H 136 39.35 -5.34 37.81
N PHE H 137 39.17 -4.58 36.73
CA PHE H 137 38.37 -5.04 35.59
C PHE H 137 38.99 -4.58 34.28
N THR H 138 38.74 -5.30 33.19
CA THR H 138 39.28 -4.94 31.88
C THR H 138 38.17 -4.73 30.84
N ASN H 139 38.43 -3.82 29.90
CA ASN H 139 37.52 -3.56 28.78
C ASN H 139 36.13 -3.08 29.20
N MET H 140 36.00 -2.77 30.48
CA MET H 140 34.74 -2.30 31.05
C MET H 140 35.01 -1.54 32.33
N PRO H 141 34.80 -0.22 32.31
CA PRO H 141 35.00 0.62 33.50
C PRO H 141 34.23 0.05 34.68
N THR H 142 34.83 0.13 35.87
CA THR H 142 34.21 -0.41 37.08
C THR H 142 32.87 0.27 37.35
N ASP H 143 32.83 1.59 37.16
CA ASP H 143 31.62 2.35 37.42
C ASP H 143 30.53 2.05 36.40
N GLN H 144 30.92 1.49 35.26
CA GLN H 144 29.95 1.12 34.23
C GLN H 144 29.31 -0.22 34.55
N LEU H 145 30.12 -1.13 35.09
CA LEU H 145 29.62 -2.42 35.55
C LEU H 145 28.68 -2.23 36.72
N GLU H 146 29.02 -1.29 37.59
CA GLU H 146 28.18 -0.92 38.72
C GLU H 146 26.85 -0.36 38.23
N TRP H 147 26.93 0.48 37.21
CA TRP H 147 25.73 1.07 36.61
C TRP H 147 24.83 -0.01 36.00
N MET H 148 25.47 -1.03 35.43
CA MET H 148 24.73 -2.12 34.81
C MET H 148 23.83 -2.84 35.79
N VAL H 149 24.41 -3.26 36.91
CA VAL H 149 23.65 -3.98 37.92
C VAL H 149 22.68 -3.02 38.64
N GLN H 150 23.06 -1.74 38.69
CA GLN H 150 22.16 -0.71 39.22
C GLN H 150 20.89 -0.64 38.38
N LEU H 151 21.06 -0.67 37.06
CA LEU H 151 19.94 -0.62 36.13
C LEU H 151 19.04 -1.84 36.28
N CYS H 152 19.57 -2.92 36.85
CA CYS H 152 18.80 -4.14 37.04
C CYS H 152 18.26 -4.25 38.46
N GLY H 153 18.40 -3.20 39.25
CA GLY H 153 17.80 -3.14 40.56
C GLY H 153 18.70 -3.57 41.69
N ALA H 154 19.94 -3.93 41.37
CA ALA H 154 20.88 -4.35 42.39
C ALA H 154 21.44 -3.14 43.13
N SER H 155 21.89 -3.37 44.36
CA SER H 155 22.52 -2.33 45.16
C SER H 155 24.04 -2.47 45.14
N VAL H 156 24.73 -1.44 44.64
CA VAL H 156 26.17 -1.48 44.50
C VAL H 156 26.88 -1.15 45.82
N VAL H 157 27.86 -1.97 46.17
CA VAL H 157 28.65 -1.75 47.37
C VAL H 157 30.11 -1.56 46.96
N LYS H 158 30.70 -0.45 47.38
CA LYS H 158 32.02 -0.06 46.91
C LYS H 158 33.17 -0.84 47.56
N GLU H 159 33.04 -1.15 48.85
CA GLU H 159 34.09 -1.87 49.56
C GLU H 159 33.53 -3.08 50.30
N LEU H 160 34.37 -4.10 50.48
CA LEU H 160 33.95 -5.38 51.07
C LEU H 160 33.35 -5.27 52.48
N SER H 161 33.86 -4.34 53.28
CA SER H 161 33.38 -4.17 54.65
C SER H 161 32.00 -3.53 54.70
N SER H 162 31.57 -2.96 53.59
CA SER H 162 30.34 -2.15 53.54
C SER H 162 29.06 -2.95 53.28
N PHE H 163 29.17 -4.28 53.27
CA PHE H 163 27.99 -5.12 53.02
C PHE H 163 26.91 -4.99 54.10
N THR H 164 25.66 -4.88 53.66
CA THR H 164 24.51 -4.81 54.56
C THR H 164 24.24 -6.17 55.19
N LEU H 165 23.98 -6.17 56.50
CA LEU H 165 23.68 -7.40 57.23
C LEU H 165 22.17 -7.64 57.44
N GLY H 166 21.77 -8.90 57.32
CA GLY H 166 20.38 -9.29 57.45
C GLY H 166 20.10 -10.59 56.72
N THR H 167 19.02 -11.28 57.09
CA THR H 167 18.67 -12.54 56.44
C THR H 167 18.07 -12.31 55.05
N GLY H 168 17.41 -11.17 54.89
CA GLY H 168 16.73 -10.85 53.65
C GLY H 168 17.68 -10.28 52.61
N VAL H 169 18.84 -9.83 53.06
CA VAL H 169 19.83 -9.22 52.17
C VAL H 169 20.72 -10.29 51.58
N HIS H 170 21.00 -10.18 50.29
CA HIS H 170 21.87 -11.14 49.62
C HIS H 170 23.11 -10.48 49.04
N PRO H 171 24.24 -10.57 49.76
CA PRO H 171 25.48 -9.97 49.28
C PRO H 171 26.19 -10.90 48.28
N ILE H 172 26.77 -10.32 47.23
CA ILE H 172 27.52 -11.06 46.23
C ILE H 172 28.73 -10.27 45.78
N VAL H 173 29.89 -10.92 45.76
CA VAL H 173 31.11 -10.28 45.29
C VAL H 173 31.42 -10.72 43.86
N VAL H 174 31.51 -9.74 42.96
CA VAL H 174 31.78 -10.02 41.56
C VAL H 174 33.16 -9.52 41.15
N VAL H 175 34.00 -10.43 40.66
CA VAL H 175 35.34 -10.04 40.23
C VAL H 175 35.69 -10.61 38.87
N GLN H 176 36.75 -10.07 38.26
CA GLN H 176 37.27 -10.58 37.00
C GLN H 176 38.72 -11.04 37.17
N PRO H 177 38.93 -12.36 37.34
CA PRO H 177 40.23 -12.97 37.60
C PRO H 177 41.32 -12.60 36.60
N ASP H 178 40.92 -12.33 35.36
CA ASP H 178 41.85 -11.95 34.30
C ASP H 178 42.62 -10.66 34.63
N ALA H 179 41.92 -9.72 35.25
CA ALA H 179 42.48 -8.40 35.53
C ALA H 179 43.57 -8.45 36.60
N TRP H 180 43.51 -9.47 37.44
CA TRP H 180 44.49 -9.57 38.50
C TRP H 180 45.83 -9.95 37.92
N THR H 181 46.86 -9.21 38.31
CA THR H 181 48.22 -9.55 37.95
C THR H 181 49.09 -9.44 39.19
N GLU H 182 50.00 -10.39 39.35
CA GLU H 182 50.95 -10.35 40.44
C GLU H 182 50.30 -10.81 41.73
N ASP H 183 49.06 -11.25 41.65
CA ASP H 183 48.37 -11.81 42.80
C ASP H 183 47.27 -12.73 42.37
N ASN H 184 46.87 -13.63 43.26
CA ASN H 184 45.69 -14.47 43.06
C ASN H 184 44.64 -14.22 44.16
N GLY H 185 44.53 -12.96 44.57
CA GLY H 185 43.76 -12.58 45.74
C GLY H 185 42.27 -12.90 45.74
N PHE H 186 41.71 -13.24 44.58
CA PHE H 186 40.30 -13.56 44.51
C PHE H 186 39.98 -14.87 45.23
N HIS H 187 41.02 -15.61 45.59
CA HIS H 187 40.85 -16.80 46.42
C HIS H 187 40.79 -16.43 47.90
N ALA H 188 41.00 -15.15 48.21
CA ALA H 188 41.11 -14.71 49.60
C ALA H 188 39.96 -13.79 50.02
N ILE H 189 39.07 -13.48 49.09
CA ILE H 189 37.94 -12.61 49.37
C ILE H 189 37.01 -13.27 50.38
N GLY H 190 36.91 -14.60 50.32
CA GLY H 190 36.10 -15.35 51.26
C GLY H 190 36.56 -15.20 52.70
N GLN H 191 37.82 -14.83 52.88
CA GLN H 191 38.41 -14.60 54.20
C GLN H 191 38.03 -13.25 54.79
N MET H 192 37.62 -12.31 53.93
CA MET H 192 37.33 -10.95 54.36
C MET H 192 35.85 -10.72 54.66
N CYS H 193 34.99 -11.59 54.14
CA CYS H 193 33.56 -11.49 54.38
C CYS H 193 32.84 -12.81 54.19
N GLU H 194 31.60 -12.88 54.67
CA GLU H 194 30.78 -14.08 54.53
C GLU H 194 29.76 -13.89 53.41
N ALA H 195 30.24 -14.04 52.17
CA ALA H 195 29.41 -13.82 50.99
C ALA H 195 29.95 -14.60 49.79
N PRO H 196 29.05 -14.99 48.86
CA PRO H 196 29.45 -15.72 47.64
C PRO H 196 30.35 -14.90 46.72
N VAL H 197 31.29 -15.58 46.07
CA VAL H 197 32.20 -14.93 45.11
C VAL H 197 32.02 -15.50 43.70
N VAL H 198 31.63 -14.65 42.75
CA VAL H 198 31.38 -15.09 41.37
C VAL H 198 32.11 -14.23 40.34
N THR H 199 32.26 -14.76 39.13
CA THR H 199 32.89 -14.04 38.03
C THR H 199 31.98 -12.99 37.42
N ARG H 200 32.56 -12.08 36.65
CA ARG H 200 31.79 -11.05 35.95
C ARG H 200 30.84 -11.68 34.92
N GLU H 201 31.20 -12.85 34.42
CA GLU H 201 30.39 -13.56 33.43
C GLU H 201 28.98 -13.89 33.91
N TRP H 202 28.80 -13.97 35.23
CA TRP H 202 27.48 -14.20 35.79
C TRP H 202 26.53 -13.03 35.50
N VAL H 203 27.02 -11.82 35.73
CA VAL H 203 26.25 -10.62 35.48
C VAL H 203 25.93 -10.51 34.00
N LEU H 204 26.96 -10.61 33.18
CA LEU H 204 26.83 -10.46 31.73
C LEU H 204 25.82 -11.44 31.14
N ASP H 205 25.92 -12.70 31.54
CA ASP H 205 25.00 -13.74 31.07
C ASP H 205 23.57 -13.53 31.59
N SER H 206 23.46 -13.16 32.86
CA SER H 206 22.15 -12.96 33.49
C SER H 206 21.40 -11.83 32.80
N VAL H 207 22.11 -10.77 32.47
CA VAL H 207 21.52 -9.63 31.80
C VAL H 207 21.07 -10.02 30.39
N ALA H 208 21.95 -10.69 29.66
CA ALA H 208 21.70 -11.09 28.28
C ALA H 208 20.45 -11.96 28.15
N LEU H 209 20.23 -12.83 29.12
CA LEU H 209 19.07 -13.72 29.12
C LEU H 209 17.90 -13.09 29.86
N TYR H 210 18.19 -12.02 30.59
CA TYR H 210 17.28 -11.48 31.59
C TYR H 210 16.59 -12.56 32.40
N GLN H 211 17.40 -13.42 33.01
CA GLN H 211 16.91 -14.40 33.97
C GLN H 211 18.06 -14.76 34.90
N CYS H 212 17.79 -14.73 36.21
CA CYS H 212 18.84 -14.92 37.20
C CYS H 212 19.39 -16.34 37.16
N GLN H 213 20.65 -16.45 36.74
CA GLN H 213 21.32 -17.75 36.63
C GLN H 213 21.80 -18.26 37.98
N GLU H 214 21.98 -19.57 38.08
CA GLU H 214 22.52 -20.17 39.30
C GLU H 214 23.99 -19.79 39.47
N LEU H 215 24.36 -19.44 40.70
CA LEU H 215 25.72 -19.00 40.99
C LEU H 215 26.70 -20.16 40.90
N ASP H 216 26.19 -21.39 40.98
CA ASP H 216 27.01 -22.60 41.05
C ASP H 216 28.11 -22.64 40.00
N THR H 217 27.73 -22.44 38.75
CA THR H 217 28.67 -22.55 37.63
C THR H 217 29.59 -21.34 37.49
N TYR H 218 29.20 -20.21 38.06
CA TYR H 218 30.01 -18.99 37.94
C TYR H 218 30.80 -18.76 39.22
N LEU H 219 30.66 -19.67 40.16
CA LEU H 219 31.25 -19.53 41.48
C LEU H 219 32.77 -19.65 41.42
N ILE H 220 33.46 -18.79 42.14
CA ILE H 220 34.92 -18.86 42.23
C ILE H 220 35.39 -19.49 43.53
N PRO H 221 36.17 -20.58 43.44
CA PRO H 221 36.68 -21.20 44.66
C PRO H 221 37.60 -20.26 45.42
N GLN H 222 37.37 -20.08 46.71
CA GLN H 222 38.25 -19.25 47.52
C GLN H 222 39.05 -20.19 48.41
N ILE H 223 40.14 -19.72 49.00
CA ILE H 223 40.86 -20.59 49.93
C ILE H 223 40.88 -20.07 51.36
N PRO H 224 40.35 -20.88 52.29
CA PRO H 224 40.37 -20.54 53.71
C PRO H 224 41.79 -20.54 54.28
N GLY I 3 3.05 10.40 -1.32
CA GLY I 3 3.90 11.20 -0.44
C GLY I 3 3.45 11.16 1.01
N GLU I 4 2.96 12.30 1.51
CA GLU I 4 2.55 12.42 2.90
C GLU I 4 1.40 11.46 3.25
N TYR I 5 1.39 10.99 4.49
CA TYR I 5 0.32 10.13 4.97
C TYR I 5 -0.42 10.77 6.13
N ARG I 7 -2.40 10.50 8.96
CA ARG I 7 -2.72 9.29 9.71
C ARG I 7 -4.22 9.26 9.90
N PRO I 9 -7.38 9.42 11.98
CA PRO I 9 -7.69 9.96 13.30
C PRO I 9 -8.08 8.87 14.30
N THR I 10 -7.35 8.78 15.41
CA THR I 10 -7.64 7.77 16.44
C THR I 10 -8.12 8.42 17.72
N PHE I 11 -9.07 7.78 18.39
CA PHE I 11 -9.65 8.33 19.61
C PHE I 11 -9.43 7.43 20.83
N GLY J 3 4.80 -12.94 -7.85
CA GLY J 3 3.76 -12.00 -8.23
C GLY J 3 2.53 -12.70 -8.79
N GLU J 4 1.36 -12.16 -8.47
CA GLU J 4 0.10 -12.69 -8.99
C GLU J 4 -0.85 -11.57 -9.38
N TYR J 5 -0.39 -10.34 -9.24
CA TYR J 5 -1.16 -9.20 -9.72
C TYR J 5 -1.22 -9.23 -11.24
N ARG J 7 -2.58 -7.53 -14.52
CA ARG J 7 -3.16 -6.32 -15.07
C ARG J 7 -4.52 -6.65 -15.64
N PRO J 9 -7.75 -7.24 -17.79
CA PRO J 9 -7.85 -7.70 -19.17
C PRO J 9 -8.00 -6.58 -20.20
N THR J 10 -7.16 -6.62 -21.22
CA THR J 10 -7.19 -5.65 -22.30
C THR J 10 -7.96 -6.22 -23.49
N PHE J 11 -8.44 -5.33 -24.37
CA PHE J 11 -9.25 -5.77 -25.49
C PHE J 11 -8.84 -5.14 -26.82
N GLY K 3 4.27 -36.22 -66.12
CA GLY K 3 2.83 -36.07 -66.18
C GLY K 3 2.39 -34.67 -66.56
N GLU K 4 1.16 -34.31 -66.20
CA GLU K 4 0.62 -32.99 -66.51
C GLU K 4 -0.05 -32.39 -65.28
N TYR K 5 0.75 -31.73 -64.45
CA TYR K 5 0.20 -31.04 -63.30
C TYR K 5 0.83 -29.67 -63.16
N ARG K 7 1.70 -27.04 -60.23
CA ARG K 7 1.74 -26.58 -58.86
C ARG K 7 1.36 -25.10 -58.84
N PRO K 9 1.78 -21.31 -58.19
CA PRO K 9 2.94 -20.43 -58.19
C PRO K 9 3.17 -19.76 -56.84
N THR K 10 4.39 -19.88 -56.33
CA THR K 10 4.74 -19.32 -55.02
C THR K 10 5.75 -18.18 -55.16
N PHE K 11 5.28 -16.96 -54.95
CA PHE K 11 6.14 -15.78 -55.07
C PHE K 11 7.05 -15.61 -53.85
N GLU L 4 51.76 1.89 -67.27
CA GLU L 4 51.39 2.15 -65.89
C GLU L 4 49.87 2.15 -65.74
N TYR L 5 49.24 1.08 -66.22
CA TYR L 5 47.79 0.89 -66.10
C TYR L 5 47.18 0.73 -64.71
N ARG L 7 45.66 -1.92 -62.87
CA ARG L 7 44.32 -2.50 -62.91
C ARG L 7 43.83 -2.77 -61.50
N PRO L 9 42.67 -4.19 -58.08
CA PRO L 9 43.17 -5.34 -57.29
C PRO L 9 42.14 -6.46 -57.15
N THR L 10 42.59 -7.69 -57.35
CA THR L 10 41.71 -8.85 -57.24
C THR L 10 42.07 -9.67 -56.01
N PHE L 11 41.05 -10.05 -55.23
CA PHE L 11 41.27 -10.83 -54.02
C PHE L 11 40.83 -12.28 -54.22
N GLU M 4 -18.60 -35.10 34.85
CA GLU M 4 -18.57 -34.24 33.68
C GLU M 4 -19.95 -34.20 33.02
N TYR M 5 -20.83 -33.39 33.58
CA TYR M 5 -22.19 -33.26 33.08
C TYR M 5 -22.34 -32.00 32.22
N ARG M 7 -24.48 -29.81 30.38
CA ARG M 7 -25.90 -29.56 30.23
C ARG M 7 -26.20 -29.26 28.77
N PRO M 9 -26.86 -27.75 25.40
CA PRO M 9 -26.41 -26.44 24.88
C PRO M 9 -27.57 -25.46 24.72
N THR M 10 -27.24 -24.18 24.70
CA THR M 10 -28.25 -23.14 24.59
C THR M 10 -27.92 -22.15 23.48
N PHE M 11 -28.95 -21.49 22.97
CA PHE M 11 -28.80 -20.53 21.88
C PHE M 11 -29.55 -19.23 22.14
N TYR N 5 -2.15 35.16 58.34
CA TYR N 5 -2.79 34.62 57.13
C TYR N 5 -2.77 33.10 57.14
N ARG N 7 -1.42 31.18 55.02
CA ARG N 7 -1.09 30.69 53.68
C ARG N 7 -1.81 29.40 53.32
N PRO N 9 -0.53 25.17 53.52
CA PRO N 9 0.52 24.16 53.71
C PRO N 9 0.93 23.45 52.43
N THR N 10 2.24 23.30 52.23
CA THR N 10 2.78 22.73 51.00
C THR N 10 3.44 21.38 51.25
N PHE N 11 3.24 20.46 50.31
CA PHE N 11 3.74 19.10 50.45
C PHE N 11 4.66 18.71 49.29
N TYR O 5 27.29 12.87 0.04
CA TYR O 5 26.51 12.93 1.26
C TYR O 5 25.83 14.28 1.41
N ARG O 7 25.76 17.80 3.24
CA ARG O 7 26.61 18.72 4.01
C ARG O 7 25.79 19.74 4.79
N PRO O 9 24.14 22.93 6.65
CA PRO O 9 23.73 24.24 6.13
C PRO O 9 24.80 25.33 6.31
N THR O 10 25.27 25.88 5.20
CA THR O 10 26.27 26.94 5.23
C THR O 10 25.73 28.23 4.60
N PHE O 11 25.92 29.35 5.30
CA PHE O 11 25.43 30.63 4.83
C PHE O 11 26.58 31.60 4.57
N TYR P 5 43.32 2.75 14.99
CA TYR P 5 41.87 2.60 15.08
C TYR P 5 41.47 1.73 16.27
N ARG P 7 38.35 -0.25 17.78
CA ARG P 7 37.02 -0.81 17.63
C ARG P 7 36.38 -1.05 18.99
N PRO P 9 34.52 -2.88 22.19
CA PRO P 9 34.93 -4.11 22.87
C PRO P 9 33.99 -5.30 22.67
N THR P 10 34.50 -6.38 22.10
CA THR P 10 33.75 -7.62 21.98
C THR P 10 33.87 -8.43 23.27
N PHE P 11 32.76 -8.92 23.79
CA PHE P 11 32.79 -9.71 25.02
C PHE P 11 32.32 -11.14 24.80
#